data_7BLB
# 
_entry.id   7BLB 
# 
_audit_conform.dict_name       mmcif_pdbx.dic 
_audit_conform.dict_version    5.403 
_audit_conform.dict_location   http://mmcif.pdb.org/dictionaries/ascii/mmcif_pdbx.dic 
# 
loop_
_database_2.database_id 
_database_2.database_code 
_database_2.pdbx_database_accession 
_database_2.pdbx_DOI 
PDB   7BLB         pdb_00007blb 10.2210/pdb7blb/pdb 
WWPDB D_1292113345 ?            ?                   
# 
loop_
_pdbx_audit_revision_history.ordinal 
_pdbx_audit_revision_history.data_content_type 
_pdbx_audit_revision_history.major_revision 
_pdbx_audit_revision_history.minor_revision 
_pdbx_audit_revision_history.revision_date 
_pdbx_audit_revision_history.part_number 
1 'Structure model' 1 0 2022-03-02 ? 
2 'Structure model' 1 1 2024-01-31 ? 
3 'Structure model' 1 2 2025-03-26 ? 
# 
_pdbx_audit_revision_details.ordinal             1 
_pdbx_audit_revision_details.revision_ordinal    1 
_pdbx_audit_revision_details.data_content_type   'Structure model' 
_pdbx_audit_revision_details.provider            repository 
_pdbx_audit_revision_details.type                'Initial release' 
_pdbx_audit_revision_details.description         ? 
_pdbx_audit_revision_details.details             ? 
# 
loop_
_pdbx_audit_revision_group.ordinal 
_pdbx_audit_revision_group.revision_ordinal 
_pdbx_audit_revision_group.data_content_type 
_pdbx_audit_revision_group.group 
1 2 'Structure model' 'Data collection'        
2 2 'Structure model' 'Refinement description' 
3 3 'Structure model' 'Database references'    
4 3 'Structure model' 'Structure summary'      
# 
loop_
_pdbx_audit_revision_category.ordinal 
_pdbx_audit_revision_category.revision_ordinal 
_pdbx_audit_revision_category.data_content_type 
_pdbx_audit_revision_category.category 
1 2 'Structure model' chem_comp_atom                
2 2 'Structure model' chem_comp_bond                
3 2 'Structure model' pdbx_initial_refinement_model 
4 3 'Structure model' citation                      
5 3 'Structure model' citation_author               
6 3 'Structure model' pdbx_entry_details            
# 
loop_
_pdbx_audit_revision_item.ordinal 
_pdbx_audit_revision_item.revision_ordinal 
_pdbx_audit_revision_item.data_content_type 
_pdbx_audit_revision_item.item 
1  3 'Structure model' '_citation.country'                            
2  3 'Structure model' '_citation.journal_abbrev'                     
3  3 'Structure model' '_citation.journal_id_ASTM'                    
4  3 'Structure model' '_citation.journal_id_CSD'                     
5  3 'Structure model' '_citation.journal_id_ISSN'                    
6  3 'Structure model' '_citation.journal_volume'                     
7  3 'Structure model' '_citation.page_first'                         
8  3 'Structure model' '_citation.page_last'                          
9  3 'Structure model' '_citation.pdbx_database_id_DOI'               
10 3 'Structure model' '_citation.pdbx_database_id_PubMed'            
11 3 'Structure model' '_citation.title'                              
12 3 'Structure model' '_citation.year'                               
13 3 'Structure model' '_pdbx_entry_details.has_protein_modification' 
# 
_pdbx_database_status.status_code                     REL 
_pdbx_database_status.status_code_sf                  REL 
_pdbx_database_status.status_code_mr                  ? 
_pdbx_database_status.entry_id                        7BLB 
_pdbx_database_status.recvd_initial_deposition_date   2021-01-18 
_pdbx_database_status.SG_entry                        N 
_pdbx_database_status.deposit_site                    PDBE 
_pdbx_database_status.process_site                    PDBE 
_pdbx_database_status.status_code_cs                  ? 
_pdbx_database_status.status_code_nmr_data            ? 
_pdbx_database_status.methods_development_category    ? 
_pdbx_database_status.pdb_format_compatible           Y 
# 
loop_
_pdbx_database_related.db_name 
_pdbx_database_related.details 
_pdbx_database_related.db_id 
_pdbx_database_related.content_type 
PDB '5MLJ contains the same chemical probe complexed with a different bromodomain' 5MLJ unspecified 
PDB '7K6R contains the same chemical probe complexed with a different bromodomain' 7K6R unspecified 
PDB '7BL8 contains the same protein complexed with a different chemical probe.'    7BL8 unspecified 
PDB '7BL9 contains the same protein complexed with a different chemical probe.'    7BL9 unspecified 
PDB '7BLA contains the same protein complexed with a different chemical probe.'    7BLA unspecified 
# 
loop_
_audit_author.name 
_audit_author.pdbx_ordinal 
_audit_author.identifier_ORCID 
'Dalle Vedove, A.' 1 ? 
'Cazzanelli, G.'   2 ? 
'Caflisch, A.'     3 ? 
'Lolli, G.'        4 ? 
# 
_citation.abstract                  ? 
_citation.abstract_id_CAS           ? 
_citation.book_id_ISBN              ? 
_citation.book_publisher            ? 
_citation.book_publisher_city       ? 
_citation.book_title                ? 
_citation.coordinate_linkage        ? 
_citation.country                   US 
_citation.database_id_Medline       ? 
_citation.details                   ? 
_citation.id                        primary 
_citation.journal_abbrev            'Protein Sci.' 
_citation.journal_id_ASTM           PRCIEI 
_citation.journal_id_CSD            0795 
_citation.journal_id_ISSN           1469-896X 
_citation.journal_full              ? 
_citation.journal_issue             ? 
_citation.journal_volume            32 
_citation.language                  ? 
_citation.page_first                e4752 
_citation.page_last                 e4752 
_citation.title                     'Reevaluation of bromodomain ligands targeting BAZ2A.' 
_citation.year                      2023 
_citation.database_id_CSD           ? 
_citation.pdbx_database_id_DOI      10.1002/pro.4752 
_citation.pdbx_database_id_PubMed   37574751 
_citation.unpublished_flag          ? 
# 
loop_
_citation_author.citation_id 
_citation_author.name 
_citation_author.ordinal 
_citation_author.identifier_ORCID 
primary 'Cazzanelli, G.'   1 ?                   
primary 'Vedove, A.D.'     2 ?                   
primary 'Parolin, E.'      3 ?                   
primary 
;D'Agostino, V.G.
;
4 ?                   
primary 'Unzue, A.'        5 ?                   
primary 'Nevado, C.'       6 ?                   
primary 'Caflisch, A.'     7 ?                   
primary 'Lolli, G.'        8 0000-0002-8536-5599 
# 
loop_
_entity.id 
_entity.type 
_entity.src_method 
_entity.pdbx_description 
_entity.formula_weight 
_entity.pdbx_number_of_molecules 
_entity.pdbx_ec 
_entity.pdbx_mutation 
_entity.pdbx_fragment 
_entity.details 
1 polymer     man 'Bromodomain adjacent to zinc finger domain protein 2A'                                     12363.872 1  ? 
'E1845H L1848S' 'Bromodomain (residues 1796-1899)' 'First two residues SM derive from the expression tag' 
2 non-polymer syn '4-bromo-2-methyl-5-[[(3~{R},5~{R})-1-methyl-5-phenyl-piperidin-3-yl]amino]pyridazin-3-one' 377.279   1  ? ? ? ? 
3 water       nat water                                                                                       18.015    62 ? ? ? ? 
# 
_entity_name_com.entity_id   1 
_entity_name_com.name        'Transcription termination factor I-interacting protein 5,Tip5,hWALp3' 
# 
_entity_poly.entity_id                      1 
_entity_poly.type                           'polypeptide(L)' 
_entity_poly.nstd_linkage                   no 
_entity_poly.nstd_monomer                   no 
_entity_poly.pdbx_seq_one_letter_code       
;SMHSDLTFCEIILMEMESHDAAWPFLEPVNPRLVSGYRRIIKNPMDFSTMRHRLSRGGYTSSEEFAADALLVFDNCQTFN
EDDSEVGKAGHIMRRFFESRWEEFY
;
_entity_poly.pdbx_seq_one_letter_code_can   
;SMHSDLTFCEIILMEMESHDAAWPFLEPVNPRLVSGYRRIIKNPMDFSTMRHRLSRGGYTSSEEFAADALLVFDNCQTFN
EDDSEVGKAGHIMRRFFESRWEEFY
;
_entity_poly.pdbx_strand_id                 A 
_entity_poly.pdbx_target_identifier         ? 
# 
loop_
_pdbx_entity_nonpoly.entity_id 
_pdbx_entity_nonpoly.name 
_pdbx_entity_nonpoly.comp_id 
2 '4-bromo-2-methyl-5-[[(3~{R},5~{R})-1-methyl-5-phenyl-piperidin-3-yl]amino]pyridazin-3-one' 9ST 
3 water                                                                                       HOH 
# 
loop_
_entity_poly_seq.entity_id 
_entity_poly_seq.num 
_entity_poly_seq.mon_id 
_entity_poly_seq.hetero 
1 1   SER n 
1 2   MET n 
1 3   HIS n 
1 4   SER n 
1 5   ASP n 
1 6   LEU n 
1 7   THR n 
1 8   PHE n 
1 9   CYS n 
1 10  GLU n 
1 11  ILE n 
1 12  ILE n 
1 13  LEU n 
1 14  MET n 
1 15  GLU n 
1 16  MET n 
1 17  GLU n 
1 18  SER n 
1 19  HIS n 
1 20  ASP n 
1 21  ALA n 
1 22  ALA n 
1 23  TRP n 
1 24  PRO n 
1 25  PHE n 
1 26  LEU n 
1 27  GLU n 
1 28  PRO n 
1 29  VAL n 
1 30  ASN n 
1 31  PRO n 
1 32  ARG n 
1 33  LEU n 
1 34  VAL n 
1 35  SER n 
1 36  GLY n 
1 37  TYR n 
1 38  ARG n 
1 39  ARG n 
1 40  ILE n 
1 41  ILE n 
1 42  LYS n 
1 43  ASN n 
1 44  PRO n 
1 45  MET n 
1 46  ASP n 
1 47  PHE n 
1 48  SER n 
1 49  THR n 
1 50  MET n 
1 51  ARG n 
1 52  HIS n 
1 53  ARG n 
1 54  LEU n 
1 55  SER n 
1 56  ARG n 
1 57  GLY n 
1 58  GLY n 
1 59  TYR n 
1 60  THR n 
1 61  SER n 
1 62  SER n 
1 63  GLU n 
1 64  GLU n 
1 65  PHE n 
1 66  ALA n 
1 67  ALA n 
1 68  ASP n 
1 69  ALA n 
1 70  LEU n 
1 71  LEU n 
1 72  VAL n 
1 73  PHE n 
1 74  ASP n 
1 75  ASN n 
1 76  CYS n 
1 77  GLN n 
1 78  THR n 
1 79  PHE n 
1 80  ASN n 
1 81  GLU n 
1 82  ASP n 
1 83  ASP n 
1 84  SER n 
1 85  GLU n 
1 86  VAL n 
1 87  GLY n 
1 88  LYS n 
1 89  ALA n 
1 90  GLY n 
1 91  HIS n 
1 92  ILE n 
1 93  MET n 
1 94  ARG n 
1 95  ARG n 
1 96  PHE n 
1 97  PHE n 
1 98  GLU n 
1 99  SER n 
1 100 ARG n 
1 101 TRP n 
1 102 GLU n 
1 103 GLU n 
1 104 PHE n 
1 105 TYR n 
# 
_entity_src_gen.entity_id                          1 
_entity_src_gen.pdbx_src_id                        1 
_entity_src_gen.pdbx_alt_source_flag               sample 
_entity_src_gen.pdbx_seq_type                      'Biological sequence' 
_entity_src_gen.pdbx_beg_seq_num                   1 
_entity_src_gen.pdbx_end_seq_num                   105 
_entity_src_gen.gene_src_common_name               Human 
_entity_src_gen.gene_src_genus                     ? 
_entity_src_gen.pdbx_gene_src_gene                 'BAZ2A, KIAA0314, TIP5' 
_entity_src_gen.gene_src_species                   ? 
_entity_src_gen.gene_src_strain                    ? 
_entity_src_gen.gene_src_tissue                    ? 
_entity_src_gen.gene_src_tissue_fraction           ? 
_entity_src_gen.gene_src_details                   ? 
_entity_src_gen.pdbx_gene_src_fragment             ? 
_entity_src_gen.pdbx_gene_src_scientific_name      'Homo sapiens' 
_entity_src_gen.pdbx_gene_src_ncbi_taxonomy_id     9606 
_entity_src_gen.pdbx_gene_src_variant              ? 
_entity_src_gen.pdbx_gene_src_cell_line            ? 
_entity_src_gen.pdbx_gene_src_atcc                 ? 
_entity_src_gen.pdbx_gene_src_organ                ? 
_entity_src_gen.pdbx_gene_src_organelle            ? 
_entity_src_gen.pdbx_gene_src_cell                 ? 
_entity_src_gen.pdbx_gene_src_cellular_location    ? 
_entity_src_gen.host_org_common_name               ? 
_entity_src_gen.pdbx_host_org_scientific_name      'Escherichia coli BL21(DE3)' 
_entity_src_gen.pdbx_host_org_ncbi_taxonomy_id     469008 
_entity_src_gen.host_org_genus                     ? 
_entity_src_gen.pdbx_host_org_gene                 ? 
_entity_src_gen.pdbx_host_org_organ                ? 
_entity_src_gen.host_org_species                   ? 
_entity_src_gen.pdbx_host_org_tissue               ? 
_entity_src_gen.pdbx_host_org_tissue_fraction      ? 
_entity_src_gen.pdbx_host_org_strain               ? 
_entity_src_gen.pdbx_host_org_variant              ? 
_entity_src_gen.pdbx_host_org_cell_line            ? 
_entity_src_gen.pdbx_host_org_atcc                 ? 
_entity_src_gen.pdbx_host_org_culture_collection   ? 
_entity_src_gen.pdbx_host_org_cell                 ? 
_entity_src_gen.pdbx_host_org_organelle            ? 
_entity_src_gen.pdbx_host_org_cellular_location    ? 
_entity_src_gen.pdbx_host_org_vector_type          ? 
_entity_src_gen.pdbx_host_org_vector               ? 
_entity_src_gen.host_org_details                   ? 
_entity_src_gen.expression_system_id               ? 
_entity_src_gen.plasmid_name                       ? 
_entity_src_gen.plasmid_details                    ? 
_entity_src_gen.pdbx_description                   ? 
# 
loop_
_chem_comp.id 
_chem_comp.type 
_chem_comp.mon_nstd_flag 
_chem_comp.name 
_chem_comp.pdbx_synonyms 
_chem_comp.formula 
_chem_comp.formula_weight 
9ST non-polymer         . '4-bromo-2-methyl-5-[[(3~{R},5~{R})-1-methyl-5-phenyl-piperidin-3-yl]amino]pyridazin-3-one' ? 
'C17 H21 Br N4 O' 377.279 
ALA 'L-peptide linking' y ALANINE                                                                                     ? 
'C3 H7 N O2'      89.093  
ARG 'L-peptide linking' y ARGININE                                                                                    ? 
'C6 H15 N4 O2 1'  175.209 
ASN 'L-peptide linking' y ASPARAGINE                                                                                  ? 
'C4 H8 N2 O3'     132.118 
ASP 'L-peptide linking' y 'ASPARTIC ACID'                                                                             ? 
'C4 H7 N O4'      133.103 
CYS 'L-peptide linking' y CYSTEINE                                                                                    ? 
'C3 H7 N O2 S'    121.158 
GLN 'L-peptide linking' y GLUTAMINE                                                                                   ? 
'C5 H10 N2 O3'    146.144 
GLU 'L-peptide linking' y 'GLUTAMIC ACID'                                                                             ? 
'C5 H9 N O4'      147.129 
GLY 'peptide linking'   y GLYCINE                                                                                     ? 
'C2 H5 N O2'      75.067  
HIS 'L-peptide linking' y HISTIDINE                                                                                   ? 
'C6 H10 N3 O2 1'  156.162 
HOH non-polymer         . WATER                                                                                       ? 'H2 O' 
18.015  
ILE 'L-peptide linking' y ISOLEUCINE                                                                                  ? 
'C6 H13 N O2'     131.173 
LEU 'L-peptide linking' y LEUCINE                                                                                     ? 
'C6 H13 N O2'     131.173 
LYS 'L-peptide linking' y LYSINE                                                                                      ? 
'C6 H15 N2 O2 1'  147.195 
MET 'L-peptide linking' y METHIONINE                                                                                  ? 
'C5 H11 N O2 S'   149.211 
PHE 'L-peptide linking' y PHENYLALANINE                                                                               ? 
'C9 H11 N O2'     165.189 
PRO 'L-peptide linking' y PROLINE                                                                                     ? 
'C5 H9 N O2'      115.130 
SER 'L-peptide linking' y SERINE                                                                                      ? 
'C3 H7 N O3'      105.093 
THR 'L-peptide linking' y THREONINE                                                                                   ? 
'C4 H9 N O3'      119.119 
TRP 'L-peptide linking' y TRYPTOPHAN                                                                                  ? 
'C11 H12 N2 O2'   204.225 
TYR 'L-peptide linking' y TYROSINE                                                                                    ? 
'C9 H11 N O3'     181.189 
VAL 'L-peptide linking' y VALINE                                                                                      ? 
'C5 H11 N O2'     117.146 
# 
loop_
_pdbx_poly_seq_scheme.asym_id 
_pdbx_poly_seq_scheme.entity_id 
_pdbx_poly_seq_scheme.seq_id 
_pdbx_poly_seq_scheme.mon_id 
_pdbx_poly_seq_scheme.ndb_seq_num 
_pdbx_poly_seq_scheme.pdb_seq_num 
_pdbx_poly_seq_scheme.auth_seq_num 
_pdbx_poly_seq_scheme.pdb_mon_id 
_pdbx_poly_seq_scheme.auth_mon_id 
_pdbx_poly_seq_scheme.pdb_strand_id 
_pdbx_poly_seq_scheme.pdb_ins_code 
_pdbx_poly_seq_scheme.hetero 
A 1 1   SER 1   1794 ?    ?   ?   A . n 
A 1 2   MET 2   1795 ?    ?   ?   A . n 
A 1 3   HIS 3   1796 1796 HIS HIS A . n 
A 1 4   SER 4   1797 1797 SER SER A . n 
A 1 5   ASP 5   1798 1798 ASP ASP A . n 
A 1 6   LEU 6   1799 1799 LEU LEU A . n 
A 1 7   THR 7   1800 1800 THR THR A . n 
A 1 8   PHE 8   1801 1801 PHE PHE A . n 
A 1 9   CYS 9   1802 1802 CYS CYS A . n 
A 1 10  GLU 10  1803 1803 GLU GLU A . n 
A 1 11  ILE 11  1804 1804 ILE ILE A . n 
A 1 12  ILE 12  1805 1805 ILE ILE A . n 
A 1 13  LEU 13  1806 1806 LEU LEU A . n 
A 1 14  MET 14  1807 1807 MET MET A . n 
A 1 15  GLU 15  1808 1808 GLU GLU A . n 
A 1 16  MET 16  1809 1809 MET MET A . n 
A 1 17  GLU 17  1810 1810 GLU GLU A . n 
A 1 18  SER 18  1811 1811 SER SER A . n 
A 1 19  HIS 19  1812 1812 HIS HIS A . n 
A 1 20  ASP 20  1813 1813 ASP ASP A . n 
A 1 21  ALA 21  1814 1814 ALA ALA A . n 
A 1 22  ALA 22  1815 1815 ALA ALA A . n 
A 1 23  TRP 23  1816 1816 TRP TRP A . n 
A 1 24  PRO 24  1817 1817 PRO PRO A . n 
A 1 25  PHE 25  1818 1818 PHE PHE A . n 
A 1 26  LEU 26  1819 1819 LEU LEU A . n 
A 1 27  GLU 27  1820 1820 GLU GLU A . n 
A 1 28  PRO 28  1821 1821 PRO PRO A . n 
A 1 29  VAL 29  1822 1822 VAL VAL A . n 
A 1 30  ASN 30  1823 1823 ASN ASN A . n 
A 1 31  PRO 31  1824 1824 PRO PRO A . n 
A 1 32  ARG 32  1825 1825 ARG ARG A . n 
A 1 33  LEU 33  1826 1826 LEU LEU A . n 
A 1 34  VAL 34  1827 1827 VAL VAL A . n 
A 1 35  SER 35  1828 1828 SER SER A . n 
A 1 36  GLY 36  1829 1829 GLY GLY A . n 
A 1 37  TYR 37  1830 1830 TYR TYR A . n 
A 1 38  ARG 38  1831 1831 ARG ARG A . n 
A 1 39  ARG 39  1832 1832 ARG ARG A . n 
A 1 40  ILE 40  1833 1833 ILE ILE A . n 
A 1 41  ILE 41  1834 1834 ILE ILE A . n 
A 1 42  LYS 42  1835 1835 LYS LYS A . n 
A 1 43  ASN 43  1836 1836 ASN ASN A . n 
A 1 44  PRO 44  1837 1837 PRO PRO A . n 
A 1 45  MET 45  1838 1838 MET MET A . n 
A 1 46  ASP 46  1839 1839 ASP ASP A . n 
A 1 47  PHE 47  1840 1840 PHE PHE A . n 
A 1 48  SER 48  1841 1841 SER SER A . n 
A 1 49  THR 49  1842 1842 THR THR A . n 
A 1 50  MET 50  1843 1843 MET MET A . n 
A 1 51  ARG 51  1844 1844 ARG ARG A . n 
A 1 52  HIS 52  1845 1845 HIS HIS A . n 
A 1 53  ARG 53  1846 1846 ARG ARG A . n 
A 1 54  LEU 54  1847 1847 LEU LEU A . n 
A 1 55  SER 55  1848 1848 SER SER A . n 
A 1 56  ARG 56  1849 1849 ARG ARG A . n 
A 1 57  GLY 57  1850 1850 GLY GLY A . n 
A 1 58  GLY 58  1851 1851 GLY GLY A . n 
A 1 59  TYR 59  1852 1852 TYR TYR A . n 
A 1 60  THR 60  1853 1853 THR THR A . n 
A 1 61  SER 61  1854 1854 SER SER A . n 
A 1 62  SER 62  1855 1855 SER SER A . n 
A 1 63  GLU 63  1856 1856 GLU GLU A . n 
A 1 64  GLU 64  1857 1857 GLU GLU A . n 
A 1 65  PHE 65  1858 1858 PHE PHE A . n 
A 1 66  ALA 66  1859 1859 ALA ALA A . n 
A 1 67  ALA 67  1860 1860 ALA ALA A . n 
A 1 68  ASP 68  1861 1861 ASP ASP A . n 
A 1 69  ALA 69  1862 1862 ALA ALA A . n 
A 1 70  LEU 70  1863 1863 LEU LEU A . n 
A 1 71  LEU 71  1864 1864 LEU LEU A . n 
A 1 72  VAL 72  1865 1865 VAL VAL A . n 
A 1 73  PHE 73  1866 1866 PHE PHE A . n 
A 1 74  ASP 74  1867 1867 ASP ASP A . n 
A 1 75  ASN 75  1868 1868 ASN ASN A . n 
A 1 76  CYS 76  1869 1869 CYS CYS A . n 
A 1 77  GLN 77  1870 1870 GLN GLN A . n 
A 1 78  THR 78  1871 1871 THR THR A . n 
A 1 79  PHE 79  1872 1872 PHE PHE A . n 
A 1 80  ASN 80  1873 1873 ASN ASN A . n 
A 1 81  GLU 81  1874 1874 GLU GLU A . n 
A 1 82  ASP 82  1875 1875 ASP ASP A . n 
A 1 83  ASP 83  1876 1876 ASP ASP A . n 
A 1 84  SER 84  1877 1877 SER SER A . n 
A 1 85  GLU 85  1878 1878 GLU GLU A . n 
A 1 86  VAL 86  1879 1879 VAL VAL A . n 
A 1 87  GLY 87  1880 1880 GLY GLY A . n 
A 1 88  LYS 88  1881 1881 LYS LYS A . n 
A 1 89  ALA 89  1882 1882 ALA ALA A . n 
A 1 90  GLY 90  1883 1883 GLY GLY A . n 
A 1 91  HIS 91  1884 1884 HIS HIS A . n 
A 1 92  ILE 92  1885 1885 ILE ILE A . n 
A 1 93  MET 93  1886 1886 MET MET A . n 
A 1 94  ARG 94  1887 1887 ARG ARG A . n 
A 1 95  ARG 95  1888 1888 ARG ARG A . n 
A 1 96  PHE 96  1889 1889 PHE PHE A . n 
A 1 97  PHE 97  1890 1890 PHE PHE A . n 
A 1 98  GLU 98  1891 1891 GLU GLU A . n 
A 1 99  SER 99  1892 1892 SER SER A . n 
A 1 100 ARG 100 1893 1893 ARG ARG A . n 
A 1 101 TRP 101 1894 1894 TRP TRP A . n 
A 1 102 GLU 102 1895 1895 GLU GLU A . n 
A 1 103 GLU 103 1896 1896 GLU GLU A . n 
A 1 104 PHE 104 1897 1897 PHE PHE A . n 
A 1 105 TYR 105 1898 1898 TYR TYR A . n 
# 
_pdbx_entity_instance_feature.ordinal        1 
_pdbx_entity_instance_feature.comp_id        9ST 
_pdbx_entity_instance_feature.asym_id        ? 
_pdbx_entity_instance_feature.seq_num        ? 
_pdbx_entity_instance_feature.auth_comp_id   9ST 
_pdbx_entity_instance_feature.auth_asym_id   ? 
_pdbx_entity_instance_feature.auth_seq_num   ? 
_pdbx_entity_instance_feature.feature_type   'SUBJECT OF INVESTIGATION' 
_pdbx_entity_instance_feature.details        ? 
# 
loop_
_pdbx_nonpoly_scheme.asym_id 
_pdbx_nonpoly_scheme.entity_id 
_pdbx_nonpoly_scheme.mon_id 
_pdbx_nonpoly_scheme.ndb_seq_num 
_pdbx_nonpoly_scheme.pdb_seq_num 
_pdbx_nonpoly_scheme.auth_seq_num 
_pdbx_nonpoly_scheme.pdb_mon_id 
_pdbx_nonpoly_scheme.auth_mon_id 
_pdbx_nonpoly_scheme.pdb_strand_id 
_pdbx_nonpoly_scheme.pdb_ins_code 
B 2 9ST 1  1901 1901 9ST 027 A . 
C 3 HOH 1  2001 37   HOH HOH A . 
C 3 HOH 2  2002 22   HOH HOH A . 
C 3 HOH 3  2003 36   HOH HOH A . 
C 3 HOH 4  2004 7    HOH HOH A . 
C 3 HOH 5  2005 59   HOH HOH A . 
C 3 HOH 6  2006 42   HOH HOH A . 
C 3 HOH 7  2007 2    HOH HOH A . 
C 3 HOH 8  2008 53   HOH HOH A . 
C 3 HOH 9  2009 4    HOH HOH A . 
C 3 HOH 10 2010 35   HOH HOH A . 
C 3 HOH 11 2011 64   HOH HOH A . 
C 3 HOH 12 2012 14   HOH HOH A . 
C 3 HOH 13 2013 3    HOH HOH A . 
C 3 HOH 14 2014 6    HOH HOH A . 
C 3 HOH 15 2015 65   HOH HOH A . 
C 3 HOH 16 2016 32   HOH HOH A . 
C 3 HOH 17 2017 23   HOH HOH A . 
C 3 HOH 18 2018 41   HOH HOH A . 
C 3 HOH 19 2019 24   HOH HOH A . 
C 3 HOH 20 2020 19   HOH HOH A . 
C 3 HOH 21 2021 9    HOH HOH A . 
C 3 HOH 22 2022 29   HOH HOH A . 
C 3 HOH 23 2023 1    HOH HOH A . 
C 3 HOH 24 2024 18   HOH HOH A . 
C 3 HOH 25 2025 38   HOH HOH A . 
C 3 HOH 26 2026 13   HOH HOH A . 
C 3 HOH 27 2027 17   HOH HOH A . 
C 3 HOH 28 2028 12   HOH HOH A . 
C 3 HOH 29 2029 8    HOH HOH A . 
C 3 HOH 30 2030 5    HOH HOH A . 
C 3 HOH 31 2031 45   HOH HOH A . 
C 3 HOH 32 2032 20   HOH HOH A . 
C 3 HOH 33 2033 56   HOH HOH A . 
C 3 HOH 34 2034 57   HOH HOH A . 
C 3 HOH 35 2035 15   HOH HOH A . 
C 3 HOH 36 2036 52   HOH HOH A . 
C 3 HOH 37 2037 27   HOH HOH A . 
C 3 HOH 38 2038 21   HOH HOH A . 
C 3 HOH 39 2039 25   HOH HOH A . 
C 3 HOH 40 2040 63   HOH HOH A . 
C 3 HOH 41 2041 46   HOH HOH A . 
C 3 HOH 42 2042 43   HOH HOH A . 
C 3 HOH 43 2043 33   HOH HOH A . 
C 3 HOH 44 2044 10   HOH HOH A . 
C 3 HOH 45 2045 39   HOH HOH A . 
C 3 HOH 46 2046 11   HOH HOH A . 
C 3 HOH 47 2047 34   HOH HOH A . 
C 3 HOH 48 2048 55   HOH HOH A . 
C 3 HOH 49 2049 26   HOH HOH A . 
C 3 HOH 50 2050 30   HOH HOH A . 
C 3 HOH 51 2051 54   HOH HOH A . 
C 3 HOH 52 2052 31   HOH HOH A . 
C 3 HOH 53 2053 58   HOH HOH A . 
C 3 HOH 54 2054 16   HOH HOH A . 
C 3 HOH 55 2055 47   HOH HOH A . 
C 3 HOH 56 2056 61   HOH HOH A . 
C 3 HOH 57 2057 28   HOH HOH A . 
C 3 HOH 58 2058 50   HOH HOH A . 
C 3 HOH 59 2059 60   HOH HOH A . 
C 3 HOH 60 2060 51   HOH HOH A . 
C 3 HOH 61 2061 49   HOH HOH A . 
C 3 HOH 62 2062 40   HOH HOH A . 
# 
loop_
_software.citation_id 
_software.classification 
_software.compiler_name 
_software.compiler_version 
_software.contact_author 
_software.contact_author_email 
_software.date 
_software.description 
_software.dependencies 
_software.hardware 
_software.language 
_software.location 
_software.mods 
_software.name 
_software.os 
_software.os_version 
_software.type 
_software.version 
_software.pdbx_ordinal 
? 'data scaling'    ? ? ? ? ? ? ? ? ? ? ? XDS         ? ? ? .      1 
? 'data reduction'  ? ? ? ? ? ? ? ? ? ? ? Aimless     ? ? ? 0.7.4  2 
? phasing           ? ? ? ? ? ? ? ? ? ? ? PHASER      ? ? ? .      3 
? refinement        ? ? ? ? ? ? ? ? ? ? ? PHENIX      ? ? ? 1.11.1 4 
? 'data extraction' ? ? ? ? ? ? ? ? ? ? ? PDB_EXTRACT ? ? ? 3.27   5 
# 
_cell.angle_alpha                  90.000 
_cell.angle_alpha_esd              ? 
_cell.angle_beta                   90.000 
_cell.angle_beta_esd               ? 
_cell.angle_gamma                  120.000 
_cell.angle_gamma_esd              ? 
_cell.entry_id                     7BLB 
_cell.details                      ? 
_cell.formula_units_Z              ? 
_cell.length_a                     94.089 
_cell.length_a_esd                 ? 
_cell.length_b                     94.089 
_cell.length_b_esd                 ? 
_cell.length_c                     33.340 
_cell.length_c_esd                 ? 
_cell.volume                       ? 
_cell.volume_esd                   ? 
_cell.Z_PDB                        6 
_cell.reciprocal_angle_alpha       ? 
_cell.reciprocal_angle_beta        ? 
_cell.reciprocal_angle_gamma       ? 
_cell.reciprocal_angle_alpha_esd   ? 
_cell.reciprocal_angle_beta_esd    ? 
_cell.reciprocal_angle_gamma_esd   ? 
_cell.reciprocal_length_a          ? 
_cell.reciprocal_length_b          ? 
_cell.reciprocal_length_c          ? 
_cell.reciprocal_length_a_esd      ? 
_cell.reciprocal_length_b_esd      ? 
_cell.reciprocal_length_c_esd      ? 
_cell.pdbx_unique_axis             ? 
# 
_symmetry.entry_id                         7BLB 
_symmetry.cell_setting                     ? 
_symmetry.Int_Tables_number                152 
_symmetry.space_group_name_Hall            ? 
_symmetry.space_group_name_H-M             'P 31 2 1' 
_symmetry.pdbx_full_space_group_name_H-M   ? 
# 
_exptl.absorpt_coefficient_mu     ? 
_exptl.absorpt_correction_T_max   ? 
_exptl.absorpt_correction_T_min   ? 
_exptl.absorpt_correction_type    ? 
_exptl.absorpt_process_details    ? 
_exptl.entry_id                   7BLB 
_exptl.crystals_number            1 
_exptl.details                    ? 
_exptl.method                     'X-RAY DIFFRACTION' 
_exptl.method_details             ? 
# 
_exptl_crystal.colour                      ? 
_exptl_crystal.density_diffrn              ? 
_exptl_crystal.density_Matthews            3.45 
_exptl_crystal.density_method              ? 
_exptl_crystal.density_percent_sol         64.30 
_exptl_crystal.description                 ? 
_exptl_crystal.F_000                       ? 
_exptl_crystal.id                          1 
_exptl_crystal.preparation                 ? 
_exptl_crystal.size_max                    ? 
_exptl_crystal.size_mid                    ? 
_exptl_crystal.size_min                    ? 
_exptl_crystal.size_rad                    ? 
_exptl_crystal.colour_lustre               ? 
_exptl_crystal.colour_modifier             ? 
_exptl_crystal.colour_primary              ? 
_exptl_crystal.density_meas                ? 
_exptl_crystal.density_meas_esd            ? 
_exptl_crystal.density_meas_gt             ? 
_exptl_crystal.density_meas_lt             ? 
_exptl_crystal.density_meas_temp           ? 
_exptl_crystal.density_meas_temp_esd       ? 
_exptl_crystal.density_meas_temp_gt        ? 
_exptl_crystal.density_meas_temp_lt        ? 
_exptl_crystal.pdbx_crystal_image_url      ? 
_exptl_crystal.pdbx_crystal_image_format   ? 
_exptl_crystal.pdbx_mosaicity              0.950 
_exptl_crystal.pdbx_mosaicity_esd          ? 
# 
_exptl_crystal_grow.apparatus       ? 
_exptl_crystal_grow.atmosphere      ? 
_exptl_crystal_grow.crystal_id      1 
_exptl_crystal_grow.details         ? 
_exptl_crystal_grow.method          'VAPOR DIFFUSION, SITTING DROP' 
_exptl_crystal_grow.method_ref      ? 
_exptl_crystal_grow.pH              7.5 
_exptl_crystal_grow.pressure        ? 
_exptl_crystal_grow.pressure_esd    ? 
_exptl_crystal_grow.seeding         ? 
_exptl_crystal_grow.seeding_ref     ? 
_exptl_crystal_grow.temp            277 
_exptl_crystal_grow.temp_details    ? 
_exptl_crystal_grow.temp_esd        ? 
_exptl_crystal_grow.time            ? 
_exptl_crystal_grow.pdbx_details    '20% PEG3350, 0.2 M MgCl2' 
_exptl_crystal_grow.pdbx_pH_range   ? 
# 
_diffrn.ambient_environment              ? 
_diffrn.ambient_temp                     100 
_diffrn.ambient_temp_details             ? 
_diffrn.ambient_temp_esd                 ? 
_diffrn.crystal_id                       1 
_diffrn.crystal_support                  ? 
_diffrn.crystal_treatment                ? 
_diffrn.details                          ? 
_diffrn.id                               1 
_diffrn.ambient_pressure                 ? 
_diffrn.ambient_pressure_esd             ? 
_diffrn.ambient_pressure_gt              ? 
_diffrn.ambient_pressure_lt              ? 
_diffrn.ambient_temp_gt                  ? 
_diffrn.ambient_temp_lt                  ? 
_diffrn.pdbx_serial_crystal_experiment   N 
# 
_diffrn_detector.details                      ? 
_diffrn_detector.detector                     PIXEL 
_diffrn_detector.diffrn_id                    1 
_diffrn_detector.type                         'DECTRIS PILATUS3 6M' 
_diffrn_detector.area_resol_mean              ? 
_diffrn_detector.dtime                        ? 
_diffrn_detector.pdbx_frames_total            ? 
_diffrn_detector.pdbx_collection_time_total   ? 
_diffrn_detector.pdbx_collection_date         2019-08-07 
_diffrn_detector.pdbx_frequency               ? 
# 
_diffrn_radiation.collimation                      ? 
_diffrn_radiation.diffrn_id                        1 
_diffrn_radiation.filter_edge                      ? 
_diffrn_radiation.inhomogeneity                    ? 
_diffrn_radiation.monochromator                    ? 
_diffrn_radiation.polarisn_norm                    ? 
_diffrn_radiation.polarisn_ratio                   ? 
_diffrn_radiation.probe                            ? 
_diffrn_radiation.type                             ? 
_diffrn_radiation.xray_symbol                      ? 
_diffrn_radiation.wavelength_id                    1 
_diffrn_radiation.pdbx_monochromatic_or_laue_m_l   M 
_diffrn_radiation.pdbx_wavelength_list             ? 
_diffrn_radiation.pdbx_wavelength                  ? 
_diffrn_radiation.pdbx_diffrn_protocol             'SINGLE WAVELENGTH' 
_diffrn_radiation.pdbx_analyzer                    ? 
_diffrn_radiation.pdbx_scattering_type             x-ray 
# 
_diffrn_radiation_wavelength.id           1 
_diffrn_radiation_wavelength.wavelength   1.000 
_diffrn_radiation_wavelength.wt           1.0 
# 
_diffrn_source.current                     ? 
_diffrn_source.details                     ? 
_diffrn_source.diffrn_id                   1 
_diffrn_source.power                       ? 
_diffrn_source.size                        ? 
_diffrn_source.source                      SYNCHROTRON 
_diffrn_source.target                      ? 
_diffrn_source.type                        'ELETTRA BEAMLINE 11.2C' 
_diffrn_source.voltage                     ? 
_diffrn_source.take-off_angle              ? 
_diffrn_source.pdbx_wavelength_list        1.000 
_diffrn_source.pdbx_wavelength             ? 
_diffrn_source.pdbx_synchrotron_beamline   11.2C 
_diffrn_source.pdbx_synchrotron_site       ELETTRA 
# 
_reflns.B_iso_Wilson_estimate            ? 
_reflns.entry_id                         7BLB 
_reflns.data_reduction_details           ? 
_reflns.data_reduction_method            ? 
_reflns.d_resolution_high                2.300 
_reflns.d_resolution_low                 47.044 
_reflns.details                          ? 
_reflns.limit_h_max                      ? 
_reflns.limit_h_min                      ? 
_reflns.limit_k_max                      ? 
_reflns.limit_k_min                      ? 
_reflns.limit_l_max                      ? 
_reflns.limit_l_min                      ? 
_reflns.number_all                       ? 
_reflns.number_obs                       7763 
_reflns.observed_criterion               ? 
_reflns.observed_criterion_F_max         ? 
_reflns.observed_criterion_F_min         ? 
_reflns.observed_criterion_I_max         ? 
_reflns.observed_criterion_I_min         ? 
_reflns.observed_criterion_sigma_F       ? 
_reflns.observed_criterion_sigma_I       ? 
_reflns.percent_possible_obs             100.000 
_reflns.R_free_details                   ? 
_reflns.Rmerge_F_all                     ? 
_reflns.Rmerge_F_obs                     ? 
_reflns.Friedel_coverage                 ? 
_reflns.number_gt                        ? 
_reflns.threshold_expression             ? 
_reflns.pdbx_redundancy                  17.300 
_reflns.pdbx_Rmerge_I_obs                0.184 
_reflns.pdbx_Rmerge_I_all                ? 
_reflns.pdbx_Rsym_value                  ? 
_reflns.pdbx_netI_over_av_sigmaI         ? 
_reflns.pdbx_netI_over_sigmaI            11.500 
_reflns.pdbx_res_netI_over_av_sigmaI_2   ? 
_reflns.pdbx_res_netI_over_sigmaI_2      ? 
_reflns.pdbx_chi_squared                 ? 
_reflns.pdbx_scaling_rejects             ? 
_reflns.pdbx_d_res_high_opt              ? 
_reflns.pdbx_d_res_low_opt               ? 
_reflns.pdbx_d_res_opt_method            ? 
_reflns.phase_calculation_details        ? 
_reflns.pdbx_Rrim_I_all                  0.189 
_reflns.pdbx_Rpim_I_all                  0.045 
_reflns.pdbx_d_opt                       ? 
_reflns.pdbx_number_measured_all         ? 
_reflns.pdbx_diffrn_id                   1 
_reflns.pdbx_ordinal                     1 
_reflns.pdbx_CC_half                     0.997 
_reflns.pdbx_CC_star                     ? 
_reflns.pdbx_R_split                     ? 
# 
loop_
_reflns_shell.d_res_high 
_reflns_shell.d_res_low 
_reflns_shell.meanI_over_sigI_all 
_reflns_shell.meanI_over_sigI_obs 
_reflns_shell.number_measured_all 
_reflns_shell.number_measured_obs 
_reflns_shell.number_possible 
_reflns_shell.number_unique_all 
_reflns_shell.number_unique_obs 
_reflns_shell.percent_possible_all 
_reflns_shell.percent_possible_obs 
_reflns_shell.Rmerge_F_all 
_reflns_shell.Rmerge_F_obs 
_reflns_shell.Rmerge_I_all 
_reflns_shell.Rmerge_I_obs 
_reflns_shell.meanI_over_sigI_gt 
_reflns_shell.meanI_over_uI_all 
_reflns_shell.meanI_over_uI_gt 
_reflns_shell.number_measured_gt 
_reflns_shell.number_unique_gt 
_reflns_shell.percent_possible_gt 
_reflns_shell.Rmerge_F_gt 
_reflns_shell.Rmerge_I_gt 
_reflns_shell.pdbx_redundancy 
_reflns_shell.pdbx_Rsym_value 
_reflns_shell.pdbx_chi_squared 
_reflns_shell.pdbx_netI_over_sigmaI_all 
_reflns_shell.pdbx_netI_over_sigmaI_obs 
_reflns_shell.pdbx_Rrim_I_all 
_reflns_shell.pdbx_Rpim_I_all 
_reflns_shell.pdbx_rejects 
_reflns_shell.pdbx_ordinal 
_reflns_shell.pdbx_diffrn_id 
_reflns_shell.pdbx_CC_half 
_reflns_shell.pdbx_CC_star 
_reflns_shell.pdbx_R_split 
2.300 2.380  ? ? 10911 ? ? ? 764 100.000 ? ? ? ? 1.191 ? ? ? ? ? ? ? ? 14.300 ? ? ? 2.300  1.235 0.320 ? 1 1 0.858 ? ? 
8.910 47.040 ? ? 2449  ? ? ? 154 99.500  ? ? ? ? 0.046 ? ? ? ? ? ? ? ? 15.900 ? ? ? 31.400 0.048 0.012 ? 2 1 0.999 ? ? 
# 
_refine.aniso_B[1][1]                            ? 
_refine.aniso_B[1][2]                            ? 
_refine.aniso_B[1][3]                            ? 
_refine.aniso_B[2][2]                            ? 
_refine.aniso_B[2][3]                            ? 
_refine.aniso_B[3][3]                            ? 
_refine.B_iso_max                                94.010 
_refine.B_iso_mean                               43.5953 
_refine.B_iso_min                                22.410 
_refine.correlation_coeff_Fo_to_Fc               ? 
_refine.correlation_coeff_Fo_to_Fc_free          ? 
_refine.details                                  ? 
_refine.diff_density_max                         ? 
_refine.diff_density_max_esd                     ? 
_refine.diff_density_min                         ? 
_refine.diff_density_min_esd                     ? 
_refine.diff_density_rms                         ? 
_refine.diff_density_rms_esd                     ? 
_refine.entry_id                                 7BLB 
_refine.pdbx_refine_id                           'X-RAY DIFFRACTION' 
_refine.ls_abs_structure_details                 ? 
_refine.ls_abs_structure_Flack                   ? 
_refine.ls_abs_structure_Flack_esd               ? 
_refine.ls_abs_structure_Rogers                  ? 
_refine.ls_abs_structure_Rogers_esd              ? 
_refine.ls_d_res_high                            2.3000 
_refine.ls_d_res_low                             47.0440 
_refine.ls_extinction_coef                       ? 
_refine.ls_extinction_coef_esd                   ? 
_refine.ls_extinction_expression                 ? 
_refine.ls_extinction_method                     ? 
_refine.ls_goodness_of_fit_all                   ? 
_refine.ls_goodness_of_fit_all_esd               ? 
_refine.ls_goodness_of_fit_obs                   ? 
_refine.ls_goodness_of_fit_obs_esd               ? 
_refine.ls_hydrogen_treatment                    ? 
_refine.ls_matrix_type                           ? 
_refine.ls_number_constraints                    ? 
_refine.ls_number_parameters                     ? 
_refine.ls_number_reflns_all                     ? 
_refine.ls_number_reflns_obs                     7747 
_refine.ls_number_reflns_R_free                  397 
_refine.ls_number_reflns_R_work                  7350 
_refine.ls_number_restraints                     ? 
_refine.ls_percent_reflns_obs                    99.9500 
_refine.ls_percent_reflns_R_free                 5.1200 
_refine.ls_R_factor_all                          ? 
_refine.ls_R_factor_obs                          0.2010 
_refine.ls_R_factor_R_free                       0.2263 
_refine.ls_R_factor_R_free_error                 ? 
_refine.ls_R_factor_R_free_error_details         ? 
_refine.ls_R_factor_R_work                       0.1996 
_refine.ls_R_Fsqd_factor_obs                     ? 
_refine.ls_R_I_factor_obs                        ? 
_refine.ls_redundancy_reflns_all                 ? 
_refine.ls_redundancy_reflns_obs                 ? 
_refine.ls_restrained_S_all                      ? 
_refine.ls_restrained_S_obs                      ? 
_refine.ls_shift_over_esd_max                    ? 
_refine.ls_shift_over_esd_mean                   ? 
_refine.ls_structure_factor_coef                 ? 
_refine.ls_weighting_details                     ? 
_refine.ls_weighting_scheme                      ? 
_refine.ls_wR_factor_all                         ? 
_refine.ls_wR_factor_obs                         ? 
_refine.ls_wR_factor_R_free                      ? 
_refine.ls_wR_factor_R_work                      ? 
_refine.occupancy_max                            ? 
_refine.occupancy_min                            ? 
_refine.solvent_model_details                    'FLAT BULK SOLVENT MODEL' 
_refine.solvent_model_param_bsol                 ? 
_refine.solvent_model_param_ksol                 ? 
_refine.pdbx_R_complete                          ? 
_refine.ls_R_factor_gt                           ? 
_refine.ls_goodness_of_fit_gt                    ? 
_refine.ls_goodness_of_fit_ref                   ? 
_refine.ls_shift_over_su_max                     ? 
_refine.ls_shift_over_su_max_lt                  ? 
_refine.ls_shift_over_su_mean                    ? 
_refine.ls_shift_over_su_mean_lt                 ? 
_refine.pdbx_ls_sigma_I                          ? 
_refine.pdbx_ls_sigma_F                          1.350 
_refine.pdbx_ls_sigma_Fsqd                       ? 
_refine.pdbx_data_cutoff_high_absF               ? 
_refine.pdbx_data_cutoff_high_rms_absF           ? 
_refine.pdbx_data_cutoff_low_absF                ? 
_refine.pdbx_isotropic_thermal_model             ? 
_refine.pdbx_ls_cross_valid_method               'FREE R-VALUE' 
_refine.pdbx_method_to_determine_struct          'MOLECULAR REPLACEMENT' 
_refine.pdbx_starting_model                      5MGJ 
_refine.pdbx_stereochemistry_target_values       ML 
_refine.pdbx_R_Free_selection_details            ? 
_refine.pdbx_stereochem_target_val_spec_case     ? 
_refine.pdbx_overall_ESU_R                       ? 
_refine.pdbx_overall_ESU_R_Free                  ? 
_refine.pdbx_solvent_vdw_probe_radii             1.1100 
_refine.pdbx_solvent_ion_probe_radii             ? 
_refine.pdbx_solvent_shrinkage_radii             0.9000 
_refine.pdbx_real_space_R                        ? 
_refine.pdbx_density_correlation                 ? 
_refine.pdbx_pd_number_of_powder_patterns        ? 
_refine.pdbx_pd_number_of_points                 ? 
_refine.pdbx_pd_meas_number_of_points            ? 
_refine.pdbx_pd_proc_ls_prof_R_factor            ? 
_refine.pdbx_pd_proc_ls_prof_wR_factor           ? 
_refine.pdbx_pd_Marquardt_correlation_coeff      ? 
_refine.pdbx_pd_Fsqrd_R_factor                   ? 
_refine.pdbx_pd_ls_matrix_band_width             ? 
_refine.pdbx_overall_phase_error                 24.9500 
_refine.pdbx_overall_SU_R_free_Cruickshank_DPI   ? 
_refine.pdbx_overall_SU_R_free_Blow_DPI          ? 
_refine.pdbx_overall_SU_R_Blow_DPI               ? 
_refine.pdbx_TLS_residual_ADP_flag               ? 
_refine.pdbx_diffrn_id                           1 
_refine.overall_SU_B                             ? 
_refine.overall_SU_ML                            0.2800 
_refine.overall_SU_R_Cruickshank_DPI             ? 
_refine.overall_SU_R_free                        ? 
_refine.overall_FOM_free_R_set                   ? 
_refine.overall_FOM_work_R_set                   ? 
_refine.pdbx_average_fsc_overall                 ? 
_refine.pdbx_average_fsc_work                    ? 
_refine.pdbx_average_fsc_free                    ? 
# 
_refine_hist.pdbx_refine_id                   'X-RAY DIFFRACTION' 
_refine_hist.cycle_id                         final 
_refine_hist.details                          ? 
_refine_hist.d_res_high                       2.3000 
_refine_hist.d_res_low                        47.0440 
_refine_hist.number_atoms_solvent             62 
_refine_hist.number_atoms_total               937 
_refine_hist.number_reflns_all                ? 
_refine_hist.number_reflns_obs                ? 
_refine_hist.number_reflns_R_free             ? 
_refine_hist.number_reflns_R_work             ? 
_refine_hist.R_factor_all                     ? 
_refine_hist.R_factor_obs                     ? 
_refine_hist.R_factor_R_free                  ? 
_refine_hist.R_factor_R_work                  ? 
_refine_hist.pdbx_number_residues_total       103 
_refine_hist.pdbx_B_iso_mean_ligand           44.98 
_refine_hist.pdbx_B_iso_mean_solvent          42.42 
_refine_hist.pdbx_number_atoms_protein        852 
_refine_hist.pdbx_number_atoms_nucleic_acid   0 
_refine_hist.pdbx_number_atoms_ligand         23 
_refine_hist.pdbx_number_atoms_lipid          ? 
_refine_hist.pdbx_number_atoms_carb           ? 
_refine_hist.pdbx_pseudo_atom_details         ? 
# 
loop_
_refine_ls_restr.pdbx_refine_id 
_refine_ls_restr.criterion 
_refine_ls_restr.dev_ideal 
_refine_ls_restr.dev_ideal_target 
_refine_ls_restr.number 
_refine_ls_restr.rejects 
_refine_ls_restr.type 
_refine_ls_restr.weight 
_refine_ls_restr.pdbx_restraint_function 
'X-RAY DIFFRACTION' ? 0.007 ? 900  ? f_bond_d           ? ? 
'X-RAY DIFFRACTION' ? 0.885 ? 1214 ? f_angle_d          ? ? 
'X-RAY DIFFRACTION' ? 0.050 ? 121  ? f_chiral_restr     ? ? 
'X-RAY DIFFRACTION' ? 0.005 ? 158  ? f_plane_restr      ? ? 
'X-RAY DIFFRACTION' ? 8.588 ? 523  ? f_dihedral_angle_d ? ? 
# 
loop_
_refine_ls_shell.pdbx_refine_id 
_refine_ls_shell.d_res_high 
_refine_ls_shell.d_res_low 
_refine_ls_shell.number_reflns_all 
_refine_ls_shell.number_reflns_obs 
_refine_ls_shell.number_reflns_R_free 
_refine_ls_shell.number_reflns_R_work 
_refine_ls_shell.percent_reflns_obs 
_refine_ls_shell.percent_reflns_R_free 
_refine_ls_shell.R_factor_all 
_refine_ls_shell.R_factor_obs 
_refine_ls_shell.R_factor_R_free 
_refine_ls_shell.R_factor_R_free_error 
_refine_ls_shell.R_factor_R_work 
_refine_ls_shell.redundancy_reflns_all 
_refine_ls_shell.redundancy_reflns_obs 
_refine_ls_shell.wR_factor_all 
_refine_ls_shell.wR_factor_obs 
_refine_ls_shell.wR_factor_R_free 
_refine_ls_shell.wR_factor_R_work 
_refine_ls_shell.pdbx_R_complete 
_refine_ls_shell.pdbx_total_number_of_bins_used 
_refine_ls_shell.pdbx_phase_error 
_refine_ls_shell.pdbx_fsc_work 
_refine_ls_shell.pdbx_fsc_free 
'X-RAY DIFFRACTION' 2.3002 2.6330 . . 132 2419 100.0000 . . . 0.2778 0.0000 0.2431 . . . . . . . . . . . 
'X-RAY DIFFRACTION' 2.6330 3.3172 . . 125 2433 100.0000 . . . 0.2481 0.0000 0.2270 . . . . . . . . . . . 
'X-RAY DIFFRACTION' 3.3172 47.044 . . 140 2498 100.0000 . . . 0.2010 0.0000 0.1758 . . . . . . . . . . . 
# 
_struct.entry_id                     7BLB 
_struct.title                        'BAZ2A bromodomain in complex with GSK4027 chemical probe' 
_struct.pdbx_model_details           ? 
_struct.pdbx_formula_weight          ? 
_struct.pdbx_formula_weight_method   ? 
_struct.pdbx_model_type_details      ? 
_struct.pdbx_CASP_flag               N 
# 
_struct_keywords.entry_id        7BLB 
_struct_keywords.text            'four helical bundle, transcription' 
_struct_keywords.pdbx_keywords   TRANSCRIPTION 
# 
loop_
_struct_asym.id 
_struct_asym.pdbx_blank_PDB_chainid_flag 
_struct_asym.pdbx_modified 
_struct_asym.entity_id 
_struct_asym.details 
A N N 1 ? 
B N N 2 ? 
C N N 3 ? 
# 
_struct_ref.id                         1 
_struct_ref.db_name                    UNP 
_struct_ref.db_code                    BAZ2A_HUMAN 
_struct_ref.pdbx_db_accession          Q9UIF9 
_struct_ref.pdbx_db_isoform            ? 
_struct_ref.entity_id                  1 
_struct_ref.pdbx_seq_one_letter_code   
;HSDLTFCEIILMEMESHDAAWPFLEPVNPRLVSGYRRIIKNPMDFSTMRERLLRGGYTSSEEFAADALLVFDNCQTFNED
DSEVGKAGHIMRRFFESRWEEFY
;
_struct_ref.pdbx_align_begin           1796 
# 
_struct_ref_seq.align_id                      1 
_struct_ref_seq.ref_id                        1 
_struct_ref_seq.pdbx_PDB_id_code              7BLB 
_struct_ref_seq.pdbx_strand_id                A 
_struct_ref_seq.seq_align_beg                 3 
_struct_ref_seq.pdbx_seq_align_beg_ins_code   ? 
_struct_ref_seq.seq_align_end                 105 
_struct_ref_seq.pdbx_seq_align_end_ins_code   ? 
_struct_ref_seq.pdbx_db_accession             Q9UIF9 
_struct_ref_seq.db_align_beg                  1796 
_struct_ref_seq.pdbx_db_align_beg_ins_code    ? 
_struct_ref_seq.db_align_end                  1898 
_struct_ref_seq.pdbx_db_align_end_ins_code    ? 
_struct_ref_seq.pdbx_auth_seq_align_beg       1796 
_struct_ref_seq.pdbx_auth_seq_align_end       1898 
# 
loop_
_struct_ref_seq_dif.align_id 
_struct_ref_seq_dif.pdbx_pdb_id_code 
_struct_ref_seq_dif.mon_id 
_struct_ref_seq_dif.pdbx_pdb_strand_id 
_struct_ref_seq_dif.seq_num 
_struct_ref_seq_dif.pdbx_pdb_ins_code 
_struct_ref_seq_dif.pdbx_seq_db_name 
_struct_ref_seq_dif.pdbx_seq_db_accession_code 
_struct_ref_seq_dif.db_mon_id 
_struct_ref_seq_dif.pdbx_seq_db_seq_num 
_struct_ref_seq_dif.details 
_struct_ref_seq_dif.pdbx_auth_seq_num 
_struct_ref_seq_dif.pdbx_ordinal 
1 7BLB SER A 1  ? UNP Q9UIF9 ?   ?    'expression tag'      1794 1 
1 7BLB MET A 2  ? UNP Q9UIF9 ?   ?    'expression tag'      1795 2 
1 7BLB HIS A 52 ? UNP Q9UIF9 GLU 1845 'engineered mutation' 1845 3 
1 7BLB SER A 55 ? UNP Q9UIF9 LEU 1848 'engineered mutation' 1848 4 
# 
_pdbx_struct_assembly.id                   1 
_pdbx_struct_assembly.details              author_and_software_defined_assembly 
_pdbx_struct_assembly.method_details       PISA 
_pdbx_struct_assembly.oligomeric_details   monomeric 
_pdbx_struct_assembly.oligomeric_count     1 
# 
loop_
_pdbx_struct_assembly_prop.biol_id 
_pdbx_struct_assembly_prop.type 
_pdbx_struct_assembly_prop.value 
_pdbx_struct_assembly_prop.details 
1 'ABSA (A^2)' 0    ? 
1 MORE         0    ? 
1 'SSA (A^2)'  6160 ? 
# 
_pdbx_struct_assembly_gen.assembly_id       1 
_pdbx_struct_assembly_gen.oper_expression   1 
_pdbx_struct_assembly_gen.asym_id_list      A,B,C 
# 
_pdbx_struct_assembly_auth_evidence.id                     1 
_pdbx_struct_assembly_auth_evidence.assembly_id            1 
_pdbx_struct_assembly_auth_evidence.experimental_support   'gel filtration' 
_pdbx_struct_assembly_auth_evidence.details                ? 
# 
_pdbx_struct_oper_list.id                   1 
_pdbx_struct_oper_list.type                 'identity operation' 
_pdbx_struct_oper_list.name                 1_555 
_pdbx_struct_oper_list.symmetry_operation   x,y,z 
_pdbx_struct_oper_list.matrix[1][1]         1.0000000000 
_pdbx_struct_oper_list.matrix[1][2]         0.0000000000 
_pdbx_struct_oper_list.matrix[1][3]         0.0000000000 
_pdbx_struct_oper_list.vector[1]            0.0000000000 
_pdbx_struct_oper_list.matrix[2][1]         0.0000000000 
_pdbx_struct_oper_list.matrix[2][2]         1.0000000000 
_pdbx_struct_oper_list.matrix[2][3]         0.0000000000 
_pdbx_struct_oper_list.vector[2]            0.0000000000 
_pdbx_struct_oper_list.matrix[3][1]         0.0000000000 
_pdbx_struct_oper_list.matrix[3][2]         0.0000000000 
_pdbx_struct_oper_list.matrix[3][3]         1.0000000000 
_pdbx_struct_oper_list.vector[3]            0.0000000000 
# 
loop_
_struct_conf.conf_type_id 
_struct_conf.id 
_struct_conf.pdbx_PDB_helix_id 
_struct_conf.beg_label_comp_id 
_struct_conf.beg_label_asym_id 
_struct_conf.beg_label_seq_id 
_struct_conf.pdbx_beg_PDB_ins_code 
_struct_conf.end_label_comp_id 
_struct_conf.end_label_asym_id 
_struct_conf.end_label_seq_id 
_struct_conf.pdbx_end_PDB_ins_code 
_struct_conf.beg_auth_comp_id 
_struct_conf.beg_auth_asym_id 
_struct_conf.beg_auth_seq_id 
_struct_conf.end_auth_comp_id 
_struct_conf.end_auth_asym_id 
_struct_conf.end_auth_seq_id 
_struct_conf.pdbx_PDB_helix_class 
_struct_conf.details 
_struct_conf.pdbx_PDB_helix_length 
HELX_P HELX_P1 AA1 HIS A 3  ? SER A 18  ? HIS A 1796 SER A 1811 1 ? 16 
HELX_P HELX_P2 AA2 HIS A 19 ? TRP A 23  ? HIS A 1812 TRP A 1816 5 ? 5  
HELX_P HELX_P3 AA3 GLY A 36 ? ILE A 41  ? GLY A 1829 ILE A 1834 1 ? 6  
HELX_P HELX_P4 AA4 ASP A 46 ? ARG A 56  ? ASP A 1839 ARG A 1849 1 ? 11 
HELX_P HELX_P5 AA5 SER A 61 ? ASN A 80  ? SER A 1854 ASN A 1873 1 ? 20 
HELX_P HELX_P6 AA6 SER A 84 ? GLU A 103 ? SER A 1877 GLU A 1896 1 ? 20 
# 
_struct_conf_type.id          HELX_P 
_struct_conf_type.criteria    ? 
_struct_conf_type.reference   ? 
# 
_struct_site.id                   AC1 
_struct_site.pdbx_evidence_code   Software 
_struct_site.pdbx_auth_asym_id    A 
_struct_site.pdbx_auth_comp_id    9ST 
_struct_site.pdbx_auth_seq_id     1901 
_struct_site.pdbx_auth_ins_code   ? 
_struct_site.pdbx_num_residues    8 
_struct_site.details              'binding site for residue 9ST A 1901' 
# 
loop_
_struct_site_gen.id 
_struct_site_gen.site_id 
_struct_site_gen.pdbx_num_res 
_struct_site_gen.label_comp_id 
_struct_site_gen.label_asym_id 
_struct_site_gen.label_seq_id 
_struct_site_gen.pdbx_auth_ins_code 
_struct_site_gen.auth_comp_id 
_struct_site_gen.auth_asym_id 
_struct_site_gen.auth_seq_id 
_struct_site_gen.label_atom_id 
_struct_site_gen.label_alt_id 
_struct_site_gen.symmetry 
_struct_site_gen.details 
1 AC1 8 PRO A 24 ? PRO A 1817 . ? 1_555 ? 
2 AC1 8 GLU A 27 ? GLU A 1820 . ? 1_555 ? 
3 AC1 8 PRO A 28 ? PRO A 1821 . ? 1_555 ? 
4 AC1 8 VAL A 29 ? VAL A 1822 . ? 1_555 ? 
5 AC1 8 PHE A 79 ? PHE A 1872 . ? 1_555 ? 
6 AC1 8 ASN A 80 ? ASN A 1873 . ? 1_555 ? 
7 AC1 8 HOH C .  ? HOH A 2009 . ? 1_555 ? 
8 AC1 8 HOH C .  ? HOH A 2019 . ? 1_555 ? 
# 
_pdbx_entry_details.entry_id                   7BLB 
_pdbx_entry_details.has_ligand_of_interest     Y 
_pdbx_entry_details.compound_details           ? 
_pdbx_entry_details.source_details             ? 
_pdbx_entry_details.nonpolymer_details         ? 
_pdbx_entry_details.sequence_details           ? 
_pdbx_entry_details.has_protein_modification   N 
# 
_phasing.method   MR 
# 
loop_
_pdbx_unobs_or_zero_occ_residues.id 
_pdbx_unobs_or_zero_occ_residues.PDB_model_num 
_pdbx_unobs_or_zero_occ_residues.polymer_flag 
_pdbx_unobs_or_zero_occ_residues.occupancy_flag 
_pdbx_unobs_or_zero_occ_residues.auth_asym_id 
_pdbx_unobs_or_zero_occ_residues.auth_comp_id 
_pdbx_unobs_or_zero_occ_residues.auth_seq_id 
_pdbx_unobs_or_zero_occ_residues.PDB_ins_code 
_pdbx_unobs_or_zero_occ_residues.label_asym_id 
_pdbx_unobs_or_zero_occ_residues.label_comp_id 
_pdbx_unobs_or_zero_occ_residues.label_seq_id 
1 1 Y 1 A SER 1794 ? A SER 1 
2 1 Y 1 A MET 1795 ? A MET 2 
# 
loop_
_chem_comp_atom.comp_id 
_chem_comp_atom.atom_id 
_chem_comp_atom.type_symbol 
_chem_comp_atom.pdbx_aromatic_flag 
_chem_comp_atom.pdbx_stereo_config 
_chem_comp_atom.pdbx_ordinal 
9ST C20  C  Y N 1   
9ST C22  C  Y N 2   
9ST C24  C  Y N 3   
9ST C26  C  Y N 4   
9ST C28  C  Y N 5   
9ST C01  C  N N 6   
9ST N05  N  N N 7   
9ST C06  C  N N 8   
9ST C09  C  N R 9   
9ST C11  C  N N 10  
9ST C14  C  N R 11  
9ST C16  C  N N 12  
9ST C19  C  Y N 13  
9ST N30  N  N N 14  
9ST C32  C  N N 15  
9ST C33  C  N N 16  
9ST N35  N  N N 17  
9ST N36  N  N N 18  
9ST C37  C  N N 19  
9ST C41  C  N N 20  
9ST O42  O  N N 21  
9ST C43  C  N N 22  
9ST BR   BR N N 23  
9ST H1   H  N N 24  
9ST H2   H  N N 25  
9ST H3   H  N N 26  
9ST H4   H  N N 27  
9ST H5   H  N N 28  
9ST H6   H  N N 29  
9ST H7   H  N N 30  
9ST H8   H  N N 31  
9ST H10  H  N N 32  
9ST H11  H  N N 33  
9ST H12  H  N N 34  
9ST H13  H  N N 35  
9ST H14  H  N N 36  
9ST H15  H  N N 37  
9ST H16  H  N N 38  
9ST H17  H  N N 39  
9ST H18  H  N N 40  
9ST H19  H  N N 41  
9ST H20  H  N N 42  
9ST H21  H  N N 43  
9ST H9   H  N N 44  
ALA N    N  N N 45  
ALA CA   C  N S 46  
ALA C    C  N N 47  
ALA O    O  N N 48  
ALA CB   C  N N 49  
ALA OXT  O  N N 50  
ALA H    H  N N 51  
ALA H2   H  N N 52  
ALA HA   H  N N 53  
ALA HB1  H  N N 54  
ALA HB2  H  N N 55  
ALA HB3  H  N N 56  
ALA HXT  H  N N 57  
ARG N    N  N N 58  
ARG CA   C  N S 59  
ARG C    C  N N 60  
ARG O    O  N N 61  
ARG CB   C  N N 62  
ARG CG   C  N N 63  
ARG CD   C  N N 64  
ARG NE   N  N N 65  
ARG CZ   C  N N 66  
ARG NH1  N  N N 67  
ARG NH2  N  N N 68  
ARG OXT  O  N N 69  
ARG H    H  N N 70  
ARG H2   H  N N 71  
ARG HA   H  N N 72  
ARG HB2  H  N N 73  
ARG HB3  H  N N 74  
ARG HG2  H  N N 75  
ARG HG3  H  N N 76  
ARG HD2  H  N N 77  
ARG HD3  H  N N 78  
ARG HE   H  N N 79  
ARG HH11 H  N N 80  
ARG HH12 H  N N 81  
ARG HH21 H  N N 82  
ARG HH22 H  N N 83  
ARG HXT  H  N N 84  
ASN N    N  N N 85  
ASN CA   C  N S 86  
ASN C    C  N N 87  
ASN O    O  N N 88  
ASN CB   C  N N 89  
ASN CG   C  N N 90  
ASN OD1  O  N N 91  
ASN ND2  N  N N 92  
ASN OXT  O  N N 93  
ASN H    H  N N 94  
ASN H2   H  N N 95  
ASN HA   H  N N 96  
ASN HB2  H  N N 97  
ASN HB3  H  N N 98  
ASN HD21 H  N N 99  
ASN HD22 H  N N 100 
ASN HXT  H  N N 101 
ASP N    N  N N 102 
ASP CA   C  N S 103 
ASP C    C  N N 104 
ASP O    O  N N 105 
ASP CB   C  N N 106 
ASP CG   C  N N 107 
ASP OD1  O  N N 108 
ASP OD2  O  N N 109 
ASP OXT  O  N N 110 
ASP H    H  N N 111 
ASP H2   H  N N 112 
ASP HA   H  N N 113 
ASP HB2  H  N N 114 
ASP HB3  H  N N 115 
ASP HD2  H  N N 116 
ASP HXT  H  N N 117 
CYS N    N  N N 118 
CYS CA   C  N R 119 
CYS C    C  N N 120 
CYS O    O  N N 121 
CYS CB   C  N N 122 
CYS SG   S  N N 123 
CYS OXT  O  N N 124 
CYS H    H  N N 125 
CYS H2   H  N N 126 
CYS HA   H  N N 127 
CYS HB2  H  N N 128 
CYS HB3  H  N N 129 
CYS HG   H  N N 130 
CYS HXT  H  N N 131 
GLN N    N  N N 132 
GLN CA   C  N S 133 
GLN C    C  N N 134 
GLN O    O  N N 135 
GLN CB   C  N N 136 
GLN CG   C  N N 137 
GLN CD   C  N N 138 
GLN OE1  O  N N 139 
GLN NE2  N  N N 140 
GLN OXT  O  N N 141 
GLN H    H  N N 142 
GLN H2   H  N N 143 
GLN HA   H  N N 144 
GLN HB2  H  N N 145 
GLN HB3  H  N N 146 
GLN HG2  H  N N 147 
GLN HG3  H  N N 148 
GLN HE21 H  N N 149 
GLN HE22 H  N N 150 
GLN HXT  H  N N 151 
GLU N    N  N N 152 
GLU CA   C  N S 153 
GLU C    C  N N 154 
GLU O    O  N N 155 
GLU CB   C  N N 156 
GLU CG   C  N N 157 
GLU CD   C  N N 158 
GLU OE1  O  N N 159 
GLU OE2  O  N N 160 
GLU OXT  O  N N 161 
GLU H    H  N N 162 
GLU H2   H  N N 163 
GLU HA   H  N N 164 
GLU HB2  H  N N 165 
GLU HB3  H  N N 166 
GLU HG2  H  N N 167 
GLU HG3  H  N N 168 
GLU HE2  H  N N 169 
GLU HXT  H  N N 170 
GLY N    N  N N 171 
GLY CA   C  N N 172 
GLY C    C  N N 173 
GLY O    O  N N 174 
GLY OXT  O  N N 175 
GLY H    H  N N 176 
GLY H2   H  N N 177 
GLY HA2  H  N N 178 
GLY HA3  H  N N 179 
GLY HXT  H  N N 180 
HIS N    N  N N 181 
HIS CA   C  N S 182 
HIS C    C  N N 183 
HIS O    O  N N 184 
HIS CB   C  N N 185 
HIS CG   C  Y N 186 
HIS ND1  N  Y N 187 
HIS CD2  C  Y N 188 
HIS CE1  C  Y N 189 
HIS NE2  N  Y N 190 
HIS OXT  O  N N 191 
HIS H    H  N N 192 
HIS H2   H  N N 193 
HIS HA   H  N N 194 
HIS HB2  H  N N 195 
HIS HB3  H  N N 196 
HIS HD1  H  N N 197 
HIS HD2  H  N N 198 
HIS HE1  H  N N 199 
HIS HE2  H  N N 200 
HIS HXT  H  N N 201 
HOH O    O  N N 202 
HOH H1   H  N N 203 
HOH H2   H  N N 204 
ILE N    N  N N 205 
ILE CA   C  N S 206 
ILE C    C  N N 207 
ILE O    O  N N 208 
ILE CB   C  N S 209 
ILE CG1  C  N N 210 
ILE CG2  C  N N 211 
ILE CD1  C  N N 212 
ILE OXT  O  N N 213 
ILE H    H  N N 214 
ILE H2   H  N N 215 
ILE HA   H  N N 216 
ILE HB   H  N N 217 
ILE HG12 H  N N 218 
ILE HG13 H  N N 219 
ILE HG21 H  N N 220 
ILE HG22 H  N N 221 
ILE HG23 H  N N 222 
ILE HD11 H  N N 223 
ILE HD12 H  N N 224 
ILE HD13 H  N N 225 
ILE HXT  H  N N 226 
LEU N    N  N N 227 
LEU CA   C  N S 228 
LEU C    C  N N 229 
LEU O    O  N N 230 
LEU CB   C  N N 231 
LEU CG   C  N N 232 
LEU CD1  C  N N 233 
LEU CD2  C  N N 234 
LEU OXT  O  N N 235 
LEU H    H  N N 236 
LEU H2   H  N N 237 
LEU HA   H  N N 238 
LEU HB2  H  N N 239 
LEU HB3  H  N N 240 
LEU HG   H  N N 241 
LEU HD11 H  N N 242 
LEU HD12 H  N N 243 
LEU HD13 H  N N 244 
LEU HD21 H  N N 245 
LEU HD22 H  N N 246 
LEU HD23 H  N N 247 
LEU HXT  H  N N 248 
LYS N    N  N N 249 
LYS CA   C  N S 250 
LYS C    C  N N 251 
LYS O    O  N N 252 
LYS CB   C  N N 253 
LYS CG   C  N N 254 
LYS CD   C  N N 255 
LYS CE   C  N N 256 
LYS NZ   N  N N 257 
LYS OXT  O  N N 258 
LYS H    H  N N 259 
LYS H2   H  N N 260 
LYS HA   H  N N 261 
LYS HB2  H  N N 262 
LYS HB3  H  N N 263 
LYS HG2  H  N N 264 
LYS HG3  H  N N 265 
LYS HD2  H  N N 266 
LYS HD3  H  N N 267 
LYS HE2  H  N N 268 
LYS HE3  H  N N 269 
LYS HZ1  H  N N 270 
LYS HZ2  H  N N 271 
LYS HZ3  H  N N 272 
LYS HXT  H  N N 273 
MET N    N  N N 274 
MET CA   C  N S 275 
MET C    C  N N 276 
MET O    O  N N 277 
MET CB   C  N N 278 
MET CG   C  N N 279 
MET SD   S  N N 280 
MET CE   C  N N 281 
MET OXT  O  N N 282 
MET H    H  N N 283 
MET H2   H  N N 284 
MET HA   H  N N 285 
MET HB2  H  N N 286 
MET HB3  H  N N 287 
MET HG2  H  N N 288 
MET HG3  H  N N 289 
MET HE1  H  N N 290 
MET HE2  H  N N 291 
MET HE3  H  N N 292 
MET HXT  H  N N 293 
PHE N    N  N N 294 
PHE CA   C  N S 295 
PHE C    C  N N 296 
PHE O    O  N N 297 
PHE CB   C  N N 298 
PHE CG   C  Y N 299 
PHE CD1  C  Y N 300 
PHE CD2  C  Y N 301 
PHE CE1  C  Y N 302 
PHE CE2  C  Y N 303 
PHE CZ   C  Y N 304 
PHE OXT  O  N N 305 
PHE H    H  N N 306 
PHE H2   H  N N 307 
PHE HA   H  N N 308 
PHE HB2  H  N N 309 
PHE HB3  H  N N 310 
PHE HD1  H  N N 311 
PHE HD2  H  N N 312 
PHE HE1  H  N N 313 
PHE HE2  H  N N 314 
PHE HZ   H  N N 315 
PHE HXT  H  N N 316 
PRO N    N  N N 317 
PRO CA   C  N S 318 
PRO C    C  N N 319 
PRO O    O  N N 320 
PRO CB   C  N N 321 
PRO CG   C  N N 322 
PRO CD   C  N N 323 
PRO OXT  O  N N 324 
PRO H    H  N N 325 
PRO HA   H  N N 326 
PRO HB2  H  N N 327 
PRO HB3  H  N N 328 
PRO HG2  H  N N 329 
PRO HG3  H  N N 330 
PRO HD2  H  N N 331 
PRO HD3  H  N N 332 
PRO HXT  H  N N 333 
SER N    N  N N 334 
SER CA   C  N S 335 
SER C    C  N N 336 
SER O    O  N N 337 
SER CB   C  N N 338 
SER OG   O  N N 339 
SER OXT  O  N N 340 
SER H    H  N N 341 
SER H2   H  N N 342 
SER HA   H  N N 343 
SER HB2  H  N N 344 
SER HB3  H  N N 345 
SER HG   H  N N 346 
SER HXT  H  N N 347 
THR N    N  N N 348 
THR CA   C  N S 349 
THR C    C  N N 350 
THR O    O  N N 351 
THR CB   C  N R 352 
THR OG1  O  N N 353 
THR CG2  C  N N 354 
THR OXT  O  N N 355 
THR H    H  N N 356 
THR H2   H  N N 357 
THR HA   H  N N 358 
THR HB   H  N N 359 
THR HG1  H  N N 360 
THR HG21 H  N N 361 
THR HG22 H  N N 362 
THR HG23 H  N N 363 
THR HXT  H  N N 364 
TRP N    N  N N 365 
TRP CA   C  N S 366 
TRP C    C  N N 367 
TRP O    O  N N 368 
TRP CB   C  N N 369 
TRP CG   C  Y N 370 
TRP CD1  C  Y N 371 
TRP CD2  C  Y N 372 
TRP NE1  N  Y N 373 
TRP CE2  C  Y N 374 
TRP CE3  C  Y N 375 
TRP CZ2  C  Y N 376 
TRP CZ3  C  Y N 377 
TRP CH2  C  Y N 378 
TRP OXT  O  N N 379 
TRP H    H  N N 380 
TRP H2   H  N N 381 
TRP HA   H  N N 382 
TRP HB2  H  N N 383 
TRP HB3  H  N N 384 
TRP HD1  H  N N 385 
TRP HE1  H  N N 386 
TRP HE3  H  N N 387 
TRP HZ2  H  N N 388 
TRP HZ3  H  N N 389 
TRP HH2  H  N N 390 
TRP HXT  H  N N 391 
TYR N    N  N N 392 
TYR CA   C  N S 393 
TYR C    C  N N 394 
TYR O    O  N N 395 
TYR CB   C  N N 396 
TYR CG   C  Y N 397 
TYR CD1  C  Y N 398 
TYR CD2  C  Y N 399 
TYR CE1  C  Y N 400 
TYR CE2  C  Y N 401 
TYR CZ   C  Y N 402 
TYR OH   O  N N 403 
TYR OXT  O  N N 404 
TYR H    H  N N 405 
TYR H2   H  N N 406 
TYR HA   H  N N 407 
TYR HB2  H  N N 408 
TYR HB3  H  N N 409 
TYR HD1  H  N N 410 
TYR HD2  H  N N 411 
TYR HE1  H  N N 412 
TYR HE2  H  N N 413 
TYR HH   H  N N 414 
TYR HXT  H  N N 415 
VAL N    N  N N 416 
VAL CA   C  N S 417 
VAL C    C  N N 418 
VAL O    O  N N 419 
VAL CB   C  N N 420 
VAL CG1  C  N N 421 
VAL CG2  C  N N 422 
VAL OXT  O  N N 423 
VAL H    H  N N 424 
VAL H2   H  N N 425 
VAL HA   H  N N 426 
VAL HB   H  N N 427 
VAL HG11 H  N N 428 
VAL HG12 H  N N 429 
VAL HG13 H  N N 430 
VAL HG21 H  N N 431 
VAL HG22 H  N N 432 
VAL HG23 H  N N 433 
VAL HXT  H  N N 434 
# 
loop_
_chem_comp_bond.comp_id 
_chem_comp_bond.atom_id_1 
_chem_comp_bond.atom_id_2 
_chem_comp_bond.value_order 
_chem_comp_bond.pdbx_aromatic_flag 
_chem_comp_bond.pdbx_stereo_config 
_chem_comp_bond.pdbx_ordinal 
9ST BR  C43  sing N N 1   
9ST O42 C41  doub N N 2   
9ST C41 C43  sing N N 3   
9ST C41 N36  sing N N 4   
9ST C43 C32  doub N N 5   
9ST C32 N30  sing N N 6   
9ST C32 C33  sing N N 7   
9ST N36 C37  sing N N 8   
9ST N36 N35  sing N N 9   
9ST N30 C09  sing N N 10  
9ST C11 C09  sing N N 11  
9ST C11 C14  sing N N 12  
9ST C33 N35  doub N N 13  
9ST C09 C06  sing N N 14  
9ST C26 C28  doub Y N 15  
9ST C26 C24  sing Y N 16  
9ST C28 C19  sing Y N 17  
9ST C06 N05  sing N N 18  
9ST C24 C22  doub Y N 19  
9ST C19 C14  sing N N 20  
9ST C19 C20  doub Y N 21  
9ST C14 C16  sing N N 22  
9ST C16 N05  sing N N 23  
9ST C22 C20  sing Y N 24  
9ST N05 C01  sing N N 25  
9ST C20 H1   sing N N 26  
9ST C22 H2   sing N N 27  
9ST C24 H3   sing N N 28  
9ST C26 H4   sing N N 29  
9ST C28 H5   sing N N 30  
9ST C01 H6   sing N N 31  
9ST C01 H7   sing N N 32  
9ST C01 H8   sing N N 33  
9ST C06 H10  sing N N 34  
9ST C06 H11  sing N N 35  
9ST C09 H12  sing N N 36  
9ST C11 H13  sing N N 37  
9ST C11 H14  sing N N 38  
9ST C14 H15  sing N N 39  
9ST C16 H16  sing N N 40  
9ST C16 H17  sing N N 41  
9ST C33 H18  sing N N 42  
9ST C37 H19  sing N N 43  
9ST C37 H20  sing N N 44  
9ST C37 H21  sing N N 45  
9ST N30 H9   sing N N 46  
ALA N   CA   sing N N 47  
ALA N   H    sing N N 48  
ALA N   H2   sing N N 49  
ALA CA  C    sing N N 50  
ALA CA  CB   sing N N 51  
ALA CA  HA   sing N N 52  
ALA C   O    doub N N 53  
ALA C   OXT  sing N N 54  
ALA CB  HB1  sing N N 55  
ALA CB  HB2  sing N N 56  
ALA CB  HB3  sing N N 57  
ALA OXT HXT  sing N N 58  
ARG N   CA   sing N N 59  
ARG N   H    sing N N 60  
ARG N   H2   sing N N 61  
ARG CA  C    sing N N 62  
ARG CA  CB   sing N N 63  
ARG CA  HA   sing N N 64  
ARG C   O    doub N N 65  
ARG C   OXT  sing N N 66  
ARG CB  CG   sing N N 67  
ARG CB  HB2  sing N N 68  
ARG CB  HB3  sing N N 69  
ARG CG  CD   sing N N 70  
ARG CG  HG2  sing N N 71  
ARG CG  HG3  sing N N 72  
ARG CD  NE   sing N N 73  
ARG CD  HD2  sing N N 74  
ARG CD  HD3  sing N N 75  
ARG NE  CZ   sing N N 76  
ARG NE  HE   sing N N 77  
ARG CZ  NH1  sing N N 78  
ARG CZ  NH2  doub N N 79  
ARG NH1 HH11 sing N N 80  
ARG NH1 HH12 sing N N 81  
ARG NH2 HH21 sing N N 82  
ARG NH2 HH22 sing N N 83  
ARG OXT HXT  sing N N 84  
ASN N   CA   sing N N 85  
ASN N   H    sing N N 86  
ASN N   H2   sing N N 87  
ASN CA  C    sing N N 88  
ASN CA  CB   sing N N 89  
ASN CA  HA   sing N N 90  
ASN C   O    doub N N 91  
ASN C   OXT  sing N N 92  
ASN CB  CG   sing N N 93  
ASN CB  HB2  sing N N 94  
ASN CB  HB3  sing N N 95  
ASN CG  OD1  doub N N 96  
ASN CG  ND2  sing N N 97  
ASN ND2 HD21 sing N N 98  
ASN ND2 HD22 sing N N 99  
ASN OXT HXT  sing N N 100 
ASP N   CA   sing N N 101 
ASP N   H    sing N N 102 
ASP N   H2   sing N N 103 
ASP CA  C    sing N N 104 
ASP CA  CB   sing N N 105 
ASP CA  HA   sing N N 106 
ASP C   O    doub N N 107 
ASP C   OXT  sing N N 108 
ASP CB  CG   sing N N 109 
ASP CB  HB2  sing N N 110 
ASP CB  HB3  sing N N 111 
ASP CG  OD1  doub N N 112 
ASP CG  OD2  sing N N 113 
ASP OD2 HD2  sing N N 114 
ASP OXT HXT  sing N N 115 
CYS N   CA   sing N N 116 
CYS N   H    sing N N 117 
CYS N   H2   sing N N 118 
CYS CA  C    sing N N 119 
CYS CA  CB   sing N N 120 
CYS CA  HA   sing N N 121 
CYS C   O    doub N N 122 
CYS C   OXT  sing N N 123 
CYS CB  SG   sing N N 124 
CYS CB  HB2  sing N N 125 
CYS CB  HB3  sing N N 126 
CYS SG  HG   sing N N 127 
CYS OXT HXT  sing N N 128 
GLN N   CA   sing N N 129 
GLN N   H    sing N N 130 
GLN N   H2   sing N N 131 
GLN CA  C    sing N N 132 
GLN CA  CB   sing N N 133 
GLN CA  HA   sing N N 134 
GLN C   O    doub N N 135 
GLN C   OXT  sing N N 136 
GLN CB  CG   sing N N 137 
GLN CB  HB2  sing N N 138 
GLN CB  HB3  sing N N 139 
GLN CG  CD   sing N N 140 
GLN CG  HG2  sing N N 141 
GLN CG  HG3  sing N N 142 
GLN CD  OE1  doub N N 143 
GLN CD  NE2  sing N N 144 
GLN NE2 HE21 sing N N 145 
GLN NE2 HE22 sing N N 146 
GLN OXT HXT  sing N N 147 
GLU N   CA   sing N N 148 
GLU N   H    sing N N 149 
GLU N   H2   sing N N 150 
GLU CA  C    sing N N 151 
GLU CA  CB   sing N N 152 
GLU CA  HA   sing N N 153 
GLU C   O    doub N N 154 
GLU C   OXT  sing N N 155 
GLU CB  CG   sing N N 156 
GLU CB  HB2  sing N N 157 
GLU CB  HB3  sing N N 158 
GLU CG  CD   sing N N 159 
GLU CG  HG2  sing N N 160 
GLU CG  HG3  sing N N 161 
GLU CD  OE1  doub N N 162 
GLU CD  OE2  sing N N 163 
GLU OE2 HE2  sing N N 164 
GLU OXT HXT  sing N N 165 
GLY N   CA   sing N N 166 
GLY N   H    sing N N 167 
GLY N   H2   sing N N 168 
GLY CA  C    sing N N 169 
GLY CA  HA2  sing N N 170 
GLY CA  HA3  sing N N 171 
GLY C   O    doub N N 172 
GLY C   OXT  sing N N 173 
GLY OXT HXT  sing N N 174 
HIS N   CA   sing N N 175 
HIS N   H    sing N N 176 
HIS N   H2   sing N N 177 
HIS CA  C    sing N N 178 
HIS CA  CB   sing N N 179 
HIS CA  HA   sing N N 180 
HIS C   O    doub N N 181 
HIS C   OXT  sing N N 182 
HIS CB  CG   sing N N 183 
HIS CB  HB2  sing N N 184 
HIS CB  HB3  sing N N 185 
HIS CG  ND1  sing Y N 186 
HIS CG  CD2  doub Y N 187 
HIS ND1 CE1  doub Y N 188 
HIS ND1 HD1  sing N N 189 
HIS CD2 NE2  sing Y N 190 
HIS CD2 HD2  sing N N 191 
HIS CE1 NE2  sing Y N 192 
HIS CE1 HE1  sing N N 193 
HIS NE2 HE2  sing N N 194 
HIS OXT HXT  sing N N 195 
HOH O   H1   sing N N 196 
HOH O   H2   sing N N 197 
ILE N   CA   sing N N 198 
ILE N   H    sing N N 199 
ILE N   H2   sing N N 200 
ILE CA  C    sing N N 201 
ILE CA  CB   sing N N 202 
ILE CA  HA   sing N N 203 
ILE C   O    doub N N 204 
ILE C   OXT  sing N N 205 
ILE CB  CG1  sing N N 206 
ILE CB  CG2  sing N N 207 
ILE CB  HB   sing N N 208 
ILE CG1 CD1  sing N N 209 
ILE CG1 HG12 sing N N 210 
ILE CG1 HG13 sing N N 211 
ILE CG2 HG21 sing N N 212 
ILE CG2 HG22 sing N N 213 
ILE CG2 HG23 sing N N 214 
ILE CD1 HD11 sing N N 215 
ILE CD1 HD12 sing N N 216 
ILE CD1 HD13 sing N N 217 
ILE OXT HXT  sing N N 218 
LEU N   CA   sing N N 219 
LEU N   H    sing N N 220 
LEU N   H2   sing N N 221 
LEU CA  C    sing N N 222 
LEU CA  CB   sing N N 223 
LEU CA  HA   sing N N 224 
LEU C   O    doub N N 225 
LEU C   OXT  sing N N 226 
LEU CB  CG   sing N N 227 
LEU CB  HB2  sing N N 228 
LEU CB  HB3  sing N N 229 
LEU CG  CD1  sing N N 230 
LEU CG  CD2  sing N N 231 
LEU CG  HG   sing N N 232 
LEU CD1 HD11 sing N N 233 
LEU CD1 HD12 sing N N 234 
LEU CD1 HD13 sing N N 235 
LEU CD2 HD21 sing N N 236 
LEU CD2 HD22 sing N N 237 
LEU CD2 HD23 sing N N 238 
LEU OXT HXT  sing N N 239 
LYS N   CA   sing N N 240 
LYS N   H    sing N N 241 
LYS N   H2   sing N N 242 
LYS CA  C    sing N N 243 
LYS CA  CB   sing N N 244 
LYS CA  HA   sing N N 245 
LYS C   O    doub N N 246 
LYS C   OXT  sing N N 247 
LYS CB  CG   sing N N 248 
LYS CB  HB2  sing N N 249 
LYS CB  HB3  sing N N 250 
LYS CG  CD   sing N N 251 
LYS CG  HG2  sing N N 252 
LYS CG  HG3  sing N N 253 
LYS CD  CE   sing N N 254 
LYS CD  HD2  sing N N 255 
LYS CD  HD3  sing N N 256 
LYS CE  NZ   sing N N 257 
LYS CE  HE2  sing N N 258 
LYS CE  HE3  sing N N 259 
LYS NZ  HZ1  sing N N 260 
LYS NZ  HZ2  sing N N 261 
LYS NZ  HZ3  sing N N 262 
LYS OXT HXT  sing N N 263 
MET N   CA   sing N N 264 
MET N   H    sing N N 265 
MET N   H2   sing N N 266 
MET CA  C    sing N N 267 
MET CA  CB   sing N N 268 
MET CA  HA   sing N N 269 
MET C   O    doub N N 270 
MET C   OXT  sing N N 271 
MET CB  CG   sing N N 272 
MET CB  HB2  sing N N 273 
MET CB  HB3  sing N N 274 
MET CG  SD   sing N N 275 
MET CG  HG2  sing N N 276 
MET CG  HG3  sing N N 277 
MET SD  CE   sing N N 278 
MET CE  HE1  sing N N 279 
MET CE  HE2  sing N N 280 
MET CE  HE3  sing N N 281 
MET OXT HXT  sing N N 282 
PHE N   CA   sing N N 283 
PHE N   H    sing N N 284 
PHE N   H2   sing N N 285 
PHE CA  C    sing N N 286 
PHE CA  CB   sing N N 287 
PHE CA  HA   sing N N 288 
PHE C   O    doub N N 289 
PHE C   OXT  sing N N 290 
PHE CB  CG   sing N N 291 
PHE CB  HB2  sing N N 292 
PHE CB  HB3  sing N N 293 
PHE CG  CD1  doub Y N 294 
PHE CG  CD2  sing Y N 295 
PHE CD1 CE1  sing Y N 296 
PHE CD1 HD1  sing N N 297 
PHE CD2 CE2  doub Y N 298 
PHE CD2 HD2  sing N N 299 
PHE CE1 CZ   doub Y N 300 
PHE CE1 HE1  sing N N 301 
PHE CE2 CZ   sing Y N 302 
PHE CE2 HE2  sing N N 303 
PHE CZ  HZ   sing N N 304 
PHE OXT HXT  sing N N 305 
PRO N   CA   sing N N 306 
PRO N   CD   sing N N 307 
PRO N   H    sing N N 308 
PRO CA  C    sing N N 309 
PRO CA  CB   sing N N 310 
PRO CA  HA   sing N N 311 
PRO C   O    doub N N 312 
PRO C   OXT  sing N N 313 
PRO CB  CG   sing N N 314 
PRO CB  HB2  sing N N 315 
PRO CB  HB3  sing N N 316 
PRO CG  CD   sing N N 317 
PRO CG  HG2  sing N N 318 
PRO CG  HG3  sing N N 319 
PRO CD  HD2  sing N N 320 
PRO CD  HD3  sing N N 321 
PRO OXT HXT  sing N N 322 
SER N   CA   sing N N 323 
SER N   H    sing N N 324 
SER N   H2   sing N N 325 
SER CA  C    sing N N 326 
SER CA  CB   sing N N 327 
SER CA  HA   sing N N 328 
SER C   O    doub N N 329 
SER C   OXT  sing N N 330 
SER CB  OG   sing N N 331 
SER CB  HB2  sing N N 332 
SER CB  HB3  sing N N 333 
SER OG  HG   sing N N 334 
SER OXT HXT  sing N N 335 
THR N   CA   sing N N 336 
THR N   H    sing N N 337 
THR N   H2   sing N N 338 
THR CA  C    sing N N 339 
THR CA  CB   sing N N 340 
THR CA  HA   sing N N 341 
THR C   O    doub N N 342 
THR C   OXT  sing N N 343 
THR CB  OG1  sing N N 344 
THR CB  CG2  sing N N 345 
THR CB  HB   sing N N 346 
THR OG1 HG1  sing N N 347 
THR CG2 HG21 sing N N 348 
THR CG2 HG22 sing N N 349 
THR CG2 HG23 sing N N 350 
THR OXT HXT  sing N N 351 
TRP N   CA   sing N N 352 
TRP N   H    sing N N 353 
TRP N   H2   sing N N 354 
TRP CA  C    sing N N 355 
TRP CA  CB   sing N N 356 
TRP CA  HA   sing N N 357 
TRP C   O    doub N N 358 
TRP C   OXT  sing N N 359 
TRP CB  CG   sing N N 360 
TRP CB  HB2  sing N N 361 
TRP CB  HB3  sing N N 362 
TRP CG  CD1  doub Y N 363 
TRP CG  CD2  sing Y N 364 
TRP CD1 NE1  sing Y N 365 
TRP CD1 HD1  sing N N 366 
TRP CD2 CE2  doub Y N 367 
TRP CD2 CE3  sing Y N 368 
TRP NE1 CE2  sing Y N 369 
TRP NE1 HE1  sing N N 370 
TRP CE2 CZ2  sing Y N 371 
TRP CE3 CZ3  doub Y N 372 
TRP CE3 HE3  sing N N 373 
TRP CZ2 CH2  doub Y N 374 
TRP CZ2 HZ2  sing N N 375 
TRP CZ3 CH2  sing Y N 376 
TRP CZ3 HZ3  sing N N 377 
TRP CH2 HH2  sing N N 378 
TRP OXT HXT  sing N N 379 
TYR N   CA   sing N N 380 
TYR N   H    sing N N 381 
TYR N   H2   sing N N 382 
TYR CA  C    sing N N 383 
TYR CA  CB   sing N N 384 
TYR CA  HA   sing N N 385 
TYR C   O    doub N N 386 
TYR C   OXT  sing N N 387 
TYR CB  CG   sing N N 388 
TYR CB  HB2  sing N N 389 
TYR CB  HB3  sing N N 390 
TYR CG  CD1  doub Y N 391 
TYR CG  CD2  sing Y N 392 
TYR CD1 CE1  sing Y N 393 
TYR CD1 HD1  sing N N 394 
TYR CD2 CE2  doub Y N 395 
TYR CD2 HD2  sing N N 396 
TYR CE1 CZ   doub Y N 397 
TYR CE1 HE1  sing N N 398 
TYR CE2 CZ   sing Y N 399 
TYR CE2 HE2  sing N N 400 
TYR CZ  OH   sing N N 401 
TYR OH  HH   sing N N 402 
TYR OXT HXT  sing N N 403 
VAL N   CA   sing N N 404 
VAL N   H    sing N N 405 
VAL N   H2   sing N N 406 
VAL CA  C    sing N N 407 
VAL CA  CB   sing N N 408 
VAL CA  HA   sing N N 409 
VAL C   O    doub N N 410 
VAL C   OXT  sing N N 411 
VAL CB  CG1  sing N N 412 
VAL CB  CG2  sing N N 413 
VAL CB  HB   sing N N 414 
VAL CG1 HG11 sing N N 415 
VAL CG1 HG12 sing N N 416 
VAL CG1 HG13 sing N N 417 
VAL CG2 HG21 sing N N 418 
VAL CG2 HG22 sing N N 419 
VAL CG2 HG23 sing N N 420 
VAL OXT HXT  sing N N 421 
# 
loop_
_pdbx_audit_support.funding_organization 
_pdbx_audit_support.country 
_pdbx_audit_support.grant_number 
_pdbx_audit_support.ordinal 
'Italian Association for Cancer Research' Italy       'MFAG 2017 - ID. 19882'     1 
'Swiss National Science Foundation'       Switzerland 'SNSF grant 310030B-189363' 2 
# 
_pdbx_initial_refinement_model.id               1 
_pdbx_initial_refinement_model.entity_id_list   ? 
_pdbx_initial_refinement_model.type             'experimental model' 
_pdbx_initial_refinement_model.source_name      PDB 
_pdbx_initial_refinement_model.accession_code   5MGJ 
_pdbx_initial_refinement_model.details          ? 
# 
_atom_sites.entry_id                    7BLB 
_atom_sites.Cartn_transf_matrix[1][1]   ? 
_atom_sites.Cartn_transf_matrix[1][2]   ? 
_atom_sites.Cartn_transf_matrix[1][3]   ? 
_atom_sites.Cartn_transf_matrix[2][1]   ? 
_atom_sites.Cartn_transf_matrix[2][2]   ? 
_atom_sites.Cartn_transf_matrix[2][3]   ? 
_atom_sites.Cartn_transf_matrix[3][1]   ? 
_atom_sites.Cartn_transf_matrix[3][2]   ? 
_atom_sites.Cartn_transf_matrix[3][3]   ? 
_atom_sites.Cartn_transf_vector[1]      ? 
_atom_sites.Cartn_transf_vector[2]      ? 
_atom_sites.Cartn_transf_vector[3]      ? 
_atom_sites.fract_transf_matrix[1][1]   0.00277271 
_atom_sites.fract_transf_matrix[1][2]   0.00306486 
_atom_sites.fract_transf_matrix[1][3]   0.01155524 
_atom_sites.fract_transf_matrix[2][1]   -0.00404792 
_atom_sites.fract_transf_matrix[2][2]   -0.00688827 
_atom_sites.fract_transf_matrix[2][3]   0.00931494 
_atom_sites.fract_transf_matrix[3][1]   0.02486980 
_atom_sites.fract_transf_matrix[3][2]   -0.01669622 
_atom_sites.fract_transf_matrix[3][3]   -0.00153915 
_atom_sites.fract_transf_vector[1]      -0.145824 
_atom_sites.fract_transf_vector[2]      0.366708 
_atom_sites.fract_transf_vector[3]      -0.489360 
_atom_sites.solution_primary            ? 
_atom_sites.solution_secondary          ? 
_atom_sites.solution_hydrogens          ? 
_atom_sites.special_details             ? 
# 
loop_
_atom_type.symbol 
BR 
C  
N  
O  
S  
# 
loop_
_atom_site.group_PDB 
_atom_site.id 
_atom_site.type_symbol 
_atom_site.label_atom_id 
_atom_site.label_alt_id 
_atom_site.label_comp_id 
_atom_site.label_asym_id 
_atom_site.label_entity_id 
_atom_site.label_seq_id 
_atom_site.pdbx_PDB_ins_code 
_atom_site.Cartn_x 
_atom_site.Cartn_y 
_atom_site.Cartn_z 
_atom_site.occupancy 
_atom_site.B_iso_or_equiv 
_atom_site.pdbx_formal_charge 
_atom_site.auth_seq_id 
_atom_site.auth_comp_id 
_atom_site.auth_asym_id 
_atom_site.auth_atom_id 
_atom_site.pdbx_PDB_model_num 
ATOM   1   N  N   . HIS A 1 3   ? 13.035  10.487  -13.587 1.00 82.27 ? 1796 HIS A N   1 
ATOM   2   C  CA  . HIS A 1 3   ? 12.583  9.315   -14.331 1.00 86.55 ? 1796 HIS A CA  1 
ATOM   3   C  C   . HIS A 1 3   ? 13.032  8.022   -13.652 1.00 82.97 ? 1796 HIS A C   1 
ATOM   4   O  O   . HIS A 1 3   ? 12.241  7.088   -13.508 1.00 83.06 ? 1796 HIS A O   1 
ATOM   5   C  CB  . HIS A 1 3   ? 13.095  9.356   -15.776 1.00 91.15 ? 1796 HIS A CB  1 
ATOM   6   C  CG  . HIS A 1 3   ? 12.890  8.073   -16.530 1.00 94.01 ? 1796 HIS A CG  1 
ATOM   7   N  ND1 . HIS A 1 3   ? 11.658  7.677   -17.008 1.00 93.84 ? 1796 HIS A ND1 1 
ATOM   8   C  CD2 . HIS A 1 3   ? 13.763  7.102   -16.895 1.00 90.99 ? 1796 HIS A CD2 1 
ATOM   9   C  CE1 . HIS A 1 3   ? 11.778  6.515   -17.628 1.00 87.72 ? 1796 HIS A CE1 1 
ATOM   10  N  NE2 . HIS A 1 3   ? 13.045  6.144   -17.574 1.00 87.87 ? 1796 HIS A NE2 1 
ATOM   11  N  N   . SER A 1 4   ? 14.304  7.957   -13.240 1.00 83.14 ? 1797 SER A N   1 
ATOM   12  C  CA  . SER A 1 4   ? 14.742  6.811   -12.450 1.00 81.21 ? 1797 SER A CA  1 
ATOM   13  C  C   . SER A 1 4   ? 14.060  6.783   -11.087 1.00 78.49 ? 1797 SER A C   1 
ATOM   14  O  O   . SER A 1 4   ? 13.939  5.707   -10.489 1.00 73.17 ? 1797 SER A O   1 
ATOM   15  C  CB  . SER A 1 4   ? 16.271  6.815   -12.291 1.00 81.27 ? 1797 SER A CB  1 
ATOM   16  O  OG  . SER A 1 4   ? 16.682  6.139   -11.111 1.00 78.84 ? 1797 SER A OG  1 
ATOM   17  N  N   . ASP A 1 5   ? 13.614  7.943   -10.592 1.00 80.49 ? 1798 ASP A N   1 
ATOM   18  C  CA  . ASP A 1 5   ? 12.797  7.976   -9.385  1.00 76.10 ? 1798 ASP A CA  1 
ATOM   19  C  C   . ASP A 1 5   ? 11.541  7.134   -9.568  1.00 73.79 ? 1798 ASP A C   1 
ATOM   20  O  O   . ASP A 1 5   ? 11.285  6.197   -8.802  1.00 73.21 ? 1798 ASP A O   1 
ATOM   21  C  CB  . ASP A 1 5   ? 12.439  9.424   -9.024  1.00 75.07 ? 1798 ASP A CB  1 
ATOM   22  C  CG  . ASP A 1 5   ? 13.442  10.058  -8.062  1.00 76.43 ? 1798 ASP A CG  1 
ATOM   23  O  OD1 . ASP A 1 5   ? 13.014  10.729  -7.096  1.00 73.08 ? 1798 ASP A OD1 1 
ATOM   24  O  OD2 . ASP A 1 5   ? 14.663  9.883   -8.269  1.00 82.95 ? 1798 ASP A OD2 1 
ATOM   25  N  N   . LEU A 1 6   ? 10.752  7.438   -10.599 1.00 70.92 ? 1799 LEU A N   1 
ATOM   26  C  CA  . LEU A 1 6   ? 9.533   6.676   -10.819 1.00 65.80 ? 1799 LEU A CA  1 
ATOM   27  C  C   . LEU A 1 6   ? 9.803   5.302   -11.422 1.00 62.71 ? 1799 LEU A C   1 
ATOM   28  O  O   . LEU A 1 6   ? 8.937   4.424   -11.359 1.00 60.26 ? 1799 LEU A O   1 
ATOM   29  C  CB  . LEU A 1 6   ? 8.569   7.486   -11.689 1.00 67.37 ? 1799 LEU A CB  1 
ATOM   30  C  CG  . LEU A 1 6   ? 7.531   8.250   -10.850 1.00 61.13 ? 1799 LEU A CG  1 
ATOM   31  C  CD1 . LEU A 1 6   ? 8.116   9.514   -10.243 1.00 64.36 ? 1799 LEU A CD1 1 
ATOM   32  C  CD2 . LEU A 1 6   ? 6.277   8.579   -11.646 1.00 66.81 ? 1799 LEU A CD2 1 
ATOM   33  N  N   . THR A 1 7   ? 10.995  5.086   -11.974 1.00 64.35 ? 1800 THR A N   1 
ATOM   34  C  CA  . THR A 1 7   ? 11.350  3.762   -12.468 1.00 61.16 ? 1800 THR A CA  1 
ATOM   35  C  C   . THR A 1 7   ? 11.501  2.767   -11.317 1.00 60.66 ? 1800 THR A C   1 
ATOM   36  O  O   . THR A 1 7   ? 11.097  1.602   -11.433 1.00 53.36 ? 1800 THR A O   1 
ATOM   37  C  CB  . THR A 1 7   ? 12.627  3.864   -13.306 1.00 69.76 ? 1800 THR A CB  1 
ATOM   38  O  OG1 . THR A 1 7   ? 12.283  4.297   -14.631 1.00 74.89 ? 1800 THR A OG1 1 
ATOM   39  C  CG2 . THR A 1 7   ? 13.363  2.540   -13.374 1.00 59.24 ? 1800 THR A CG2 1 
ATOM   40  N  N   . PHE A 1 8   ? 12.056  3.213   -10.183 1.00 60.82 ? 1801 PHE A N   1 
ATOM   41  C  CA  . PHE A 1 8   ? 12.114  2.345   -9.009  1.00 61.25 ? 1801 PHE A CA  1 
ATOM   42  C  C   . PHE A 1 8   ? 10.727  2.094   -8.426  1.00 53.61 ? 1801 PHE A C   1 
ATOM   43  O  O   . PHE A 1 8   ? 10.470  1.004   -7.902  1.00 50.88 ? 1801 PHE A O   1 
ATOM   44  C  CB  . PHE A 1 8   ? 13.049  2.939   -7.949  1.00 65.56 ? 1801 PHE A CB  1 
ATOM   45  C  CG  . PHE A 1 8   ? 14.516  2.728   -8.254  1.00 77.12 ? 1801 PHE A CG  1 
ATOM   46  C  CD1 . PHE A 1 8   ? 15.373  3.811   -8.447  1.00 77.68 ? 1801 PHE A CD1 1 
ATOM   47  C  CD2 . PHE A 1 8   ? 15.038  1.444   -8.366  1.00 74.98 ? 1801 PHE A CD2 1 
ATOM   48  C  CE1 . PHE A 1 8   ? 16.718  3.616   -8.742  1.00 74.09 ? 1801 PHE A CE1 1 
ATOM   49  C  CE2 . PHE A 1 8   ? 16.387  1.244   -8.655  1.00 77.12 ? 1801 PHE A CE2 1 
ATOM   50  C  CZ  . PHE A 1 8   ? 17.224  2.334   -8.843  1.00 75.85 ? 1801 PHE A CZ  1 
ATOM   51  N  N   . CYS A 1 9   ? 9.822   3.073   -8.530  1.00 49.01 ? 1802 CYS A N   1 
ATOM   52  C  CA  . CYS A 1 9   ? 8.469   2.884   -8.021  1.00 47.99 ? 1802 CYS A CA  1 
ATOM   53  C  C   . CYS A 1 9   ? 7.726   1.805   -8.801  1.00 46.44 ? 1802 CYS A C   1 
ATOM   54  O  O   . CYS A 1 9   ? 6.988   1.004   -8.211  1.00 39.67 ? 1802 CYS A O   1 
ATOM   55  C  CB  . CYS A 1 9   ? 7.701   4.205   -8.059  1.00 47.96 ? 1802 CYS A CB  1 
ATOM   56  S  SG  . CYS A 1 9   ? 8.395   5.508   -7.008  1.00 53.29 ? 1802 CYS A SG  1 
ATOM   57  N  N   . GLU A 1 10  ? 7.901   1.766   -10.127 1.00 48.46 ? 1803 GLU A N   1 
ATOM   58  C  CA  . GLU A 1 10  ? 7.288   0.692   -10.901 1.00 44.55 ? 1803 GLU A CA  1 
ATOM   59  C  C   . GLU A 1 10  ? 7.802   -0.666  -10.438 1.00 41.68 ? 1803 GLU A C   1 
ATOM   60  O  O   . GLU A 1 10  ? 7.016   -1.597  -10.238 1.00 40.24 ? 1803 GLU A O   1 
ATOM   61  C  CB  . GLU A 1 10  ? 7.546   0.894   -12.395 1.00 46.22 ? 1803 GLU A CB  1 
ATOM   62  C  CG  . GLU A 1 10  ? 6.786   2.069   -13.023 1.00 44.73 ? 1803 GLU A CG  1 
ATOM   63  C  CD  . GLU A 1 10  ? 5.358   1.721   -13.457 1.00 46.12 ? 1803 GLU A CD  1 
ATOM   64  O  OE1 . GLU A 1 10  ? 4.886   0.577   -13.227 1.00 45.56 ? 1803 GLU A OE1 1 
ATOM   65  O  OE2 . GLU A 1 10  ? 4.698   2.608   -14.035 1.00 51.99 ? 1803 GLU A OE2 1 
ATOM   66  N  N   . ILE A 1 11  ? 9.116   -0.782  -10.221 1.00 46.01 ? 1804 ILE A N   1 
ATOM   67  C  CA  . ILE A 1 11  ? 9.699   -2.043  -9.762  1.00 44.36 ? 1804 ILE A CA  1 
ATOM   68  C  C   . ILE A 1 11  ? 9.042   -2.497  -8.462  1.00 42.58 ? 1804 ILE A C   1 
ATOM   69  O  O   . ILE A 1 11  ? 8.583   -3.642  -8.342  1.00 36.65 ? 1804 ILE A O   1 
ATOM   70  C  CB  . ILE A 1 11  ? 11.221  -1.900  -9.595  1.00 44.36 ? 1804 ILE A CB  1 
ATOM   71  C  CG1 . ILE A 1 11  ? 11.905  -1.793  -10.956 1.00 47.29 ? 1804 ILE A CG1 1 
ATOM   72  C  CG2 . ILE A 1 11  ? 11.781  -3.080  -8.822  1.00 45.04 ? 1804 ILE A CG2 1 
ATOM   73  C  CD1 . ILE A 1 11  ? 13.346  -1.413  -10.867 1.00 52.70 ? 1804 ILE A CD1 1 
ATOM   74  N  N   . ILE A 1 12  ? 8.966   -1.596  -7.478  1.00 41.85 ? 1805 ILE A N   1 
ATOM   75  C  CA  . ILE A 1 12  ? 8.522   -1.988  -6.144  1.00 38.35 ? 1805 ILE A CA  1 
ATOM   76  C  C   . ILE A 1 12  ? 7.014   -2.232  -6.118  1.00 36.91 ? 1805 ILE A C   1 
ATOM   77  O  O   . ILE A 1 12  ? 6.533   -3.140  -5.429  1.00 35.37 ? 1805 ILE A O   1 
ATOM   78  C  CB  . ILE A 1 12  ? 8.958   -0.932  -5.112  1.00 43.37 ? 1805 ILE A CB  1 
ATOM   79  C  CG1 . ILE A 1 12  ? 8.436   -1.291  -3.732  1.00 44.92 ? 1805 ILE A CG1 1 
ATOM   80  C  CG2 . ILE A 1 12  ? 8.446   0.433   -5.469  1.00 46.17 ? 1805 ILE A CG2 1 
ATOM   81  C  CD1 . ILE A 1 12  ? 9.388   -0.856  -2.659  1.00 53.74 ? 1805 ILE A CD1 1 
ATOM   82  N  N   . LEU A 1 13  ? 6.243   -1.442  -6.876  1.00 36.25 ? 1806 LEU A N   1 
ATOM   83  C  CA  . LEU A 1 13  ? 4.802   -1.681  -6.946  1.00 36.25 ? 1806 LEU A CA  1 
ATOM   84  C  C   . LEU A 1 13  ? 4.490   -3.016  -7.622  1.00 36.09 ? 1806 LEU A C   1 
ATOM   85  O  O   . LEU A 1 13  ? 3.639   -3.775  -7.138  1.00 29.74 ? 1806 LEU A O   1 
ATOM   86  C  CB  . LEU A 1 13  ? 4.099   -0.531  -7.672  1.00 35.54 ? 1806 LEU A CB  1 
ATOM   87  C  CG  . LEU A 1 13  ? 2.568   -0.661  -7.706  1.00 38.10 ? 1806 LEU A CG  1 
ATOM   88  C  CD1 . LEU A 1 13  ? 2.030   -0.941  -6.303  1.00 35.89 ? 1806 LEU A CD1 1 
ATOM   89  C  CD2 . LEU A 1 13  ? 1.875   0.559   -8.312  1.00 36.04 ? 1806 LEU A CD2 1 
ATOM   90  N  N   . MET A 1 14  ? 5.175   -3.325  -8.734  1.00 37.44 ? 1807 MET A N   1 
ATOM   91  C  CA  . MET A 1 14  ? 5.052   -4.651  -9.345  1.00 36.77 ? 1807 MET A CA  1 
ATOM   92  C  C   . MET A 1 14  ? 5.465   -5.753  -8.369  1.00 35.96 ? 1807 MET A C   1 
ATOM   93  O  O   . MET A 1 14  ? 4.852   -6.830  -8.334  1.00 34.22 ? 1807 MET A O   1 
ATOM   94  C  CB  . MET A 1 14  ? 5.892   -4.732  -10.623 1.00 40.38 ? 1807 MET A CB  1 
ATOM   95  C  CG  . MET A 1 14  ? 6.223   -6.167  -11.066 1.00 42.90 ? 1807 MET A CG  1 
ATOM   96  S  SD  . MET A 1 14  ? 7.588   -6.326  -12.238 1.00 58.32 ? 1807 MET A SD  1 
ATOM   97  C  CE  . MET A 1 14  ? 8.810   -5.217  -11.528 1.00 47.11 ? 1807 MET A CE  1 
ATOM   98  N  N   . GLU A 1 15  ? 6.490   -5.503  -7.554  1.00 34.13 ? 1808 GLU A N   1 
ATOM   99  C  CA  . GLU A 1 15  ? 6.889   -6.522  -6.583  1.00 36.47 ? 1808 GLU A CA  1 
ATOM   100 C  C   . GLU A 1 15  ? 5.854   -6.653  -5.469  1.00 36.22 ? 1808 GLU A C   1 
ATOM   101 O  O   . GLU A 1 15  ? 5.533   -7.770  -5.041  1.00 37.43 ? 1808 GLU A O   1 
ATOM   102 C  CB  . GLU A 1 15  ? 8.283   -6.211  -6.038  1.00 36.39 ? 1808 GLU A CB  1 
ATOM   103 C  CG  . GLU A 1 15  ? 9.423   -6.675  -6.992  1.00 36.29 ? 1808 GLU A CG  1 
ATOM   104 C  CD  . GLU A 1 15  ? 10.802  -6.134  -6.600  1.00 49.90 ? 1808 GLU A CD  1 
ATOM   105 O  OE1 . GLU A 1 15  ? 10.898  -5.431  -5.574  1.00 51.68 ? 1808 GLU A OE1 1 
ATOM   106 O  OE2 . GLU A 1 15  ? 11.796  -6.401  -7.322  1.00 56.19 ? 1808 GLU A OE2 1 
ATOM   107 N  N   . MET A 1 16  ? 5.273   -5.538  -5.027  1.00 31.50 ? 1809 MET A N   1 
ATOM   108 C  CA  . MET A 1 16  ? 4.220   -5.643  -4.018  1.00 33.34 ? 1809 MET A CA  1 
ATOM   109 C  C   . MET A 1 16  ? 2.947   -6.229  -4.609  1.00 29.75 ? 1809 MET A C   1 
ATOM   110 O  O   . MET A 1 16  ? 2.283   -7.039  -3.960  1.00 27.58 ? 1809 MET A O   1 
ATOM   111 C  CB  . MET A 1 16  ? 3.928   -4.282  -3.386  1.00 29.64 ? 1809 MET A CB  1 
ATOM   112 C  CG  . MET A 1 16  ? 5.089   -3.688  -2.639  1.00 34.76 ? 1809 MET A CG  1 
ATOM   113 S  SD  . MET A 1 16  ? 4.632   -2.316  -1.560  1.00 42.20 ? 1809 MET A SD  1 
ATOM   114 C  CE  . MET A 1 16  ? 3.968   -1.114  -2.721  1.00 39.56 ? 1809 MET A CE  1 
ATOM   115 N  N   . GLU A 1 17  ? 2.600   -5.842  -5.843  1.00 32.93 ? 1810 GLU A N   1 
ATOM   116 C  CA  . GLU A 1 17  ? 1.394   -6.359  -6.488  1.00 34.41 ? 1810 GLU A CA  1 
ATOM   117 C  C   . GLU A 1 17  ? 1.382   -7.882  -6.565  1.00 37.01 ? 1810 GLU A C   1 
ATOM   118 O  O   . GLU A 1 17  ? 0.307   -8.495  -6.489  1.00 36.95 ? 1810 GLU A O   1 
ATOM   119 C  CB  . GLU A 1 17  ? 1.253   -5.776  -7.896  1.00 35.13 ? 1810 GLU A CB  1 
ATOM   120 C  CG  . GLU A 1 17  ? 0.678   -4.351  -7.953  1.00 39.62 ? 1810 GLU A CG  1 
ATOM   121 C  CD  . GLU A 1 17  ? 0.797   -3.746  -9.348  1.00 40.84 ? 1810 GLU A CD  1 
ATOM   122 O  OE1 . GLU A 1 17  ? 1.775   -4.072  -10.059 1.00 40.09 ? 1810 GLU A OE1 1 
ATOM   123 O  OE2 . GLU A 1 17  ? -0.088  -2.949  -9.734  1.00 41.43 ? 1810 GLU A OE2 1 
ATOM   124 N  N   . SER A 1 18  ? 2.556   -8.510  -6.704  1.00 35.59 ? 1811 SER A N   1 
ATOM   125 C  CA  . SER A 1 18  ? 2.664   -9.951  -6.908  1.00 37.04 ? 1811 SER A CA  1 
ATOM   126 C  C   . SER A 1 18  ? 3.116   -10.708 -5.657  1.00 40.83 ? 1811 SER A C   1 
ATOM   127 O  O   . SER A 1 18  ? 3.353   -11.919 -5.720  1.00 37.46 ? 1811 SER A O   1 
ATOM   128 C  CB  . SER A 1 18  ? 3.621   -10.223 -8.064  1.00 38.23 ? 1811 SER A CB  1 
ATOM   129 O  OG  . SER A 1 18  ? 4.937   -9.868  -7.686  1.00 43.19 ? 1811 SER A OG  1 
ATOM   130 N  N   . HIS A 1 19  ? 3.229   -10.027 -4.525  1.00 40.25 ? 1812 HIS A N   1 
ATOM   131 C  CA  . HIS A 1 19  ? 3.635   -10.661 -3.280  1.00 33.63 ? 1812 HIS A CA  1 
ATOM   132 C  C   . HIS A 1 19  ? 2.514   -11.524 -2.703  1.00 34.01 ? 1812 HIS A C   1 
ATOM   133 O  O   . HIS A 1 19  ? 1.338   -11.173 -2.806  1.00 31.94 ? 1812 HIS A O   1 
ATOM   134 C  CB  . HIS A 1 19  ? 4.026   -9.570  -2.297  1.00 30.27 ? 1812 HIS A CB  1 
ATOM   135 C  CG  . HIS A 1 19  ? 4.867   -10.040 -1.165  1.00 29.37 ? 1812 HIS A CG  1 
ATOM   136 N  ND1 . HIS A 1 19  ? 4.394   -10.887 -0.189  1.00 31.75 ? 1812 HIS A ND1 1 
ATOM   137 C  CD2 . HIS A 1 19  ? 6.141   -9.741  -0.823  1.00 32.62 ? 1812 HIS A CD2 1 
ATOM   138 C  CE1 . HIS A 1 19  ? 5.347   -11.109 0.696   1.00 28.89 ? 1812 HIS A CE1 1 
ATOM   139 N  NE2 . HIS A 1 19  ? 6.416   -10.421 0.336   1.00 33.86 ? 1812 HIS A NE2 1 
ATOM   140 N  N   . ASP A 1 20  ? 2.891   -12.656 -2.087  1.00 32.84 ? 1813 ASP A N   1 
ATOM   141 C  CA  . ASP A 1 20  ? 1.922   -13.552 -1.442  1.00 34.50 ? 1813 ASP A CA  1 
ATOM   142 C  C   . ASP A 1 20  ? 1.032   -12.823 -0.440  1.00 34.27 ? 1813 ASP A C   1 
ATOM   143 O  O   . ASP A 1 20  ? -0.170  -13.101 -0.350  1.00 32.46 ? 1813 ASP A O   1 
ATOM   144 C  CB  . ASP A 1 20  ? 2.637   -14.692 -0.697  1.00 37.37 ? 1813 ASP A CB  1 
ATOM   145 C  CG  . ASP A 1 20  ? 3.162   -15.791 -1.623  1.00 42.26 ? 1813 ASP A CG  1 
ATOM   146 O  OD1 . ASP A 1 20  ? 3.087   -15.640 -2.864  1.00 37.70 ? 1813 ASP A OD1 1 
ATOM   147 O  OD2 . ASP A 1 20  ? 3.649   -16.815 -1.081  1.00 38.26 ? 1813 ASP A OD2 1 
ATOM   148 N  N   . ALA A 1 21  ? 1.609   -11.934 0.368   1.00 32.09 ? 1814 ALA A N   1 
ATOM   149 C  CA  . ALA A 1 21  ? 0.845   -11.293 1.435   1.00 34.66 ? 1814 ALA A CA  1 
ATOM   150 C  C   . ALA A 1 21  ? 0.117   -10.030 0.981   1.00 30.21 ? 1814 ALA A C   1 
ATOM   151 O  O   . ALA A 1 21  ? -0.413  -9.300  1.826   1.00 31.96 ? 1814 ALA A O   1 
ATOM   152 C  CB  . ALA A 1 21  ? 1.757   -10.963 2.622   1.00 28.69 ? 1814 ALA A CB  1 
ATOM   153 N  N   . ALA A 1 22  ? 0.104   -9.743  -0.322  1.00 32.69 ? 1815 ALA A N   1 
ATOM   154 C  CA  . ALA A 1 22  ? -0.536  -8.541  -0.841  1.00 30.76 ? 1815 ALA A CA  1 
ATOM   155 C  C   . ALA A 1 22  ? -2.045  -8.655  -0.939  1.00 31.15 ? 1815 ALA A C   1 
ATOM   156 O  O   . ALA A 1 22  ? -2.697  -7.652  -1.249  1.00 37.65 ? 1815 ALA A O   1 
ATOM   157 C  CB  . ALA A 1 22  ? 0.003   -8.189  -2.227  1.00 24.40 ? 1815 ALA A CB  1 
ATOM   158 N  N   . TRP A 1 23  ? -2.617  -9.829  -0.678  1.00 32.38 ? 1816 TRP A N   1 
ATOM   159 C  CA  . TRP A 1 23  ? -4.038  -10.029 -0.951  1.00 35.39 ? 1816 TRP A CA  1 
ATOM   160 C  C   . TRP A 1 23  ? -5.004  -9.062  -0.245  1.00 35.68 ? 1816 TRP A C   1 
ATOM   161 O  O   . TRP A 1 23  ? -6.091  -8.840  -0.800  1.00 39.65 ? 1816 TRP A O   1 
ATOM   162 C  CB  . TRP A 1 23  ? -4.410  -11.482 -0.634  1.00 34.31 ? 1816 TRP A CB  1 
ATOM   163 C  CG  . TRP A 1 23  ? -4.121  -11.880 0.773   1.00 35.81 ? 1816 TRP A CG  1 
ATOM   164 C  CD1 . TRP A 1 23  ? -2.965  -12.409 1.252   1.00 36.49 ? 1816 TRP A CD1 1 
ATOM   165 C  CD2 . TRP A 1 23  ? -5.011  -11.774 1.892   1.00 36.73 ? 1816 TRP A CD2 1 
ATOM   166 N  NE1 . TRP A 1 23  ? -3.074  -12.642 2.606   1.00 37.49 ? 1816 TRP A NE1 1 
ATOM   167 C  CE2 . TRP A 1 23  ? -4.318  -12.254 3.023   1.00 34.15 ? 1816 TRP A CE2 1 
ATOM   168 C  CE3 . TRP A 1 23  ? -6.324  -11.300 2.050   1.00 38.83 ? 1816 TRP A CE3 1 
ATOM   169 C  CZ2 . TRP A 1 23  ? -4.899  -12.291 4.297   1.00 35.70 ? 1816 TRP A CZ2 1 
ATOM   170 C  CZ3 . TRP A 1 23  ? -6.902  -11.336 3.309   1.00 35.56 ? 1816 TRP A CZ3 1 
ATOM   171 C  CH2 . TRP A 1 23  ? -6.191  -11.827 4.417   1.00 41.92 ? 1816 TRP A CH2 1 
ATOM   172 N  N   . PRO A 1 24  ? -4.722  -8.481  0.932   1.00 39.72 ? 1817 PRO A N   1 
ATOM   173 C  CA  . PRO A 1 24  ? -5.673  -7.489  1.470   1.00 33.06 ? 1817 PRO A CA  1 
ATOM   174 C  C   . PRO A 1 24  ? -5.601  -6.140  0.794   1.00 34.46 ? 1817 PRO A C   1 
ATOM   175 O  O   . PRO A 1 24  ? -6.499  -5.311  1.021   1.00 35.58 ? 1817 PRO A O   1 
ATOM   176 C  CB  . PRO A 1 24  ? -5.271  -7.367  2.952   1.00 34.59 ? 1817 PRO A CB  1 
ATOM   177 C  CG  . PRO A 1 24  ? -4.411  -8.599  3.235   1.00 35.03 ? 1817 PRO A CG  1 
ATOM   178 C  CD  . PRO A 1 24  ? -3.684  -8.799  1.938   1.00 32.69 ? 1817 PRO A CD  1 
ATOM   179 N  N   . PHE A 1 25  ? -4.603  -5.895  -0.056  1.00 32.23 ? 1818 PHE A N   1 
ATOM   180 C  CA  . PHE A 1 25  ? -4.311  -4.532  -0.492  1.00 30.71 ? 1818 PHE A CA  1 
ATOM   181 C  C   . PHE A 1 25  ? -4.395  -4.323  -1.997  1.00 33.33 ? 1818 PHE A C   1 
ATOM   182 O  O   . PHE A 1 25  ? -4.060  -3.232  -2.477  1.00 32.92 ? 1818 PHE A O   1 
ATOM   183 C  CB  . PHE A 1 25  ? -2.933  -4.109  0.017   1.00 30.92 ? 1818 PHE A CB  1 
ATOM   184 C  CG  . PHE A 1 25  ? -2.673  -4.520  1.434   1.00 33.83 ? 1818 PHE A CG  1 
ATOM   185 C  CD1 . PHE A 1 25  ? -3.374  -3.926  2.486   1.00 28.20 ? 1818 PHE A CD1 1 
ATOM   186 C  CD2 . PHE A 1 25  ? -1.754  -5.518  1.724   1.00 30.93 ? 1818 PHE A CD2 1 
ATOM   187 C  CE1 . PHE A 1 25  ? -3.147  -4.307  3.802   1.00 28.99 ? 1818 PHE A CE1 1 
ATOM   188 C  CE2 . PHE A 1 25  ? -1.515  -5.914  3.061   1.00 31.00 ? 1818 PHE A CE2 1 
ATOM   189 C  CZ  . PHE A 1 25  ? -2.212  -5.312  4.095   1.00 31.71 ? 1818 PHE A CZ  1 
ATOM   190 N  N   . LEU A 1 26  ? -4.841  -5.324  -2.759  1.00 38.03 ? 1819 LEU A N   1 
ATOM   191 C  CA  . LEU A 1 26  ? -4.841  -5.180  -4.212  1.00 36.71 ? 1819 LEU A CA  1 
ATOM   192 C  C   . LEU A 1 26  ? -5.986  -4.286  -4.695  1.00 40.45 ? 1819 LEU A C   1 
ATOM   193 O  O   . LEU A 1 26  ? -5.896  -3.713  -5.789  1.00 40.17 ? 1819 LEU A O   1 
ATOM   194 C  CB  . LEU A 1 26  ? -4.912  -6.553  -4.878  1.00 33.32 ? 1819 LEU A CB  1 
ATOM   195 C  CG  . LEU A 1 26  ? -3.845  -7.603  -4.534  1.00 35.16 ? 1819 LEU A CG  1 
ATOM   196 C  CD1 . LEU A 1 26  ? -4.274  -8.964  -5.060  1.00 33.10 ? 1819 LEU A CD1 1 
ATOM   197 C  CD2 . LEU A 1 26  ? -2.494  -7.220  -5.109  1.00 30.67 ? 1819 LEU A CD2 1 
ATOM   198 N  N   . GLU A 1 27  ? -7.057  -4.149  -3.909  1.00 38.02 ? 1820 GLU A N   1 
ATOM   199 C  CA  . GLU A 1 27  ? -8.244  -3.393  -4.295  1.00 41.55 ? 1820 GLU A CA  1 
ATOM   200 C  C   . GLU A 1 27  ? -8.801  -2.620  -3.105  1.00 40.46 ? 1820 GLU A C   1 
ATOM   201 O  O   . GLU A 1 27  ? -8.653  -3.060  -1.963  1.00 40.30 ? 1820 GLU A O   1 
ATOM   202 C  CB  . GLU A 1 27  ? -9.330  -4.327  -4.844  1.00 48.09 ? 1820 GLU A CB  1 
ATOM   203 C  CG  . GLU A 1 27  ? -8.794  -5.303  -5.886  1.00 56.60 ? 1820 GLU A CG  1 
ATOM   204 C  CD  . GLU A 1 27  ? -9.746  -5.502  -7.034  1.00 60.13 ? 1820 GLU A CD  1 
ATOM   205 O  OE1 . GLU A 1 27  ? -10.850 -6.060  -6.799  1.00 63.53 ? 1820 GLU A OE1 1 
ATOM   206 O  OE2 . GLU A 1 27  ? -9.382  -5.071  -8.159  1.00 60.28 ? 1820 GLU A OE2 1 
ATOM   207 N  N   . PRO A 1 28  ? -9.484  -1.496  -3.350  1.00 34.04 ? 1821 PRO A N   1 
ATOM   208 C  CA  . PRO A 1 28  ? -10.033 -0.711  -2.233  1.00 35.81 ? 1821 PRO A CA  1 
ATOM   209 C  C   . PRO A 1 28  ? -10.922 -1.552  -1.332  1.00 38.43 ? 1821 PRO A C   1 
ATOM   210 O  O   . PRO A 1 28  ? -11.671 -2.417  -1.796  1.00 38.37 ? 1821 PRO A O   1 
ATOM   211 C  CB  . PRO A 1 28  ? -10.839 0.388   -2.937  1.00 38.87 ? 1821 PRO A CB  1 
ATOM   212 C  CG  . PRO A 1 28  ? -10.240 0.486   -4.294  1.00 42.04 ? 1821 PRO A CG  1 
ATOM   213 C  CD  . PRO A 1 28  ? -9.844  -0.917  -4.650  1.00 41.24 ? 1821 PRO A CD  1 
ATOM   214 N  N   . VAL A 1 29  ? -10.818 -1.304  -0.024  1.00 30.66 ? 1822 VAL A N   1 
ATOM   215 C  CA  . VAL A 1 29  ? -11.732 -1.945  0.911   1.00 34.39 ? 1822 VAL A CA  1 
ATOM   216 C  C   . VAL A 1 29  ? -13.155 -1.525  0.553   1.00 39.97 ? 1822 VAL A C   1 
ATOM   217 O  O   . VAL A 1 29  ? -13.404 -0.375  0.171   1.00 35.56 ? 1822 VAL A O   1 
ATOM   218 C  CB  . VAL A 1 29  ? -11.392 -1.568  2.364   1.00 34.19 ? 1822 VAL A CB  1 
ATOM   219 C  CG1 . VAL A 1 29  ? -12.400 -2.163  3.315   1.00 36.89 ? 1822 VAL A CG1 1 
ATOM   220 C  CG2 . VAL A 1 29  ? -9.991  -2.027  2.743   1.00 42.50 ? 1822 VAL A CG2 1 
ATOM   221 N  N   . ASN A 1 30  ? -14.096 -2.464  0.657   1.00 42.70 ? 1823 ASN A N   1 
ATOM   222 C  CA  . ASN A 1 30  ? -15.479 -2.161  0.347   1.00 36.71 ? 1823 ASN A CA  1 
ATOM   223 C  C   . ASN A 1 30  ? -16.210 -1.823  1.629   1.00 35.40 ? 1823 ASN A C   1 
ATOM   224 O  O   . ASN A 1 30  ? -16.529 -2.734  2.409   1.00 33.78 ? 1823 ASN A O   1 
ATOM   225 C  CB  . ASN A 1 30  ? -16.157 -3.327  -0.363  1.00 39.30 ? 1823 ASN A CB  1 
ATOM   226 C  CG  . ASN A 1 30  ? -17.469 -2.915  -1.026  1.00 44.33 ? 1823 ASN A CG  1 
ATOM   227 O  OD1 . ASN A 1 30  ? -18.106 -1.936  -0.616  1.00 39.47 ? 1823 ASN A OD1 1 
ATOM   228 N  ND2 . ASN A 1 30  ? -17.871 -3.653  -2.062  1.00 39.50 ? 1823 ASN A ND2 1 
ATOM   229 N  N   . PRO A 1 31  ? -16.510 -0.547  1.880   1.00 37.45 ? 1824 PRO A N   1 
ATOM   230 C  CA  . PRO A 1 31  ? -17.145 -0.170  3.154   1.00 38.16 ? 1824 PRO A CA  1 
ATOM   231 C  C   . PRO A 1 31  ? -18.461 -0.871  3.413   1.00 37.39 ? 1824 PRO A C   1 
ATOM   232 O  O   . PRO A 1 31  ? -18.843 -1.013  4.583   1.00 35.46 ? 1824 PRO A O   1 
ATOM   233 C  CB  . PRO A 1 31  ? -17.345 1.347   3.018   1.00 39.61 ? 1824 PRO A CB  1 
ATOM   234 C  CG  . PRO A 1 31  ? -17.260 1.629   1.571   1.00 44.34 ? 1824 PRO A CG  1 
ATOM   235 C  CD  . PRO A 1 31  ? -16.321 0.612   0.991   1.00 40.62 ? 1824 PRO A CD  1 
ATOM   236 N  N   . ARG A 1 32  ? -19.171 -1.305  2.368   1.00 34.36 ? 1825 ARG A N   1 
ATOM   237 C  CA  . ARG A 1 32  ? -20.398 -2.064  2.585   1.00 36.82 ? 1825 ARG A CA  1 
ATOM   238 C  C   . ARG A 1 32  ? -20.105 -3.440  3.158   1.00 34.73 ? 1825 ARG A C   1 
ATOM   239 O  O   . ARG A 1 32  ? -20.959 -4.029  3.822   1.00 37.85 ? 1825 ARG A O   1 
ATOM   240 C  CB  . ARG A 1 32  ? -21.187 -2.208  1.284   1.00 37.60 ? 1825 ARG A CB  1 
ATOM   241 C  CG  . ARG A 1 32  ? -21.795 -0.914  0.725   1.00 33.86 ? 1825 ARG A CG  1 
ATOM   242 C  CD  . ARG A 1 32  ? -22.217 -1.159  -0.714  1.00 36.78 ? 1825 ARG A CD  1 
ATOM   243 N  NE  . ARG A 1 32  ? -22.850 -0.014  -1.362  1.00 38.01 ? 1825 ARG A NE  1 
ATOM   244 C  CZ  . ARG A 1 32  ? -23.153 0.021   -2.659  1.00 39.93 ? 1825 ARG A CZ  1 
ATOM   245 N  NH1 . ARG A 1 32  ? -22.857 -1.019  -3.448  1.00 35.39 ? 1825 ARG A NH1 1 
ATOM   246 N  NH2 . ARG A 1 32  ? -23.728 1.096   -3.174  1.00 35.31 ? 1825 ARG A NH2 1 
ATOM   247 N  N   . LEU A 1 33  ? -18.917 -3.975  2.913   1.00 36.00 ? 1826 LEU A N   1 
ATOM   248 C  CA  . LEU A 1 33  ? -18.572 -5.286  3.442   1.00 38.57 ? 1826 LEU A CA  1 
ATOM   249 C  C   . LEU A 1 33  ? -17.804 -5.223  4.753   1.00 35.71 ? 1826 LEU A C   1 
ATOM   250 O  O   . LEU A 1 33  ? -17.729 -6.232  5.452   1.00 36.34 ? 1826 LEU A O   1 
ATOM   251 C  CB  . LEU A 1 33  ? -17.761 -6.081  2.412   1.00 37.56 ? 1826 LEU A CB  1 
ATOM   252 C  CG  . LEU A 1 33  ? -18.484 -6.185  1.057   1.00 43.47 ? 1826 LEU A CG  1 
ATOM   253 C  CD1 . LEU A 1 33  ? -17.610 -6.805  -0.026  1.00 35.54 ? 1826 LEU A CD1 1 
ATOM   254 C  CD2 . LEU A 1 33  ? -19.801 -6.946  1.202   1.00 43.22 ? 1826 LEU A CD2 1 
ATOM   255 N  N   . VAL A 1 34  ? -17.270 -4.063  5.121   1.00 36.20 ? 1827 VAL A N   1 
ATOM   256 C  CA  . VAL A 1 34  ? -16.395 -3.942  6.281   1.00 36.52 ? 1827 VAL A CA  1 
ATOM   257 C  C   . VAL A 1 34  ? -16.996 -2.910  7.227   1.00 41.55 ? 1827 VAL A C   1 
ATOM   258 O  O   . VAL A 1 34  ? -16.806 -1.697  7.057   1.00 36.26 ? 1827 VAL A O   1 
ATOM   259 C  CB  . VAL A 1 34  ? -14.965 -3.577  5.880   1.00 37.87 ? 1827 VAL A CB  1 
ATOM   260 C  CG1 . VAL A 1 34  ? -14.058 -3.575  7.100   1.00 35.89 ? 1827 VAL A CG1 1 
ATOM   261 C  CG2 . VAL A 1 34  ? -14.453 -4.577  4.824   1.00 33.96 ? 1827 VAL A CG2 1 
ATOM   262 N  N   . SER A 1 35  ? -17.704 -3.401  8.242   1.00 36.91 ? 1828 SER A N   1 
ATOM   263 C  CA  . SER A 1 35  ? -18.427 -2.539  9.154   1.00 44.69 ? 1828 SER A CA  1 
ATOM   264 C  C   . SER A 1 35  ? -17.461 -1.640  9.907   1.00 44.79 ? 1828 SER A C   1 
ATOM   265 O  O   . SER A 1 35  ? -16.421 -2.093  10.396  1.00 45.36 ? 1828 SER A O   1 
ATOM   266 C  CB  . SER A 1 35  ? -19.243 -3.379  10.136  1.00 50.31 ? 1828 SER A CB  1 
ATOM   267 O  OG  . SER A 1 35  ? -19.468 -2.657  11.336  1.00 55.71 ? 1828 SER A OG  1 
ATOM   268 N  N   . GLY A 1 36  ? -17.802 -0.361  9.982   1.00 40.40 ? 1829 GLY A N   1 
ATOM   269 C  CA  . GLY A 1 36  ? -16.992 0.610   10.683  1.00 40.99 ? 1829 GLY A CA  1 
ATOM   270 C  C   . GLY A 1 36  ? -15.804 1.154   9.923   1.00 37.31 ? 1829 GLY A C   1 
ATOM   271 O  O   . GLY A 1 36  ? -15.065 1.976   10.485  1.00 37.42 ? 1829 GLY A O   1 
ATOM   272 N  N   . TYR A 1 37  ? -15.599 0.752   8.663   1.00 35.24 ? 1830 TYR A N   1 
ATOM   273 C  CA  . TYR A 1 37  ? -14.371 1.128   7.968   1.00 35.33 ? 1830 TYR A CA  1 
ATOM   274 C  C   . TYR A 1 37  ? -14.351 2.610   7.620   1.00 33.59 ? 1830 TYR A C   1 
ATOM   275 O  O   . TYR A 1 37  ? -13.348 3.293   7.848   1.00 30.10 ? 1830 TYR A O   1 
ATOM   276 C  CB  . TYR A 1 37  ? -14.167 0.277   6.706   1.00 34.72 ? 1830 TYR A CB  1 
ATOM   277 C  CG  . TYR A 1 37  ? -12.725 0.325   6.237   1.00 31.18 ? 1830 TYR A CG  1 
ATOM   278 C  CD1 . TYR A 1 37  ? -11.740 -0.460  6.855   1.00 37.29 ? 1830 TYR A CD1 1 
ATOM   279 C  CD2 . TYR A 1 37  ? -12.337 1.167   5.213   1.00 31.76 ? 1830 TYR A CD2 1 
ATOM   280 C  CE1 . TYR A 1 37  ? -10.395 -0.404  6.445   1.00 33.29 ? 1830 TYR A CE1 1 
ATOM   281 C  CE2 . TYR A 1 37  ? -11.009 1.244   4.799   1.00 30.96 ? 1830 TYR A CE2 1 
ATOM   282 C  CZ  . TYR A 1 37  ? -10.046 0.451   5.413   1.00 34.88 ? 1830 TYR A CZ  1 
ATOM   283 O  OH  . TYR A 1 37  ? -8.738  0.527   5.002   1.00 34.18 ? 1830 TYR A OH  1 
ATOM   284 N  N   . ARG A 1 38  ? -15.445 3.128   7.055   1.00 36.70 ? 1831 ARG A N   1 
ATOM   285 C  CA  . ARG A 1 38  ? -15.453 4.535   6.657   1.00 37.52 ? 1831 ARG A CA  1 
ATOM   286 C  C   . ARG A 1 38  ? -15.355 5.451   7.871   1.00 36.79 ? 1831 ARG A C   1 
ATOM   287 O  O   . ARG A 1 38  ? -14.683 6.490   7.824   1.00 36.82 ? 1831 ARG A O   1 
ATOM   288 C  CB  . ARG A 1 38  ? -16.709 4.855   5.851   1.00 42.25 ? 1831 ARG A CB  1 
ATOM   289 C  CG  . ARG A 1 38  ? -16.576 4.551   4.351   1.00 50.29 ? 1831 ARG A CG  1 
ATOM   290 C  CD  . ARG A 1 38  ? -15.491 5.366   3.633   1.00 46.64 ? 1831 ARG A CD  1 
ATOM   291 N  NE  . ARG A 1 38  ? -15.614 5.220   2.174   1.00 54.49 ? 1831 ARG A NE  1 
ATOM   292 C  CZ  . ARG A 1 38  ? -14.863 4.417   1.411   1.00 66.07 ? 1831 ARG A CZ  1 
ATOM   293 N  NH1 . ARG A 1 38  ? -13.882 3.669   1.949   1.00 55.05 ? 1831 ARG A NH1 1 
ATOM   294 N  NH2 . ARG A 1 38  ? -15.091 4.373   0.099   1.00 56.24 ? 1831 ARG A NH2 1 
ATOM   295 N  N   . ARG A 1 39  ? -16.007 5.070   8.973   1.00 33.51 ? 1832 ARG A N   1 
ATOM   296 C  CA  . ARG A 1 39  ? -15.883 5.817   10.223  1.00 35.97 ? 1832 ARG A CA  1 
ATOM   297 C  C   . ARG A 1 39  ? -14.427 5.927   10.682  1.00 34.19 ? 1832 ARG A C   1 
ATOM   298 O  O   . ARG A 1 39  ? -13.967 7.016   11.043  1.00 34.53 ? 1832 ARG A O   1 
ATOM   299 C  CB  . ARG A 1 39  ? -16.749 5.154   11.304  1.00 41.22 ? 1832 ARG A CB  1 
ATOM   300 C  CG  . ARG A 1 39  ? -16.618 5.781   12.705  1.00 43.43 ? 1832 ARG A CG  1 
ATOM   301 C  CD  . ARG A 1 39  ? -17.659 5.271   13.723  1.00 38.15 ? 1832 ARG A CD  1 
ATOM   302 N  NE  . ARG A 1 39  ? -17.856 3.814   13.725  1.00 43.44 ? 1832 ARG A NE  1 
ATOM   303 C  CZ  . ARG A 1 39  ? -17.052 2.935   14.336  1.00 45.19 ? 1832 ARG A CZ  1 
ATOM   304 N  NH1 . ARG A 1 39  ? -15.970 3.347   14.990  1.00 42.51 ? 1832 ARG A NH1 1 
ATOM   305 N  NH2 . ARG A 1 39  ? -17.324 1.635   14.293  1.00 45.25 ? 1832 ARG A NH2 1 
ATOM   306 N  N   . ILE A 1 40  ? -13.682 4.820   10.658  1.00 39.16 ? 1833 ILE A N   1 
ATOM   307 C  CA  . ILE A 1 40  ? -12.358 4.770   11.295  1.00 36.87 ? 1833 ILE A CA  1 
ATOM   308 C  C   . ILE A 1 40  ? -11.231 5.197   10.352  1.00 38.63 ? 1833 ILE A C   1 
ATOM   309 O  O   . ILE A 1 40  ? -10.262 5.834   10.781  1.00 40.84 ? 1833 ILE A O   1 
ATOM   310 C  CB  . ILE A 1 40  ? -12.110 3.358   11.850  1.00 35.02 ? 1833 ILE A CB  1 
ATOM   311 C  CG1 . ILE A 1 40  ? -13.015 3.103   13.052  1.00 30.74 ? 1833 ILE A CG1 1 
ATOM   312 C  CG2 . ILE A 1 40  ? -10.636 3.181   12.221  1.00 35.40 ? 1833 ILE A CG2 1 
ATOM   313 C  CD1 . ILE A 1 40  ? -13.066 1.661   13.451  1.00 35.85 ? 1833 ILE A CD1 1 
ATOM   314 N  N   . ILE A 1 41  ? -11.307 4.841   9.072   1.00 37.21 ? 1834 ILE A N   1 
ATOM   315 C  CA  . ILE A 1 41  ? -10.228 5.089   8.122   1.00 37.23 ? 1834 ILE A CA  1 
ATOM   316 C  C   . ILE A 1 41  ? -10.624 6.305   7.297   1.00 36.21 ? 1834 ILE A C   1 
ATOM   317 O  O   . ILE A 1 41  ? -11.538 6.239   6.468   1.00 35.33 ? 1834 ILE A O   1 
ATOM   318 C  CB  . ILE A 1 41  ? -9.952  3.857   7.244   1.00 33.01 ? 1834 ILE A CB  1 
ATOM   319 C  CG1 . ILE A 1 41  ? -9.307  2.747   8.078   1.00 35.76 ? 1834 ILE A CG1 1 
ATOM   320 C  CG2 . ILE A 1 41  ? -9.053  4.208   6.050   1.00 27.61 ? 1834 ILE A CG2 1 
ATOM   321 C  CD1 . ILE A 1 41  ? -8.016  3.169   8.744   1.00 30.70 ? 1834 ILE A CD1 1 
ATOM   322 N  N   . LYS A 1 42  ? -9.933  7.419   7.520   1.00 38.09 ? 1835 LYS A N   1 
ATOM   323 C  CA  . LYS A 1 42  ? -10.302 8.671   6.872   1.00 36.66 ? 1835 LYS A CA  1 
ATOM   324 C  C   . LYS A 1 42  ? -9.822  8.736   5.423   1.00 40.09 ? 1835 LYS A C   1 
ATOM   325 O  O   . LYS A 1 42  ? -10.532 9.263   4.562   1.00 45.48 ? 1835 LYS A O   1 
ATOM   326 C  CB  . LYS A 1 42  ? -9.737  9.843   7.676   1.00 41.34 ? 1835 LYS A CB  1 
ATOM   327 C  CG  . LYS A 1 42  ? -10.284 9.961   9.095   1.00 37.70 ? 1835 LYS A CG  1 
ATOM   328 C  CD  . LYS A 1 42  ? -11.796 10.191  9.054   1.00 42.98 ? 1835 LYS A CD  1 
ATOM   329 C  CE  . LYS A 1 42  ? -12.365 10.492  10.442  1.00 47.30 ? 1835 LYS A CE  1 
ATOM   330 N  NZ  . LYS A 1 42  ? -12.393 9.273   11.315  1.00 38.22 ? 1835 LYS A NZ  1 
ATOM   331 N  N   . ASN A 1 43  ? -8.623  8.212   5.132   1.00 37.32 ? 1836 ASN A N   1 
ATOM   332 C  CA  . ASN A 1 43  ? -7.987  8.325   3.816   1.00 37.89 ? 1836 ASN A CA  1 
ATOM   333 C  C   . ASN A 1 43  ? -7.622  6.940   3.312   1.00 37.01 ? 1836 ASN A C   1 
ATOM   334 O  O   . ASN A 1 43  ? -6.462  6.517   3.431   1.00 34.50 ? 1836 ASN A O   1 
ATOM   335 C  CB  . ASN A 1 43  ? -6.738  9.205   3.873   1.00 31.29 ? 1836 ASN A CB  1 
ATOM   336 C  CG  . ASN A 1 43  ? -7.059  10.644  4.185   1.00 45.57 ? 1836 ASN A CG  1 
ATOM   337 O  OD1 . ASN A 1 43  ? -6.384  11.274  4.998   1.00 46.25 ? 1836 ASN A OD1 1 
ATOM   338 N  ND2 . ASN A 1 43  ? -8.095  11.180  3.541   1.00 47.77 ? 1836 ASN A ND2 1 
ATOM   339 N  N   . PRO A 1 44  ? -8.580  6.200   2.751   1.00 34.55 ? 1837 PRO A N   1 
ATOM   340 C  CA  . PRO A 1 44  ? -8.286  4.843   2.273   1.00 34.50 ? 1837 PRO A CA  1 
ATOM   341 C  C   . PRO A 1 44  ? -7.260  4.858   1.149   1.00 34.60 ? 1837 PRO A C   1 
ATOM   342 O  O   . PRO A 1 44  ? -7.133  5.840   0.416   1.00 39.07 ? 1837 PRO A O   1 
ATOM   343 C  CB  . PRO A 1 44  ? -9.652  4.334   1.783   1.00 37.54 ? 1837 PRO A CB  1 
ATOM   344 C  CG  . PRO A 1 44  ? -10.429 5.554   1.501   1.00 40.52 ? 1837 PRO A CG  1 
ATOM   345 C  CD  . PRO A 1 44  ? -9.992  6.558   2.541   1.00 36.87 ? 1837 PRO A CD  1 
ATOM   346 N  N   . MET A 1 45  ? -6.510  3.760   1.031   1.00 31.23 ? 1838 MET A N   1 
ATOM   347 C  CA  . MET A 1 45  ? -5.489  3.641   -0.002  1.00 30.96 ? 1838 MET A CA  1 
ATOM   348 C  C   . MET A 1 45  ? -5.212  2.167   -0.255  1.00 34.80 ? 1838 MET A C   1 
ATOM   349 O  O   . MET A 1 45  ? -5.376  1.336   0.639   1.00 36.37 ? 1838 MET A O   1 
ATOM   350 C  CB  . MET A 1 45  ? -4.211  4.376   0.407   1.00 31.02 ? 1838 MET A CB  1 
ATOM   351 C  CG  . MET A 1 45  ? -3.099  4.404   -0.640  1.00 32.08 ? 1838 MET A CG  1 
ATOM   352 S  SD  . MET A 1 45  ? -3.598  4.998   -2.273  1.00 35.49 ? 1838 MET A SD  1 
ATOM   353 C  CE  . MET A 1 45  ? -4.382  6.576   -1.888  1.00 26.80 ? 1838 MET A CE  1 
ATOM   354 N  N   . ASP A 1 46  ? -4.795  1.848   -1.479  1.00 33.37 ? 1839 ASP A N   1 
ATOM   355 C  CA  . ASP A 1 46  ? -4.582  0.464   -1.888  1.00 31.20 ? 1839 ASP A CA  1 
ATOM   356 C  C   . ASP A 1 46  ? -3.698  0.441   -3.129  1.00 35.60 ? 1839 ASP A C   1 
ATOM   357 O  O   . ASP A 1 46  ? -3.451  1.473   -3.761  1.00 36.17 ? 1839 ASP A O   1 
ATOM   358 C  CB  . ASP A 1 46  ? -5.902  -0.224  -2.181  1.00 33.70 ? 1839 ASP A CB  1 
ATOM   359 C  CG  . ASP A 1 46  ? -6.567  0.367   -3.376  1.00 40.89 ? 1839 ASP A CG  1 
ATOM   360 O  OD1 . ASP A 1 46  ? -7.174  1.465   -3.232  1.00 38.58 ? 1839 ASP A OD1 1 
ATOM   361 O  OD2 . ASP A 1 46  ? -6.440  -0.237  -4.465  1.00 41.19 ? 1839 ASP A OD2 1 
ATOM   362 N  N   . PHE A 1 47  ? -3.246  -0.767  -3.494  1.00 33.91 ? 1840 PHE A N   1 
ATOM   363 C  CA  . PHE A 1 47  ? -2.248  -0.890  -4.554  1.00 34.19 ? 1840 PHE A CA  1 
ATOM   364 C  C   . PHE A 1 47  ? -2.819  -0.533  -5.920  1.00 32.74 ? 1840 PHE A C   1 
ATOM   365 O  O   . PHE A 1 47  ? -2.136  0.103   -6.733  1.00 34.31 ? 1840 PHE A O   1 
ATOM   366 C  CB  . PHE A 1 47  ? -1.674  -2.302  -4.596  1.00 33.53 ? 1840 PHE A CB  1 
ATOM   367 C  CG  . PHE A 1 47  ? -0.833  -2.654  -3.405  1.00 31.36 ? 1840 PHE A CG  1 
ATOM   368 C  CD1 . PHE A 1 47  ? -0.292  -1.664  -2.606  1.00 29.03 ? 1840 PHE A CD1 1 
ATOM   369 C  CD2 . PHE A 1 47  ? -0.579  -3.978  -3.095  1.00 31.19 ? 1840 PHE A CD2 1 
ATOM   370 C  CE1 . PHE A 1 47  ? 0.472   -1.984  -1.508  1.00 31.12 ? 1840 PHE A CE1 1 
ATOM   371 C  CE2 . PHE A 1 47  ? 0.208   -4.313  -2.001  1.00 35.60 ? 1840 PHE A CE2 1 
ATOM   372 C  CZ  . PHE A 1 47  ? 0.728   -3.307  -1.198  1.00 33.06 ? 1840 PHE A CZ  1 
ATOM   373 N  N   . SER A 1 48  ? -4.053  -0.951  -6.210  1.00 33.53 ? 1841 SER A N   1 
ATOM   374 C  CA  . SER A 1 48  ? -4.610  -0.606  -7.512  1.00 39.16 ? 1841 SER A CA  1 
ATOM   375 C  C   . SER A 1 48  ? -4.792  0.897   -7.656  1.00 36.72 ? 1841 SER A C   1 
ATOM   376 O  O   . SER A 1 48  ? -4.559  1.432   -8.737  1.00 41.59 ? 1841 SER A O   1 
ATOM   377 C  CB  . SER A 1 48  ? -5.929  -1.329  -7.767  1.00 35.11 ? 1841 SER A CB  1 
ATOM   378 O  OG  . SER A 1 48  ? -6.977  -0.711  -7.068  1.00 39.06 ? 1841 SER A OG  1 
ATOM   379 N  N   . THR A 1 49  ? -5.148  1.603   -6.580  1.00 35.67 ? 1842 THR A N   1 
ATOM   380 C  CA  . THR A 1 49  ? -5.213  3.059   -6.662  1.00 35.82 ? 1842 THR A CA  1 
ATOM   381 C  C   . THR A 1 49  ? -3.836  3.660   -6.905  1.00 38.38 ? 1842 THR A C   1 
ATOM   382 O  O   . THR A 1 49  ? -3.696  4.622   -7.671  1.00 41.46 ? 1842 THR A O   1 
ATOM   383 C  CB  . THR A 1 49  ? -5.826  3.636   -5.396  1.00 32.32 ? 1842 THR A CB  1 
ATOM   384 O  OG1 . THR A 1 49  ? -7.109  3.051   -5.196  1.00 37.44 ? 1842 THR A OG1 1 
ATOM   385 C  CG2 . THR A 1 49  ? -5.986  5.123   -5.517  1.00 33.83 ? 1842 THR A CG2 1 
ATOM   386 N  N   . MET A 1 50  ? -2.801  3.112   -6.267  1.00 36.51 ? 1843 MET A N   1 
ATOM   387 C  CA  . MET A 1 50  ? -1.448  3.557   -6.576  1.00 36.25 ? 1843 MET A CA  1 
ATOM   388 C  C   . MET A 1 50  ? -1.059  3.193   -8.004  1.00 37.96 ? 1843 MET A C   1 
ATOM   389 O  O   . MET A 1 50  ? -0.330  3.947   -8.664  1.00 39.46 ? 1843 MET A O   1 
ATOM   390 C  CB  . MET A 1 50  ? -0.458  2.951   -5.582  1.00 35.51 ? 1843 MET A CB  1 
ATOM   391 C  CG  . MET A 1 50  ? -0.733  3.310   -4.121  1.00 35.96 ? 1843 MET A CG  1 
ATOM   392 S  SD  . MET A 1 50  ? 0.298   2.341   -2.996  1.00 41.81 ? 1843 MET A SD  1 
ATOM   393 C  CE  . MET A 1 50  ? 1.909   3.008   -3.412  1.00 36.00 ? 1843 MET A CE  1 
ATOM   394 N  N   . ARG A 1 51  ? -1.532  2.044   -8.497  1.00 37.82 ? 1844 ARG A N   1 
ATOM   395 C  CA  . ARG A 1 51  ? -1.272  1.664   -9.883  1.00 36.97 ? 1844 ARG A CA  1 
ATOM   396 C  C   . ARG A 1 51  ? -1.886  2.674   -10.848 1.00 41.35 ? 1844 ARG A C   1 
ATOM   397 O  O   . ARG A 1 51  ? -1.176  3.260   -11.671 1.00 42.37 ? 1844 ARG A O   1 
ATOM   398 C  CB  . ARG A 1 51  ? -1.793  0.243   -10.143 1.00 39.96 ? 1844 ARG A CB  1 
ATOM   399 C  CG  . ARG A 1 51  ? -1.771  -0.227  -11.603 1.00 38.98 ? 1844 ARG A CG  1 
ATOM   400 C  CD  . ARG A 1 51  ? -0.401  -0.059  -12.243 1.00 41.08 ? 1844 ARG A CD  1 
ATOM   401 N  NE  . ARG A 1 51  ? 0.607   -0.987  -11.727 1.00 39.11 ? 1844 ARG A NE  1 
ATOM   402 C  CZ  . ARG A 1 51  ? 1.913   -0.809  -11.867 1.00 40.17 ? 1844 ARG A CZ  1 
ATOM   403 N  NH1 . ARG A 1 51  ? 2.364   0.264   -12.503 1.00 45.02 ? 1844 ARG A NH1 1 
ATOM   404 N  NH2 . ARG A 1 51  ? 2.773   -1.697  -11.372 1.00 41.23 ? 1844 ARG A NH2 1 
ATOM   405 N  N   . HIS A 1 52  ? -3.169  2.949   -10.672 1.00 44.49 ? 1845 HIS A N   1 
ATOM   406 C  CA  . HIS A 1 52  ? -3.906  3.937   -11.492 1.00 45.62 ? 1845 HIS A CA  1 
ATOM   407 C  C   . HIS A 1 52  ? -3.160  5.263   -11.510 1.00 43.13 ? 1845 HIS A C   1 
ATOM   408 O  O   . HIS A 1 52  ? -2.964  5.783   -12.551 1.00 43.35 ? 1845 HIS A O   1 
ATOM   409 C  CB  . HIS A 1 52  ? -5.223  4.302   -10.827 1.00 48.03 ? 1845 HIS A CB  1 
ATOM   410 C  CG  . HIS A 1 52  ? -6.322  3.305   -10.870 1.00 63.13 ? 1845 HIS A CG  1 
ATOM   411 N  ND1 . HIS A 1 52  ? -6.159  2.020   -11.336 1.00 67.83 ? 1845 HIS A ND1 1 
ATOM   412 C  CD2 . HIS A 1 52  ? -7.620  3.419   -10.518 1.00 62.64 ? 1845 HIS A CD2 1 
ATOM   413 C  CE1 . HIS A 1 52  ? -7.317  1.389   -11.271 1.00 73.97 ? 1845 HIS A CE1 1 
ATOM   414 N  NE2 . HIS A 1 52  ? -8.226  2.229   -10.779 1.00 72.64 ? 1845 HIS A NE2 1 
ATOM   415 N  N   . ARG A 1 53  ? -2.760  5.754   -10.352 1.00 41.29 ? 1846 ARG A N   1 
ATOM   416 C  CA  . ARG A 1 53  ? -2.117  7.064   -10.240 1.00 43.88 ? 1846 ARG A CA  1 
ATOM   417 C  C   . ARG A 1 53  ? -0.735  7.058   -10.889 1.00 47.37 ? 1846 ARG A C   1 
ATOM   418 O  O   . ARG A 1 53  ? -0.338  8.041   -11.532 1.00 50.25 ? 1846 ARG A O   1 
ATOM   419 C  CB  . ARG A 1 53  ? -2.034  7.499   -8.768  1.00 41.03 ? 1846 ARG A CB  1 
ATOM   420 C  CG  . ARG A 1 53  ? -1.243  8.781   -8.534  1.00 48.87 ? 1846 ARG A CG  1 
ATOM   421 C  CD  . ARG A 1 53  ? -1.810  9.648   -7.397  1.00 49.50 ? 1846 ARG A CD  1 
ATOM   422 N  NE  . ARG A 1 53  ? -0.890  10.731  -7.042  1.00 51.92 ? 1846 ARG A NE  1 
ATOM   423 C  CZ  . ARG A 1 53  ? -0.593  11.107  -5.797  1.00 56.57 ? 1846 ARG A CZ  1 
ATOM   424 N  NH1 . ARG A 1 53  ? -1.140  10.490  -4.753  1.00 53.47 ? 1846 ARG A NH1 1 
ATOM   425 N  NH2 . ARG A 1 53  ? 0.272   12.097  -5.594  1.00 55.17 ? 1846 ARG A NH2 1 
ATOM   426 N  N   . LEU A 1 54  ? 0.003   5.956   -10.752 1.00 44.14 ? 1847 LEU A N   1 
ATOM   427 C  CA  . LEU A 1 54  ? 1.280   5.832   -11.448 1.00 46.20 ? 1847 LEU A CA  1 
ATOM   428 C  C   . LEU A 1 54  ? 1.083   5.781   -12.964 1.00 45.19 ? 1847 LEU A C   1 
ATOM   429 O  O   . LEU A 1 54  ? 1.860   6.381   -13.715 1.00 47.44 ? 1847 LEU A O   1 
ATOM   430 C  CB  . LEU A 1 54  ? 2.015   4.596   -10.934 1.00 41.37 ? 1847 LEU A CB  1 
ATOM   431 C  CG  . LEU A 1 54  ? 3.507   4.416   -11.166 1.00 38.95 ? 1847 LEU A CG  1 
ATOM   432 C  CD1 . LEU A 1 54  ? 4.326   5.659   -10.847 1.00 40.42 ? 1847 LEU A CD1 1 
ATOM   433 C  CD2 . LEU A 1 54  ? 3.965   3.242   -10.311 1.00 46.24 ? 1847 LEU A CD2 1 
ATOM   434 N  N   . SER A 1 55  ? 0.030   5.102   -13.394 1.00 42.91 ? 1848 SER A N   1 
ATOM   435 C  CA  . SER A 1 55  ? -0.312  4.945   -14.822 1.00 44.81 ? 1848 SER A CA  1 
ATOM   436 C  C   . SER A 1 55  ? -0.584  6.301   -15.463 1.00 52.57 ? 1848 SER A C   1 
ATOM   437 O  O   . SER A 1 55  ? -0.025  6.562   -16.501 1.00 59.24 ? 1848 SER A O   1 
ATOM   438 C  CB  . SER A 1 55  ? -1.485  4.058   -14.995 1.00 42.16 ? 1848 SER A CB  1 
ATOM   439 O  OG  . SER A 1 55  ? -1.116  2.703   -14.889 1.00 47.48 ? 1848 SER A OG  1 
ATOM   440 N  N   . ARG A 1 56  ? -1.447  7.108   -14.868 1.00 51.05 ? 1849 ARG A N   1 
ATOM   441 C  CA  . ARG A 1 56  ? -1.760  8.395   -15.466 1.00 44.48 ? 1849 ARG A CA  1 
ATOM   442 C  C   . ARG A 1 56  ? -0.736  9.458   -15.110 1.00 53.99 ? 1849 ARG A C   1 
ATOM   443 O  O   . ARG A 1 56  ? -0.972  10.639  -15.391 1.00 54.74 ? 1849 ARG A O   1 
ATOM   444 C  CB  . ARG A 1 56  ? -3.173  8.853   -15.081 1.00 48.51 ? 1849 ARG A CB  1 
ATOM   445 C  CG  . ARG A 1 56  ? -3.456  8.958   -13.597 1.00 50.69 ? 1849 ARG A CG  1 
ATOM   446 C  CD  . ARG A 1 56  ? -4.955  9.158   -13.344 1.00 55.71 ? 1849 ARG A CD  1 
ATOM   447 N  NE  . ARG A 1 56  ? -5.376  8.621   -12.045 1.00 58.86 ? 1849 ARG A NE  1 
ATOM   448 C  CZ  . ARG A 1 56  ? -5.304  9.286   -10.893 1.00 61.68 ? 1849 ARG A CZ  1 
ATOM   449 N  NH1 . ARG A 1 56  ? -4.828  10.530  -10.857 1.00 62.99 ? 1849 ARG A NH1 1 
ATOM   450 N  NH2 . ARG A 1 56  ? -5.708  8.703   -9.769  1.00 60.95 ? 1849 ARG A NH2 1 
ATOM   451 N  N   . GLY A 1 57  ? 0.393   9.068   -14.513 1.00 48.06 ? 1850 GLY A N   1 
ATOM   452 C  CA  . GLY A 1 57  ? 1.487   9.991   -14.299 1.00 50.42 ? 1850 GLY A CA  1 
ATOM   453 C  C   . GLY A 1 57  ? 1.309   10.955  -13.147 1.00 55.69 ? 1850 GLY A C   1 
ATOM   454 O  O   . GLY A 1 57  ? 2.051   11.946  -13.074 1.00 58.66 ? 1850 GLY A O   1 
ATOM   455 N  N   . GLY A 1 58  ? 0.384   10.685  -12.224 1.00 57.69 ? 1851 GLY A N   1 
ATOM   456 C  CA  . GLY A 1 58  ? 0.073   11.613  -11.146 1.00 59.13 ? 1851 GLY A CA  1 
ATOM   457 C  C   . GLY A 1 58  ? 1.004   11.562  -9.945  1.00 58.09 ? 1851 GLY A C   1 
ATOM   458 O  O   . GLY A 1 58  ? 0.649   12.058  -8.870  1.00 58.15 ? 1851 GLY A O   1 
ATOM   459 N  N   . TYR A 1 59  ? 2.186   10.970  -10.098 1.00 51.56 ? 1852 TYR A N   1 
ATOM   460 C  CA  . TYR A 1 59  ? 3.240   11.028  -9.091  1.00 57.76 ? 1852 TYR A CA  1 
ATOM   461 C  C   . TYR A 1 59  ? 4.353   11.931  -9.600  1.00 63.99 ? 1852 TYR A C   1 
ATOM   462 O  O   . TYR A 1 59  ? 5.023   11.600  -10.586 1.00 63.95 ? 1852 TYR A O   1 
ATOM   463 C  CB  . TYR A 1 59  ? 3.777   9.627   -8.779  1.00 56.76 ? 1852 TYR A CB  1 
ATOM   464 C  CG  . TYR A 1 59  ? 2.880   8.788   -7.892  1.00 51.20 ? 1852 TYR A CG  1 
ATOM   465 C  CD1 . TYR A 1 59  ? 2.440   9.259   -6.658  1.00 54.43 ? 1852 TYR A CD1 1 
ATOM   466 C  CD2 . TYR A 1 59  ? 2.471   7.521   -8.289  1.00 45.53 ? 1852 TYR A CD2 1 
ATOM   467 C  CE1 . TYR A 1 59  ? 1.608   8.489   -5.853  1.00 49.34 ? 1852 TYR A CE1 1 
ATOM   468 C  CE2 . TYR A 1 59  ? 1.648   6.755   -7.497  1.00 41.83 ? 1852 TYR A CE2 1 
ATOM   469 C  CZ  . TYR A 1 59  ? 1.222   7.237   -6.283  1.00 43.62 ? 1852 TYR A CZ  1 
ATOM   470 O  OH  . TYR A 1 59  ? 0.396   6.465   -5.507  1.00 38.61 ? 1852 TYR A OH  1 
ATOM   471 N  N   . THR A 1 60  ? 4.547   13.069  -8.928  1.00 68.29 ? 1853 THR A N   1 
ATOM   472 C  CA  . THR A 1 60  ? 5.587   14.017  -9.322  1.00 64.89 ? 1853 THR A CA  1 
ATOM   473 C  C   . THR A 1 60  ? 6.964   13.595  -8.817  1.00 67.39 ? 1853 THR A C   1 
ATOM   474 O  O   . THR A 1 60  ? 7.956   13.699  -9.550  1.00 69.71 ? 1853 THR A O   1 
ATOM   475 C  CB  . THR A 1 60  ? 5.251   15.416  -8.804  1.00 63.66 ? 1853 THR A CB  1 
ATOM   476 O  OG1 . THR A 1 60  ? 5.774   15.569  -7.478  1.00 66.34 ? 1853 THR A OG1 1 
ATOM   477 C  CG2 . THR A 1 60  ? 3.747   15.626  -8.765  1.00 59.17 ? 1853 THR A CG2 1 
ATOM   478 N  N   . SER A 1 61  ? 7.051   13.130  -7.574  1.00 66.93 ? 1854 SER A N   1 
ATOM   479 C  CA  . SER A 1 61  ? 8.304   12.679  -6.988  1.00 60.48 ? 1854 SER A CA  1 
ATOM   480 C  C   . SER A 1 61  ? 8.122   11.277  -6.438  1.00 62.50 ? 1854 SER A C   1 
ATOM   481 O  O   . SER A 1 61  ? 7.000   10.784  -6.282  1.00 56.25 ? 1854 SER A O   1 
ATOM   482 C  CB  . SER A 1 61  ? 8.787   13.618  -5.871  1.00 66.81 ? 1854 SER A CB  1 
ATOM   483 O  OG  . SER A 1 61  ? 7.755   13.890  -4.930  1.00 66.47 ? 1854 SER A OG  1 
ATOM   484 N  N   . SER A 1 62  ? 9.251   10.636  -6.130  1.00 63.55 ? 1855 SER A N   1 
ATOM   485 C  CA  . SER A 1 62  ? 9.191   9.328   -5.499  1.00 62.69 ? 1855 SER A CA  1 
ATOM   486 C  C   . SER A 1 62  ? 8.711   9.412   -4.053  1.00 60.32 ? 1855 SER A C   1 
ATOM   487 O  O   . SER A 1 62  ? 8.195   8.421   -3.525  1.00 55.72 ? 1855 SER A O   1 
ATOM   488 C  CB  . SER A 1 62  ? 10.557  8.653   -5.572  1.00 62.36 ? 1855 SER A CB  1 
ATOM   489 O  OG  . SER A 1 62  ? 11.271  8.843   -4.368  1.00 70.53 ? 1855 SER A OG  1 
ATOM   490 N  N   . GLU A 1 63  ? 8.854   10.573  -3.404  1.00 59.49 ? 1856 GLU A N   1 
ATOM   491 C  CA  . GLU A 1 63  ? 8.378   10.696  -2.029  1.00 58.69 ? 1856 GLU A CA  1 
ATOM   492 C  C   . GLU A 1 63  ? 6.863   10.597  -1.948  1.00 52.32 ? 1856 GLU A C   1 
ATOM   493 O  O   . GLU A 1 63  ? 6.332   10.062  -0.971  1.00 54.95 ? 1856 GLU A O   1 
ATOM   494 C  CB  . GLU A 1 63  ? 8.858   12.013  -1.421  1.00 62.44 ? 1856 GLU A CB  1 
ATOM   495 C  CG  . GLU A 1 63  ? 10.320  11.976  -0.993  1.00 69.05 ? 1856 GLU A CG  1 
ATOM   496 C  CD  . GLU A 1 63  ? 11.250  12.492  -2.073  1.00 70.97 ? 1856 GLU A CD  1 
ATOM   497 O  OE1 . GLU A 1 63  ? 11.206  13.705  -2.378  1.00 70.37 ? 1856 GLU A OE1 1 
ATOM   498 O  OE2 . GLU A 1 63  ? 12.033  11.680  -2.612  1.00 76.42 ? 1856 GLU A OE2 1 
ATOM   499 N  N   . GLU A 1 64  ? 6.156   11.101  -2.960  1.00 54.92 ? 1857 GLU A N   1 
ATOM   500 C  CA  . GLU A 1 64  ? 4.701   11.001  -2.985  1.00 52.21 ? 1857 GLU A CA  1 
ATOM   501 C  C   . GLU A 1 64  ? 4.247   9.555   -3.105  1.00 50.00 ? 1857 GLU A C   1 
ATOM   502 O  O   . GLU A 1 64  ? 3.216   9.170   -2.539  1.00 46.02 ? 1857 GLU A O   1 
ATOM   503 C  CB  . GLU A 1 64  ? 4.146   11.807  -4.151  1.00 54.63 ? 1857 GLU A CB  1 
ATOM   504 C  CG  . GLU A 1 64  ? 4.285   13.301  -4.016  1.00 60.40 ? 1857 GLU A CG  1 
ATOM   505 C  CD  . GLU A 1 64  ? 3.604   14.024  -5.158  1.00 68.94 ? 1857 GLU A CD  1 
ATOM   506 O  OE1 . GLU A 1 64  ? 3.602   15.276  -5.164  1.00 73.21 ? 1857 GLU A OE1 1 
ATOM   507 O  OE2 . GLU A 1 64  ? 3.075   13.332  -6.060  1.00 67.69 ? 1857 GLU A OE2 1 
ATOM   508 N  N   . PHE A 1 65  ? 4.985   8.751   -3.871  1.00 48.29 ? 1858 PHE A N   1 
ATOM   509 C  CA  . PHE A 1 65  ? 4.635   7.347   -4.017  1.00 43.84 ? 1858 PHE A CA  1 
ATOM   510 C  C   . PHE A 1 65  ? 4.781   6.624   -2.686  1.00 42.28 ? 1858 PHE A C   1 
ATOM   511 O  O   . PHE A 1 65  ? 3.883   5.887   -2.265  1.00 42.32 ? 1858 PHE A O   1 
ATOM   512 C  CB  . PHE A 1 65  ? 5.512   6.710   -5.098  1.00 45.37 ? 1858 PHE A CB  1 
ATOM   513 C  CG  . PHE A 1 65  ? 5.356   5.225   -5.212  1.00 44.27 ? 1858 PHE A CG  1 
ATOM   514 C  CD1 . PHE A 1 65  ? 6.124   4.371   -4.440  1.00 40.70 ? 1858 PHE A CD1 1 
ATOM   515 C  CD2 . PHE A 1 65  ? 4.440   4.678   -6.103  1.00 45.79 ? 1858 PHE A CD2 1 
ATOM   516 C  CE1 . PHE A 1 65  ? 5.974   2.998   -4.543  1.00 41.74 ? 1858 PHE A CE1 1 
ATOM   517 C  CE2 . PHE A 1 65  ? 4.285   3.302   -6.212  1.00 42.23 ? 1858 PHE A CE2 1 
ATOM   518 C  CZ  . PHE A 1 65  ? 5.056   2.464   -5.427  1.00 41.55 ? 1858 PHE A CZ  1 
ATOM   519 N  N   . ALA A 1 66  ? 5.904   6.844   -1.996  1.00 45.49 ? 1859 ALA A N   1 
ATOM   520 C  CA  . ALA A 1 66  ? 6.125   6.181   -0.717  1.00 43.15 ? 1859 ALA A CA  1 
ATOM   521 C  C   . ALA A 1 66  ? 5.103   6.623   0.321   1.00 42.14 ? 1859 ALA A C   1 
ATOM   522 O  O   . ALA A 1 66  ? 4.722   5.834   1.196   1.00 42.57 ? 1859 ALA A O   1 
ATOM   523 C  CB  . ALA A 1 66  ? 7.542   6.451   -0.219  1.00 45.40 ? 1859 ALA A CB  1 
ATOM   524 N  N   . ALA A 1 67  ? 4.624   7.862   0.223   1.00 39.30 ? 1860 ALA A N   1 
ATOM   525 C  CA  . ALA A 1 67  ? 3.641   8.333   1.189   1.00 41.55 ? 1860 ALA A CA  1 
ATOM   526 C  C   . ALA A 1 67  ? 2.324   7.582   1.035   1.00 38.34 ? 1860 ALA A C   1 
ATOM   527 O  O   . ALA A 1 67  ? 1.658   7.273   2.029   1.00 37.61 ? 1860 ALA A O   1 
ATOM   528 C  CB  . ALA A 1 67  ? 3.441   9.837   1.040   1.00 37.03 ? 1860 ALA A CB  1 
ATOM   529 N  N   . ASP A 1 68  ? 1.944   7.266   -0.201  1.00 37.69 ? 1861 ASP A N   1 
ATOM   530 C  CA  . ASP A 1 68  ? 0.758   6.445   -0.418  1.00 36.98 ? 1861 ASP A CA  1 
ATOM   531 C  C   . ASP A 1 68  ? 0.975   5.014   0.063   1.00 35.61 ? 1861 ASP A C   1 
ATOM   532 O  O   . ASP A 1 68  ? 0.051   4.385   0.583   1.00 35.06 ? 1861 ASP A O   1 
ATOM   533 C  CB  . ASP A 1 68  ? 0.379   6.452   -1.899  1.00 39.60 ? 1861 ASP A CB  1 
ATOM   534 C  CG  . ASP A 1 68  ? -0.620  7.536   -2.246  1.00 41.35 ? 1861 ASP A CG  1 
ATOM   535 O  OD1 . ASP A 1 68  ? -1.081  8.251   -1.331  1.00 46.03 ? 1861 ASP A OD1 1 
ATOM   536 O  OD2 . ASP A 1 68  ? -0.957  7.654   -3.441  1.00 45.11 ? 1861 ASP A OD2 1 
ATOM   537 N  N   . ALA A 1 69  ? 2.185   4.471   -0.132  1.00 36.02 ? 1862 ALA A N   1 
ATOM   538 C  CA  . ALA A 1 69  ? 2.449   3.098   0.288   1.00 32.90 ? 1862 ALA A CA  1 
ATOM   539 C  C   . ALA A 1 69  ? 2.357   2.970   1.800   1.00 34.21 ? 1862 ALA A C   1 
ATOM   540 O  O   . ALA A 1 69  ? 1.749   2.030   2.324   1.00 32.82 ? 1862 ALA A O   1 
ATOM   541 C  CB  . ALA A 1 69  ? 3.824   2.653   -0.203  1.00 36.41 ? 1862 ALA A CB  1 
ATOM   542 N  N   . LEU A 1 70  ? 2.957   3.918   2.519   1.00 36.05 ? 1863 LEU A N   1 
ATOM   543 C  CA  . LEU A 1 70  ? 2.909   3.888   3.972   1.00 32.92 ? 1863 LEU A CA  1 
ATOM   544 C  C   . LEU A 1 70  ? 1.487   4.101   4.483   1.00 33.15 ? 1863 LEU A C   1 
ATOM   545 O  O   . LEU A 1 70  ? 1.101   3.531   5.510   1.00 32.40 ? 1863 LEU A O   1 
ATOM   546 C  CB  . LEU A 1 70  ? 3.888   4.930   4.527   1.00 39.24 ? 1863 LEU A CB  1 
ATOM   547 C  CG  . LEU A 1 70  ? 5.364   4.567   4.236   1.00 39.03 ? 1863 LEU A CG  1 
ATOM   548 C  CD1 . LEU A 1 70  ? 6.319   5.682   4.616   1.00 41.89 ? 1863 LEU A CD1 1 
ATOM   549 C  CD2 . LEU A 1 70  ? 5.753   3.286   4.961   1.00 37.51 ? 1863 LEU A CD2 1 
ATOM   550 N  N   . LEU A 1 71  ? 0.684   4.877   3.755   1.00 33.75 ? 1864 LEU A N   1 
ATOM   551 C  CA  . LEU A 1 71  ? -0.723  5.039   4.114   1.00 32.65 ? 1864 LEU A CA  1 
ATOM   552 C  C   . LEU A 1 71  ? -1.468  3.703   4.113   1.00 35.34 ? 1864 LEU A C   1 
ATOM   553 O  O   . LEU A 1 71  ? -2.346  3.473   4.965   1.00 33.20 ? 1864 LEU A O   1 
ATOM   554 C  CB  . LEU A 1 71  ? -1.384  6.031   3.160   1.00 30.76 ? 1864 LEU A CB  1 
ATOM   555 C  CG  . LEU A 1 71  ? -2.840  6.385   3.443   1.00 35.57 ? 1864 LEU A CG  1 
ATOM   556 C  CD1 . LEU A 1 71  ? -3.045  6.890   4.865   1.00 30.01 ? 1864 LEU A CD1 1 
ATOM   557 C  CD2 . LEU A 1 71  ? -3.284  7.421   2.438   1.00 29.03 ? 1864 LEU A CD2 1 
ATOM   558 N  N   . VAL A 1 72  ? -1.130  2.804   3.176   1.00 29.96 ? 1865 VAL A N   1 
ATOM   559 C  CA  . VAL A 1 72  ? -1.769  1.487   3.161   1.00 29.45 ? 1865 VAL A CA  1 
ATOM   560 C  C   . VAL A 1 72  ? -1.548  0.766   4.492   1.00 31.60 ? 1865 VAL A C   1 
ATOM   561 O  O   . VAL A 1 72  ? -2.490  0.234   5.099   1.00 31.89 ? 1865 VAL A O   1 
ATOM   562 C  CB  . VAL A 1 72  ? -1.259  0.631   1.987   1.00 29.11 ? 1865 VAL A CB  1 
ATOM   563 C  CG1 . VAL A 1 72  ? -1.946  -0.710  2.032   1.00 33.90 ? 1865 VAL A CG1 1 
ATOM   564 C  CG2 . VAL A 1 72  ? -1.513  1.299   0.639   1.00 33.74 ? 1865 VAL A CG2 1 
ATOM   565 N  N   . PHE A 1 73  ? -0.296  0.735   4.970   1.00 31.04 ? 1866 PHE A N   1 
ATOM   566 C  CA  . PHE A 1 73  ? 0.012   -0.063  6.157   1.00 31.54 ? 1866 PHE A CA  1 
ATOM   567 C  C   . PHE A 1 73  ? -0.344  0.662   7.447   1.00 31.84 ? 1866 PHE A C   1 
ATOM   568 O  O   . PHE A 1 73  ? -0.669  0.007   8.444   1.00 31.50 ? 1866 PHE A O   1 
ATOM   569 C  CB  . PHE A 1 73  ? 1.482   -0.480  6.127   1.00 32.89 ? 1866 PHE A CB  1 
ATOM   570 C  CG  . PHE A 1 73  ? 1.904   -0.968  4.789   1.00 32.32 ? 1866 PHE A CG  1 
ATOM   571 C  CD1 . PHE A 1 73  ? 1.252   -2.047  4.213   1.00 29.13 ? 1866 PHE A CD1 1 
ATOM   572 C  CD2 . PHE A 1 73  ? 2.877   -0.301  4.067   1.00 32.22 ? 1866 PHE A CD2 1 
ATOM   573 C  CE1 . PHE A 1 73  ? 1.593   -2.484  2.957   1.00 33.24 ? 1866 PHE A CE1 1 
ATOM   574 C  CE2 . PHE A 1 73  ? 3.229   -0.724  2.804   1.00 33.45 ? 1866 PHE A CE2 1 
ATOM   575 C  CZ  . PHE A 1 73  ? 2.601   -1.829  2.247   1.00 31.68 ? 1866 PHE A CZ  1 
ATOM   576 N  N   . ASP A 1 74  ? -0.298  1.998   7.443   1.00 31.71 ? 1867 ASP A N   1 
ATOM   577 C  CA  . ASP A 1 74  ? -0.905  2.768   8.526   1.00 34.79 ? 1867 ASP A CA  1 
ATOM   578 C  C   . ASP A 1 74  ? -2.385  2.424   8.676   1.00 32.89 ? 1867 ASP A C   1 
ATOM   579 O  O   . ASP A 1 74  ? -2.833  2.015   9.757   1.00 33.64 ? 1867 ASP A O   1 
ATOM   580 C  CB  . ASP A 1 74  ? -0.732  4.266   8.270   1.00 37.37 ? 1867 ASP A CB  1 
ATOM   581 C  CG  . ASP A 1 74  ? 0.692   4.728   8.460   1.00 38.35 ? 1867 ASP A CG  1 
ATOM   582 O  OD1 . ASP A 1 74  ? 1.443   4.055   9.215   1.00 38.44 ? 1867 ASP A OD1 1 
ATOM   583 O  OD2 . ASP A 1 74  ? 1.060   5.752   7.828   1.00 35.07 ? 1867 ASP A OD2 1 
ATOM   584 N  N   . ASN A 1 75  ? -3.158  2.578   7.588   1.00 29.79 ? 1868 ASN A N   1 
ATOM   585 C  CA  . ASN A 1 75  ? -4.579  2.225   7.630   1.00 30.70 ? 1868 ASN A CA  1 
ATOM   586 C  C   . ASN A 1 75  ? -4.772  0.781   8.054   1.00 30.05 ? 1868 ASN A C   1 
ATOM   587 O  O   . ASN A 1 75  ? -5.729  0.461   8.767   1.00 29.68 ? 1868 ASN A O   1 
ATOM   588 C  CB  . ASN A 1 75  ? -5.251  2.438   6.264   1.00 29.96 ? 1868 ASN A CB  1 
ATOM   589 C  CG  . ASN A 1 75  ? -5.277  3.890   5.825   1.00 31.86 ? 1868 ASN A CG  1 
ATOM   590 O  OD1 . ASN A 1 75  ? -5.223  4.804   6.643   1.00 35.70 ? 1868 ASN A OD1 1 
ATOM   591 N  ND2 . ASN A 1 75  ? -5.335  4.108   4.509   1.00 32.40 ? 1868 ASN A ND2 1 
ATOM   592 N  N   . CYS A 1 76  ? -3.872  -0.115  7.620   1.00 31.10 ? 1869 CYS A N   1 
ATOM   593 C  CA  . CYS A 1 76  ? -3.998  -1.524  7.989   1.00 26.41 ? 1869 CYS A CA  1 
ATOM   594 C  C   . CYS A 1 76  ? -3.852  -1.716  9.494   1.00 29.17 ? 1869 CYS A C   1 
ATOM   595 O  O   . CYS A 1 76  ? -4.648  -2.423  10.129  1.00 30.66 ? 1869 CYS A O   1 
ATOM   596 C  CB  . CYS A 1 76  ? -2.958  -2.362  7.244   1.00 26.25 ? 1869 CYS A CB  1 
ATOM   597 S  SG  . CYS A 1 76  ? -3.039  -4.112  7.696   1.00 31.43 ? 1869 CYS A SG  1 
ATOM   598 N  N   . GLN A 1 77  ? -2.804  -1.120  10.074  1.00 31.98 ? 1870 GLN A N   1 
ATOM   599 C  CA  . GLN A 1 77  ? -2.569  -1.208  11.516  1.00 31.97 ? 1870 GLN A CA  1 
ATOM   600 C  C   . GLN A 1 77  ? -3.635  -0.450  12.307  1.00 31.84 ? 1870 GLN A C   1 
ATOM   601 O  O   . GLN A 1 77  ? -3.994  -0.862  13.413  1.00 33.53 ? 1870 GLN A O   1 
ATOM   602 C  CB  . GLN A 1 77  ? -1.166  -0.687  11.854  1.00 26.32 ? 1870 GLN A CB  1 
ATOM   603 C  CG  . GLN A 1 77  ? -0.027  -1.550  11.310  1.00 27.38 ? 1870 GLN A CG  1 
ATOM   604 C  CD  . GLN A 1 77  ? 1.340   -0.904  11.459  1.00 31.36 ? 1870 GLN A CD  1 
ATOM   605 O  OE1 . GLN A 1 77  ? 2.036   -1.125  12.455  1.00 29.72 ? 1870 GLN A OE1 1 
ATOM   606 N  NE2 . GLN A 1 77  ? 1.741   -0.113  10.465  1.00 30.07 ? 1870 GLN A NE2 1 
ATOM   607 N  N   . THR A 1 78  ? -4.177  0.633   11.760  1.00 32.90 ? 1871 THR A N   1 
ATOM   608 C  CA  . THR A 1 78  ? -5.251  1.329   12.471  1.00 32.10 ? 1871 THR A CA  1 
ATOM   609 C  C   . THR A 1 78  ? -6.496  0.459   12.592  1.00 32.37 ? 1871 THR A C   1 
ATOM   610 O  O   . THR A 1 78  ? -7.154  0.456   13.636  1.00 32.39 ? 1871 THR A O   1 
ATOM   611 C  CB  . THR A 1 78  ? -5.581  2.641   11.773  1.00 30.03 ? 1871 THR A CB  1 
ATOM   612 O  OG1 . THR A 1 78  ? -4.446  3.512   11.877  1.00 30.53 ? 1871 THR A OG1 1 
ATOM   613 C  CG2 . THR A 1 78  ? -6.819  3.330   12.414  1.00 29.25 ? 1871 THR A CG2 1 
ATOM   614 N  N   . PHE A 1 79  ? -6.818  -0.317  11.564  1.00 29.86 ? 1872 PHE A N   1 
ATOM   615 C  CA  . PHE A 1 79  ? -8.084  -1.038  11.579  1.00 32.27 ? 1872 PHE A CA  1 
ATOM   616 C  C   . PHE A 1 79  ? -7.989  -2.490  12.032  1.00 30.38 ? 1872 PHE A C   1 
ATOM   617 O  O   . PHE A 1 79  ? -8.955  -2.996  12.607  1.00 31.83 ? 1872 PHE A O   1 
ATOM   618 C  CB  . PHE A 1 79  ? -8.739  -0.998  10.198  1.00 34.84 ? 1872 PHE A CB  1 
ATOM   619 C  CG  . PHE A 1 79  ? -10.211 -1.309  10.226  1.00 35.64 ? 1872 PHE A CG  1 
ATOM   620 C  CD1 . PHE A 1 79  ? -11.153 -0.298  10.307  1.00 31.39 ? 1872 PHE A CD1 1 
ATOM   621 C  CD2 . PHE A 1 79  ? -10.649 -2.614  10.179  1.00 35.77 ? 1872 PHE A CD2 1 
ATOM   622 C  CE1 . PHE A 1 79  ? -12.488 -0.594  10.351  1.00 32.24 ? 1872 PHE A CE1 1 
ATOM   623 C  CE2 . PHE A 1 79  ? -11.998 -2.913  10.218  1.00 33.88 ? 1872 PHE A CE2 1 
ATOM   624 C  CZ  . PHE A 1 79  ? -12.911 -1.912  10.295  1.00 31.74 ? 1872 PHE A CZ  1 
ATOM   625 N  N   . ASN A 1 80  ? -6.878  -3.184  11.785  1.00 33.65 ? 1873 ASN A N   1 
ATOM   626 C  CA  . ASN A 1 80  ? -6.762  -4.605  12.097  1.00 31.70 ? 1873 ASN A CA  1 
ATOM   627 C  C   . ASN A 1 80  ? -5.804  -4.824  13.258  1.00 34.48 ? 1873 ASN A C   1 
ATOM   628 O  O   . ASN A 1 80  ? -4.781  -4.142  13.371  1.00 38.79 ? 1873 ASN A O   1 
ATOM   629 C  CB  . ASN A 1 80  ? -6.279  -5.401  10.880  1.00 37.16 ? 1873 ASN A CB  1 
ATOM   630 C  CG  . ASN A 1 80  ? -7.102  -5.114  9.641   1.00 36.82 ? 1873 ASN A CG  1 
ATOM   631 O  OD1 . ASN A 1 80  ? -7.868  -5.962  9.198   1.00 38.62 ? 1873 ASN A OD1 1 
ATOM   632 N  ND2 . ASN A 1 80  ? -6.974  -3.897  9.097   1.00 29.16 ? 1873 ASN A ND2 1 
ATOM   633 N  N   . GLU A 1 81  ? -6.151  -5.764  14.129  1.00 37.78 ? 1874 GLU A N   1 
ATOM   634 C  CA  . GLU A 1 81  ? -5.211  -6.221  15.139  1.00 39.15 ? 1874 GLU A CA  1 
ATOM   635 C  C   . GLU A 1 81  ? -3.939  -6.747  14.476  1.00 38.50 ? 1874 GLU A C   1 
ATOM   636 O  O   . GLU A 1 81  ? -3.957  -7.265  13.353  1.00 36.01 ? 1874 GLU A O   1 
ATOM   637 C  CB  . GLU A 1 81  ? -5.848  -7.316  16.001  1.00 39.65 ? 1874 GLU A CB  1 
ATOM   638 C  CG  . GLU A 1 81  ? -7.045  -6.859  16.826  1.00 42.20 ? 1874 GLU A CG  1 
ATOM   639 C  CD  . GLU A 1 81  ? -6.630  -6.061  18.053  1.00 53.52 ? 1874 GLU A CD  1 
ATOM   640 O  OE1 . GLU A 1 81  ? -5.938  -6.630  18.926  1.00 62.61 ? 1874 GLU A OE1 1 
ATOM   641 O  OE2 . GLU A 1 81  ? -6.988  -4.865  18.152  1.00 57.40 ? 1874 GLU A OE2 1 
ATOM   642 N  N   . ASP A 1 82  ? -2.817  -6.595  15.187  1.00 35.57 ? 1875 ASP A N   1 
ATOM   643 C  CA  . ASP A 1 82  ? -1.542  -7.077  14.679  1.00 30.68 ? 1875 ASP A CA  1 
ATOM   644 C  C   . ASP A 1 82  ? -1.570  -8.588  14.452  1.00 34.84 ? 1875 ASP A C   1 
ATOM   645 O  O   . ASP A 1 82  ? -0.889  -9.092  13.550  1.00 34.35 ? 1875 ASP A O   1 
ATOM   646 C  CB  . ASP A 1 82  ? -0.414  -6.689  15.646  1.00 29.93 ? 1875 ASP A CB  1 
ATOM   647 C  CG  . ASP A 1 82  ? -0.266  -5.176  15.808  1.00 32.20 ? 1875 ASP A CG  1 
ATOM   648 O  OD1 . ASP A 1 82  ? -0.210  -4.422  14.797  1.00 28.63 ? 1875 ASP A OD1 1 
ATOM   649 O  OD2 . ASP A 1 82  ? -0.197  -4.731  16.969  1.00 32.09 ? 1875 ASP A OD2 1 
ATOM   650 N  N   . ASP A 1 83  ? -2.364  -9.327  15.230  1.00 36.25 ? 1876 ASP A N   1 
ATOM   651 C  CA  . ASP A 1 83  ? -2.443  -10.779 15.065  1.00 40.03 ? 1876 ASP A CA  1 
ATOM   652 C  C   . ASP A 1 83  ? -3.622  -11.245 14.219  1.00 41.73 ? 1876 ASP A C   1 
ATOM   653 O  O   . ASP A 1 83  ? -3.778  -12.455 14.027  1.00 45.45 ? 1876 ASP A O   1 
ATOM   654 C  CB  . ASP A 1 83  ? -2.488  -11.483 16.422  1.00 37.55 ? 1876 ASP A CB  1 
ATOM   655 C  CG  . ASP A 1 83  ? -3.626  -11.023 17.291  1.00 40.66 ? 1876 ASP A CG  1 
ATOM   656 O  OD1 . ASP A 1 83  ? -4.536  -10.333 16.787  1.00 45.95 ? 1876 ASP A OD1 1 
ATOM   657 O  OD2 . ASP A 1 83  ? -3.600  -11.351 18.498  1.00 46.07 ? 1876 ASP A OD2 1 
ATOM   658 N  N   . SER A 1 84  ? -4.455  -10.337 13.709  1.00 38.38 ? 1877 SER A N   1 
ATOM   659 C  CA  . SER A 1 84  ? -5.427  -10.735 12.696  1.00 32.69 ? 1877 SER A CA  1 
ATOM   660 C  C   . SER A 1 84  ? -4.707  -11.159 11.414  1.00 38.39 ? 1877 SER A C   1 
ATOM   661 O  O   . SER A 1 84  ? -3.517  -10.884 11.215  1.00 37.47 ? 1877 SER A O   1 
ATOM   662 C  CB  . SER A 1 84  ? -6.396  -9.598  12.391  1.00 34.90 ? 1877 SER A CB  1 
ATOM   663 O  OG  . SER A 1 84  ? -5.742  -8.561  11.696  1.00 34.01 ? 1877 SER A OG  1 
ATOM   664 N  N   . GLU A 1 85  ? -5.446  -11.829 10.522  1.00 38.47 ? 1878 GLU A N   1 
ATOM   665 C  CA  . GLU A 1 85  ? -4.808  -12.327 9.312   1.00 42.10 ? 1878 GLU A CA  1 
ATOM   666 C  C   . GLU A 1 85  ? -4.506  -11.204 8.321   1.00 39.92 ? 1878 GLU A C   1 
ATOM   667 O  O   . GLU A 1 85  ? -3.522  -11.292 7.580   1.00 35.89 ? 1878 GLU A O   1 
ATOM   668 C  CB  . GLU A 1 85  ? -5.665  -13.428 8.686   1.00 46.41 ? 1878 GLU A CB  1 
ATOM   669 C  CG  . GLU A 1 85  ? -5.507  -14.744 9.450   1.00 57.44 ? 1878 GLU A CG  1 
ATOM   670 C  CD  . GLU A 1 85  ? -4.467  -15.697 8.837   1.00 54.68 ? 1878 GLU A CD  1 
ATOM   671 O  OE1 . GLU A 1 85  ? -3.660  -15.247 7.986   1.00 57.85 ? 1878 GLU A OE1 1 
ATOM   672 O  OE2 . GLU A 1 85  ? -4.432  -16.881 9.249   1.00 57.31 ? 1878 GLU A OE2 1 
ATOM   673 N  N   . VAL A 1 86  ? -5.312  -10.139 8.301   1.00 36.89 ? 1879 VAL A N   1 
ATOM   674 C  CA  . VAL A 1 86  ? -4.945  -8.966  7.513   1.00 31.69 ? 1879 VAL A CA  1 
ATOM   675 C  C   . VAL A 1 86  ? -3.756  -8.257  8.152   1.00 30.40 ? 1879 VAL A C   1 
ATOM   676 O  O   . VAL A 1 86  ? -2.766  -7.934  7.482   1.00 29.22 ? 1879 VAL A O   1 
ATOM   677 C  CB  . VAL A 1 86  ? -6.146  -8.018  7.352   1.00 38.02 ? 1879 VAL A CB  1 
ATOM   678 C  CG1 . VAL A 1 86  ? -5.691  -6.711  6.684   1.00 31.53 ? 1879 VAL A CG1 1 
ATOM   679 C  CG2 . VAL A 1 86  ? -7.261  -8.709  6.568   1.00 38.12 ? 1879 VAL A CG2 1 
ATOM   680 N  N   . GLY A 1 87  ? -3.826  -8.027  9.464   1.00 30.58 ? 1880 GLY A N   1 
ATOM   681 C  CA  . GLY A 1 87  ? -2.711  -7.393  10.152  1.00 30.05 ? 1880 GLY A CA  1 
ATOM   682 C  C   . GLY A 1 87  ? -1.400  -8.124  9.925   1.00 32.37 ? 1880 GLY A C   1 
ATOM   683 O  O   . GLY A 1 87  ? -0.377  -7.511  9.595   1.00 32.91 ? 1880 GLY A O   1 
ATOM   684 N  N   . LYS A 1 88  ? -1.417  -9.452  10.079  1.00 31.71 ? 1881 LYS A N   1 
ATOM   685 C  CA  . LYS A 1 88  ? -0.222  -10.256 9.827   1.00 33.34 ? 1881 LYS A CA  1 
ATOM   686 C  C   . LYS A 1 88  ? 0.320   -10.034 8.418   1.00 32.04 ? 1881 LYS A C   1 
ATOM   687 O  O   . LYS A 1 88  ? 1.533   -9.868  8.219   1.00 33.51 ? 1881 LYS A O   1 
ATOM   688 C  CB  . LYS A 1 88  ? -0.551  -11.727 10.058  1.00 33.97 ? 1881 LYS A CB  1 
ATOM   689 C  CG  . LYS A 1 88  ? -0.276  -12.181 11.478  1.00 35.78 ? 1881 LYS A CG  1 
ATOM   690 C  CD  . LYS A 1 88  ? -1.327  -13.134 11.945  1.00 43.39 ? 1881 LYS A CD  1 
ATOM   691 C  CE  . LYS A 1 88  ? -0.996  -14.559 11.571  1.00 42.96 ? 1881 LYS A CE  1 
ATOM   692 N  NZ  . LYS A 1 88  ? -2.216  -15.389 11.823  1.00 51.96 ? 1881 LYS A NZ  1 
ATOM   693 N  N   . ALA A 1 89  ? -0.577  -9.980  7.435   1.00 31.59 ? 1882 ALA A N   1 
ATOM   694 C  CA  . ALA A 1 89  ? -0.183  -9.704  6.059   1.00 30.84 ? 1882 ALA A CA  1 
ATOM   695 C  C   . ALA A 1 89  ? 0.352   -8.288  5.908   1.00 25.62 ? 1882 ALA A C   1 
ATOM   696 O  O   . ALA A 1 89  ? 1.280   -8.047  5.130   1.00 34.82 ? 1882 ALA A O   1 
ATOM   697 C  CB  . ALA A 1 89  ? -1.384  -9.940  5.123   1.00 30.16 ? 1882 ALA A CB  1 
ATOM   698 N  N   . GLY A 1 90  ? -0.222  -7.333  6.632   1.00 29.02 ? 1883 GLY A N   1 
ATOM   699 C  CA  . GLY A 1 90  ? 0.232   -5.962  6.497   1.00 28.98 ? 1883 GLY A CA  1 
ATOM   700 C  C   . GLY A 1 90  ? 1.642   -5.760  7.008   1.00 26.58 ? 1883 GLY A C   1 
ATOM   701 O  O   . GLY A 1 90  ? 2.422   -5.001  6.425   1.00 24.44 ? 1883 GLY A O   1 
ATOM   702 N  N   . HIS A 1 91  ? 1.985   -6.424  8.114   1.00 28.52 ? 1884 HIS A N   1 
ATOM   703 C  CA  . HIS A 1 91  ? 3.342   -6.315  8.650   1.00 28.63 ? 1884 HIS A CA  1 
ATOM   704 C  C   . HIS A 1 91  ? 4.356   -6.904  7.693   1.00 25.89 ? 1884 HIS A C   1 
ATOM   705 O  O   . HIS A 1 91  ? 5.411   -6.299  7.447   1.00 23.75 ? 1884 HIS A O   1 
ATOM   706 C  CB  . HIS A 1 91  ? 3.424   -7.011  9.999   1.00 28.56 ? 1884 HIS A CB  1 
ATOM   707 C  CG  . HIS A 1 91  ? 2.754   -6.248  11.099  1.00 25.73 ? 1884 HIS A CG  1 
ATOM   708 N  ND1 . HIS A 1 91  ? 3.021   -4.920  11.348  1.00 25.60 ? 1884 HIS A ND1 1 
ATOM   709 C  CD2 . HIS A 1 91  ? 1.828   -6.623  12.007  1.00 24.61 ? 1884 HIS A CD2 1 
ATOM   710 C  CE1 . HIS A 1 91  ? 2.312   -4.516  12.382  1.00 22.92 ? 1884 HIS A CE1 1 
ATOM   711 N  NE2 . HIS A 1 91  ? 1.569   -5.528  12.795  1.00 26.66 ? 1884 HIS A NE2 1 
ATOM   712 N  N   . ILE A 1 92  ? 4.040   -8.070  7.123   1.00 30.98 ? 1885 ILE A N   1 
ATOM   713 C  CA  . ILE A 1 92  ? 4.892   -8.661  6.097   1.00 31.50 ? 1885 ILE A CA  1 
ATOM   714 C  C   . ILE A 1 92  ? 5.021   -7.708  4.928   1.00 29.73 ? 1885 ILE A C   1 
ATOM   715 O  O   . ILE A 1 92  ? 6.122   -7.482  4.411   1.00 31.55 ? 1885 ILE A O   1 
ATOM   716 C  CB  . ILE A 1 92  ? 4.335   -10.022 5.640   1.00 32.32 ? 1885 ILE A CB  1 
ATOM   717 C  CG1 . ILE A 1 92  ? 4.503   -11.080 6.723   1.00 34.36 ? 1885 ILE A CG1 1 
ATOM   718 C  CG2 . ILE A 1 92  ? 5.018   -10.460 4.369   1.00 29.35 ? 1885 ILE A CG2 1 
ATOM   719 C  CD1 . ILE A 1 92  ? 3.739   -12.370 6.440   1.00 35.16 ? 1885 ILE A CD1 1 
ATOM   720 N  N   . MET A 1 93  ? 3.907   -7.099  4.515   1.00 27.93 ? 1886 MET A N   1 
ATOM   721 C  CA  . MET A 1 93  ? 3.973   -6.173  3.386   1.00 27.20 ? 1886 MET A CA  1 
ATOM   722 C  C   . MET A 1 93  ? 4.676   -4.873  3.767   1.00 29.69 ? 1886 MET A C   1 
ATOM   723 O  O   . MET A 1 93  ? 5.498   -4.357  2.999   1.00 32.48 ? 1886 MET A O   1 
ATOM   724 C  CB  . MET A 1 93  ? 2.568   -5.899  2.843   1.00 26.22 ? 1886 MET A CB  1 
ATOM   725 C  CG  . MET A 1 93  ? 1.953   -7.084  2.087   1.00 30.56 ? 1886 MET A CG  1 
ATOM   726 S  SD  . MET A 1 93  ? 3.073   -7.721  0.779   1.00 35.66 ? 1886 MET A SD  1 
ATOM   727 C  CE  . MET A 1 93  ? 3.340   -6.210  -0.168  1.00 22.41 ? 1886 MET A CE  1 
ATOM   728 N  N   . ARG A 1 94  ? 4.382   -4.331  4.949   1.00 30.12 ? 1887 ARG A N   1 
ATOM   729 C  CA  . ARG A 1 94  ? 5.073   -3.118  5.381   1.00 29.23 ? 1887 ARG A CA  1 
ATOM   730 C  C   . ARG A 1 94  ? 6.588   -3.337  5.416   1.00 29.49 ? 1887 ARG A C   1 
ATOM   731 O  O   . ARG A 1 94  ? 7.356   -2.542  4.864   1.00 31.04 ? 1887 ARG A O   1 
ATOM   732 C  CB  . ARG A 1 94  ? 4.538   -2.671  6.746   1.00 24.85 ? 1887 ARG A CB  1 
ATOM   733 C  CG  . ARG A 1 94  ? 5.028   -1.315  7.223   1.00 25.38 ? 1887 ARG A CG  1 
ATOM   734 C  CD  . ARG A 1 94  ? 4.505   -1.009  8.628   1.00 26.72 ? 1887 ARG A CD  1 
ATOM   735 N  NE  . ARG A 1 94  ? 4.576   -2.173  9.513   1.00 27.84 ? 1887 ARG A NE  1 
ATOM   736 C  CZ  . ARG A 1 94  ? 5.711   -2.635  10.034  1.00 27.14 ? 1887 ARG A CZ  1 
ATOM   737 N  NH1 . ARG A 1 94  ? 6.852   -2.031  9.756   1.00 27.18 ? 1887 ARG A NH1 1 
ATOM   738 N  NH2 . ARG A 1 94  ? 5.707   -3.696  10.816  1.00 24.84 ? 1887 ARG A NH2 1 
ATOM   739 N  N   . ARG A 1 95  ? 7.037   -4.426  6.042   1.00 27.21 ? 1888 ARG A N   1 
ATOM   740 C  CA  . ARG A 1 95  ? 8.477   -4.650  6.136   1.00 33.53 ? 1888 ARG A CA  1 
ATOM   741 C  C   . ARG A 1 95  ? 9.097   -4.825  4.753   1.00 35.98 ? 1888 ARG A C   1 
ATOM   742 O  O   . ARG A 1 95  ? 10.177  -4.288  4.480   1.00 37.40 ? 1888 ARG A O   1 
ATOM   743 C  CB  . ARG A 1 95  ? 8.772   -5.855  7.028   1.00 27.29 ? 1888 ARG A CB  1 
ATOM   744 C  CG  . ARG A 1 95  ? 8.784   -5.515  8.539   1.00 26.35 ? 1888 ARG A CG  1 
ATOM   745 C  CD  . ARG A 1 95  ? 9.232   -6.736  9.356   1.00 29.38 ? 1888 ARG A CD  1 
ATOM   746 N  NE  . ARG A 1 95  ? 8.365   -7.904  9.145   1.00 28.26 ? 1888 ARG A NE  1 
ATOM   747 C  CZ  . ARG A 1 95  ? 7.316   -8.218  9.910   1.00 31.09 ? 1888 ARG A CZ  1 
ATOM   748 N  NH1 . ARG A 1 95  ? 6.984   -7.460  10.957  1.00 29.07 ? 1888 ARG A NH1 1 
ATOM   749 N  NH2 . ARG A 1 95  ? 6.597   -9.307  9.641   1.00 30.86 ? 1888 ARG A NH2 1 
ATOM   750 N  N   . PHE A 1 96  ? 8.418   -5.558  3.864   1.00 36.32 ? 1889 PHE A N   1 
ATOM   751 C  CA  . PHE A 1 96  ? 8.882   -5.672  2.485   1.00 34.88 ? 1889 PHE A CA  1 
ATOM   752 C  C   . PHE A 1 96  ? 9.099   -4.304  1.858   1.00 37.63 ? 1889 PHE A C   1 
ATOM   753 O  O   . PHE A 1 96  ? 10.145  -4.054  1.255   1.00 41.70 ? 1889 PHE A O   1 
ATOM   754 C  CB  . PHE A 1 96  ? 7.892   -6.478  1.647   1.00 36.22 ? 1889 PHE A CB  1 
ATOM   755 C  CG  . PHE A 1 96  ? 8.368   -6.725  0.240   1.00 42.27 ? 1889 PHE A CG  1 
ATOM   756 C  CD1 . PHE A 1 96  ? 9.182   -7.813  -0.053  1.00 41.45 ? 1889 PHE A CD1 1 
ATOM   757 C  CD2 . PHE A 1 96  ? 8.014   -5.862  -0.791  1.00 40.58 ? 1889 PHE A CD2 1 
ATOM   758 C  CE1 . PHE A 1 96  ? 9.629   -8.040  -1.345  1.00 40.84 ? 1889 PHE A CE1 1 
ATOM   759 C  CE2 . PHE A 1 96  ? 8.461   -6.089  -2.081  1.00 42.25 ? 1889 PHE A CE2 1 
ATOM   760 C  CZ  . PHE A 1 96  ? 9.275   -7.179  -2.355  1.00 41.20 ? 1889 PHE A CZ  1 
ATOM   761 N  N   . PHE A 1 97  ? 8.120   -3.397  1.999   1.00 36.99 ? 1890 PHE A N   1 
ATOM   762 C  CA  . PHE A 1 97  ? 8.207   -2.123  1.294   1.00 38.32 ? 1890 PHE A CA  1 
ATOM   763 C  C   . PHE A 1 97  ? 9.372   -1.294  1.795   1.00 40.38 ? 1890 PHE A C   1 
ATOM   764 O  O   . PHE A 1 97  ? 10.063  -0.640  1.007   1.00 40.36 ? 1890 PHE A O   1 
ATOM   765 C  CB  . PHE A 1 97  ? 6.928   -1.296  1.431   1.00 30.29 ? 1890 PHE A CB  1 
ATOM   766 C  CG  . PHE A 1 97  ? 7.126   0.134   1.005   1.00 33.78 ? 1890 PHE A CG  1 
ATOM   767 C  CD1 . PHE A 1 97  ? 7.163   0.465   -0.345  1.00 38.34 ? 1890 PHE A CD1 1 
ATOM   768 C  CD2 . PHE A 1 97  ? 7.343   1.133   1.932   1.00 36.21 ? 1890 PHE A CD2 1 
ATOM   769 C  CE1 . PHE A 1 97  ? 7.382   1.762   -0.758  1.00 38.09 ? 1890 PHE A CE1 1 
ATOM   770 C  CE2 . PHE A 1 97  ? 7.570   2.438   1.524   1.00 39.16 ? 1890 PHE A CE2 1 
ATOM   771 C  CZ  . PHE A 1 97  ? 7.581   2.754   0.175   1.00 38.67 ? 1890 PHE A CZ  1 
ATOM   772 N  N   . GLU A 1 98  ? 9.569   -1.259  3.106   1.00 42.53 ? 1891 GLU A N   1 
ATOM   773 C  CA  . GLU A 1 98  ? 10.640  -0.444  3.652   1.00 47.94 ? 1891 GLU A CA  1 
ATOM   774 C  C   . GLU A 1 98  ? 11.992  -1.019  3.276   1.00 47.58 ? 1891 GLU A C   1 
ATOM   775 O  O   . GLU A 1 98  ? 12.893  -0.282  2.871   1.00 54.47 ? 1891 GLU A O   1 
ATOM   776 C  CB  . GLU A 1 98  ? 10.477  -0.333  5.166   1.00 49.94 ? 1891 GLU A CB  1 
ATOM   777 C  CG  . GLU A 1 98  ? 9.285   0.531   5.539   1.00 46.32 ? 1891 GLU A CG  1 
ATOM   778 C  CD  . GLU A 1 98  ? 9.159   0.756   7.031   1.00 55.24 ? 1891 GLU A CD  1 
ATOM   779 O  OE1 . GLU A 1 98  ? 9.868   0.065   7.803   1.00 57.52 ? 1891 GLU A OE1 1 
ATOM   780 O  OE2 . GLU A 1 98  ? 8.356   1.631   7.426   1.00 57.44 ? 1891 GLU A OE2 1 
ATOM   781 N  N   . SER A 1 99  ? 12.129  -2.335  3.346   1.00 42.00 ? 1892 SER A N   1 
ATOM   782 C  CA  . SER A 1 99  ? 13.404  -2.954  3.016   1.00 51.57 ? 1892 SER A CA  1 
ATOM   783 C  C   . SER A 1 99  ? 13.755  -2.775  1.536   1.00 52.97 ? 1892 SER A C   1 
ATOM   784 O  O   . SER A 1 99  ? 14.926  -2.556  1.194   1.00 52.94 ? 1892 SER A O   1 
ATOM   785 C  CB  . SER A 1 99  ? 13.364  -4.428  3.428   1.00 47.84 ? 1892 SER A CB  1 
ATOM   786 O  OG  . SER A 1 99  ? 12.944  -5.279  2.375   1.00 55.40 ? 1892 SER A OG  1 
ATOM   787 N  N   . ARG A 1 100 ? 12.763  -2.860  0.641   1.00 48.32 ? 1893 ARG A N   1 
ATOM   788 C  CA  . ARG A 1 100 ? 13.027  -2.602  -0.774  1.00 48.73 ? 1893 ARG A CA  1 
ATOM   789 C  C   . ARG A 1 100 ? 13.291  -1.125  -1.011  1.00 51.45 ? 1893 ARG A C   1 
ATOM   790 O  O   . ARG A 1 100 ? 14.128  -0.759  -1.838  1.00 57.94 ? 1893 ARG A O   1 
ATOM   791 C  CB  . ARG A 1 100 ? 11.853  -3.057  -1.644  1.00 46.83 ? 1893 ARG A CB  1 
ATOM   792 C  CG  . ARG A 1 100 ? 11.776  -4.544  -1.950  1.00 52.01 ? 1893 ARG A CG  1 
ATOM   793 C  CD  . ARG A 1 100 ? 13.093  -5.094  -2.501  1.00 56.37 ? 1893 ARG A CD  1 
ATOM   794 N  NE  . ARG A 1 100 ? 13.140  -5.097  -3.958  1.00 54.57 ? 1893 ARG A NE  1 
ATOM   795 C  CZ  . ARG A 1 100 ? 14.068  -4.477  -4.677  1.00 59.87 ? 1893 ARG A CZ  1 
ATOM   796 N  NH1 . ARG A 1 100 ? 14.027  -4.530  -6.002  1.00 57.74 ? 1893 ARG A NH1 1 
ATOM   797 N  NH2 . ARG A 1 100 ? 15.044  -3.810  -4.073  1.00 63.69 ? 1893 ARG A NH2 1 
ATOM   798 N  N   . TRP A 1 101 ? 12.579  -0.263  -0.298  1.00 52.23 ? 1894 TRP A N   1 
ATOM   799 C  CA  . TRP A 1 101 ? 12.728  1.168   -0.520  1.00 53.58 ? 1894 TRP A CA  1 
ATOM   800 C  C   . TRP A 1 101 ? 14.119  1.634   -0.125  1.00 59.92 ? 1894 TRP A C   1 
ATOM   801 O  O   . TRP A 1 101 ? 14.698  2.504   -0.783  1.00 66.38 ? 1894 TRP A O   1 
ATOM   802 C  CB  . TRP A 1 101 ? 11.655  1.925   0.261   1.00 53.68 ? 1894 TRP A CB  1 
ATOM   803 C  CG  . TRP A 1 101 ? 11.700  3.409   0.099   1.00 58.12 ? 1894 TRP A CG  1 
ATOM   804 C  CD1 . TRP A 1 101 ? 12.325  4.304   0.917   1.00 60.62 ? 1894 TRP A CD1 1 
ATOM   805 C  CD2 . TRP A 1 101 ? 11.079  4.177   -0.940  1.00 52.77 ? 1894 TRP A CD2 1 
ATOM   806 N  NE1 . TRP A 1 101 ? 12.128  5.584   0.456   1.00 65.52 ? 1894 TRP A NE1 1 
ATOM   807 C  CE2 . TRP A 1 101 ? 11.371  5.535   -0.685  1.00 57.36 ? 1894 TRP A CE2 1 
ATOM   808 C  CE3 . TRP A 1 101 ? 10.315  3.849   -2.064  1.00 54.86 ? 1894 TRP A CE3 1 
ATOM   809 C  CZ2 . TRP A 1 101 ? 10.922  6.565   -1.506  1.00 55.79 ? 1894 TRP A CZ2 1 
ATOM   810 C  CZ3 . TRP A 1 101 ? 9.869   4.878   -2.887  1.00 58.58 ? 1894 TRP A CZ3 1 
ATOM   811 C  CH2 . TRP A 1 101 ? 10.175  6.219   -2.600  1.00 57.65 ? 1894 TRP A CH2 1 
ATOM   812 N  N   . GLU A 1 102 ? 14.665  1.075   0.951   1.00 57.54 ? 1895 GLU A N   1 
ATOM   813 C  CA  . GLU A 1 102 ? 16.000  1.443   1.394   1.00 64.79 ? 1895 GLU A CA  1 
ATOM   814 C  C   . GLU A 1 102 ? 17.072  0.863   0.487   1.00 66.56 ? 1895 GLU A C   1 
ATOM   815 O  O   . GLU A 1 102 ? 18.166  1.425   0.398   1.00 65.85 ? 1895 GLU A O   1 
ATOM   816 C  CB  . GLU A 1 102 ? 16.206  0.983   2.840   1.00 62.26 ? 1895 GLU A CB  1 
ATOM   817 C  CG  . GLU A 1 102 ? 15.174  1.552   3.821   1.00 65.94 ? 1895 GLU A CG  1 
ATOM   818 C  CD  . GLU A 1 102 ? 15.352  1.024   5.242   1.00 79.77 ? 1895 GLU A CD  1 
ATOM   819 O  OE1 . GLU A 1 102 ? 14.955  1.728   6.201   1.00 80.62 ? 1895 GLU A OE1 1 
ATOM   820 O  OE2 . GLU A 1 102 ? 15.892  -0.104  5.391   1.00 79.04 ? 1895 GLU A OE2 1 
ATOM   821 N  N   . GLU A 1 103 ? 16.770  -0.233  -0.205  1.00 65.12 ? 1896 GLU A N   1 
ATOM   822 C  CA  . GLU A 1 103 ? 17.701  -0.820  -1.157  1.00 64.63 ? 1896 GLU A CA  1 
ATOM   823 C  C   . GLU A 1 103 ? 17.926  0.053   -2.386  1.00 69.53 ? 1896 GLU A C   1 
ATOM   824 O  O   . GLU A 1 103 ? 18.816  -0.254  -3.191  1.00 76.89 ? 1896 GLU A O   1 
ATOM   825 C  CB  . GLU A 1 103 ? 17.200  -2.195  -1.594  1.00 64.70 ? 1896 GLU A CB  1 
ATOM   826 C  CG  . GLU A 1 103 ? 18.291  -3.133  -2.044  1.00 68.90 ? 1896 GLU A CG  1 
ATOM   827 C  CD  . GLU A 1 103 ? 17.969  -4.563  -1.697  1.00 76.72 ? 1896 GLU A CD  1 
ATOM   828 O  OE1 . GLU A 1 103 ? 17.031  -4.762  -0.886  1.00 71.63 ? 1896 GLU A OE1 1 
ATOM   829 O  OE2 . GLU A 1 103 ? 18.648  -5.478  -2.224  1.00 74.86 ? 1896 GLU A OE2 1 
ATOM   830 N  N   . PHE A 1 104 ? 17.144  1.117   -2.562  1.00 68.41 ? 1897 PHE A N   1 
ATOM   831 C  CA  . PHE A 1 104 ? 17.394  2.104   -3.605  1.00 72.08 ? 1897 PHE A CA  1 
ATOM   832 C  C   . PHE A 1 104 ? 17.870  3.429   -3.032  1.00 76.35 ? 1897 PHE A C   1 
ATOM   833 O  O   . PHE A 1 104 ? 18.827  4.022   -3.548  1.00 78.34 ? 1897 PHE A O   1 
ATOM   834 C  CB  . PHE A 1 104 ? 16.132  2.328   -4.450  1.00 69.61 ? 1897 PHE A CB  1 
ATOM   835 C  CG  . PHE A 1 104 ? 15.523  1.062   -4.994  1.00 74.00 ? 1897 PHE A CG  1 
ATOM   836 C  CD1 . PHE A 1 104 ? 16.319  0.021   -5.449  1.00 75.30 ? 1897 PHE A CD1 1 
ATOM   837 C  CD2 . PHE A 1 104 ? 14.145  0.916   -5.051  1.00 73.98 ? 1897 PHE A CD2 1 
ATOM   838 C  CE1 . PHE A 1 104 ? 15.750  -1.142  -5.954  1.00 75.70 ? 1897 PHE A CE1 1 
ATOM   839 C  CE2 . PHE A 1 104 ? 13.571  -0.244  -5.551  1.00 71.88 ? 1897 PHE A CE2 1 
ATOM   840 C  CZ  . PHE A 1 104 ? 14.372  -1.271  -6.002  1.00 71.01 ? 1897 PHE A CZ  1 
ATOM   841 N  N   . TYR A 1 105 ? 17.244  3.887   -1.951  1.00 73.53 ? 1898 TYR A N   1 
ATOM   842 C  CA  . TYR A 1 105 ? 17.515  5.198   -1.367  1.00 70.97 ? 1898 TYR A CA  1 
ATOM   843 C  C   . TYR A 1 105 ? 18.323  5.076   -0.080  1.00 72.94 ? 1898 TYR A C   1 
ATOM   844 O  O   . TYR A 1 105 ? 19.505  4.720   -0.101  1.00 79.00 ? 1898 TYR A O   1 
ATOM   845 C  CB  . TYR A 1 105 ? 16.200  5.937   -1.102  1.00 68.44 ? 1898 TYR A CB  1 
ATOM   846 C  CG  . TYR A 1 105 ? 15.348  6.100   -2.345  1.00 74.73 ? 1898 TYR A CG  1 
ATOM   847 C  CD1 . TYR A 1 105 ? 15.212  7.341   -2.955  1.00 77.98 ? 1898 TYR A CD1 1 
ATOM   848 C  CD2 . TYR A 1 105 ? 14.686  5.015   -2.919  1.00 69.77 ? 1898 TYR A CD2 1 
ATOM   849 C  CE1 . TYR A 1 105 ? 14.445  7.498   -4.101  1.00 72.88 ? 1898 TYR A CE1 1 
ATOM   850 C  CE2 . TYR A 1 105 ? 13.922  5.163   -4.065  1.00 68.26 ? 1898 TYR A CE2 1 
ATOM   851 C  CZ  . TYR A 1 105 ? 13.805  6.408   -4.650  1.00 70.85 ? 1898 TYR A CZ  1 
ATOM   852 O  OH  . TYR A 1 105 ? 13.044  6.561   -5.784  1.00 74.06 ? 1898 TYR A OH  1 
HETATM 853 C  C20 . 9ST B 2 .   ? -9.555  -10.550 -0.643  0.72 47.96 ? 1901 9ST A C20 1 
HETATM 854 C  C22 . 9ST B 2 .   ? -9.341  -11.921 -0.719  0.72 49.32 ? 1901 9ST A C22 1 
HETATM 855 C  C24 . 9ST B 2 .   ? -10.087 -12.791 0.061   0.72 49.72 ? 1901 9ST A C24 1 
HETATM 856 C  C26 . 9ST B 2 .   ? -11.052 -12.293 0.923   0.72 49.58 ? 1901 9ST A C26 1 
HETATM 857 C  C28 . 9ST B 2 .   ? -11.269 -10.924 0.997   0.72 46.09 ? 1901 9ST A C28 1 
HETATM 858 C  C01 . 9ST B 2 .   ? -10.660 -5.708  -1.800  0.72 41.30 ? 1901 9ST A C01 1 
HETATM 859 N  N05 . 9ST B 2 .   ? -10.105 -6.395  -0.970  0.72 45.06 ? 1901 9ST A N05 1 
HETATM 860 C  C06 . 9ST B 2 .   ? -10.234 -5.729  0.293   0.72 42.23 ? 1901 9ST A C06 1 
HETATM 861 C  C09 . 9ST B 2 .   ? -10.117 -6.633  1.560   0.72 46.74 ? 1901 9ST A C09 1 
HETATM 862 C  C11 . 9ST B 2 .   ? -9.817  -8.011  1.239   0.72 41.86 ? 1901 9ST A C11 1 
HETATM 863 C  C14 . 9ST B 2 .   ? -10.774 -8.492  0.316   0.72 44.40 ? 1901 9ST A C14 1 
HETATM 864 C  C16 . 9ST B 2 .   ? -10.629 -7.757  -1.053  0.72 45.43 ? 1901 9ST A C16 1 
HETATM 865 C  C19 . 9ST B 2 .   ? -10.529 -10.054 0.208   0.72 47.61 ? 1901 9ST A C19 1 
HETATM 866 N  N30 . 9ST B 2 .   ? -9.034  -6.141  2.463   0.72 45.66 ? 1901 9ST A N30 1 
HETATM 867 C  C32 . 9ST B 2 .   ? -9.406  -5.827  3.823   0.72 43.42 ? 1901 9ST A C32 1 
HETATM 868 C  C33 . 9ST B 2 .   ? -10.613 -6.474  4.409   0.72 47.96 ? 1901 9ST A C33 1 
HETATM 869 N  N35 . 9ST B 2 .   ? -10.993 -6.141  5.789   0.72 42.79 ? 1901 9ST A N35 1 
HETATM 870 N  N36 . 9ST B 2 .   ? -10.205 -5.197  6.561   0.72 33.14 ? 1901 9ST A N36 1 
HETATM 871 C  C37 . 9ST B 2 .   ? -10.650 -4.936  7.892   0.72 35.12 ? 1901 9ST A C37 1 
HETATM 872 C  C41 . 9ST B 2 .   ? -9.018  -4.526  6.005   0.72 39.61 ? 1901 9ST A C41 1 
HETATM 873 O  O42 . 9ST B 2 .   ? -8.377  -3.748  6.634   0.72 35.25 ? 1901 9ST A O42 1 
HETATM 874 C  C43 . 9ST B 2 .   ? -8.619  -4.871  4.606   0.72 47.38 ? 1901 9ST A C43 1 
HETATM 875 BR BR  . 9ST B 2 .   ? -7.062  -4.052  3.807   0.72 66.88 ? 1901 9ST A BR  1 
HETATM 876 O  O   . HOH C 3 .   ? 11.105  -1.704  8.680   1.00 49.80 ? 2001 HOH A O   1 
HETATM 877 O  O   . HOH C 3 .   ? -8.366  2.276   -1.362  1.00 40.94 ? 2002 HOH A O   1 
HETATM 878 O  O   . HOH C 3 .   ? -2.277  -2.796  -8.826  1.00 36.97 ? 2003 HOH A O   1 
HETATM 879 O  O   . HOH C 3 .   ? -7.433  1.248   3.113   1.00 37.90 ? 2004 HOH A O   1 
HETATM 880 O  O   . HOH C 3 .   ? -5.889  -3.285  19.656  1.00 57.75 ? 2005 HOH A O   1 
HETATM 881 O  O   . HOH C 3 .   ? 0.190   7.681   6.488   1.00 45.68 ? 2006 HOH A O   1 
HETATM 882 O  O   . HOH C 3 .   ? -0.397  -5.786  19.236  1.00 30.41 ? 2007 HOH A O   1 
HETATM 883 O  O   . HOH C 3 .   ? -17.650 6.460   1.282   1.00 42.41 ? 2008 HOH A O   1 
HETATM 884 O  O   . HOH C 3 .   ? -7.660  -6.522  -1.736  1.00 43.92 ? 2009 HOH A O   1 
HETATM 885 O  O   . HOH C 3 .   ? -5.843  -0.845  1.935   1.00 36.95 ? 2010 HOH A O   1 
HETATM 886 O  O   . HOH C 3 .   ? 12.192  1.050   8.454   1.00 61.30 ? 2011 HOH A O   1 
HETATM 887 O  O   . HOH C 3 .   ? -0.279  -10.621 -5.090  1.00 38.95 ? 2012 HOH A O   1 
HETATM 888 O  O   . HOH C 3 .   ? -7.408  -2.847  0.586   1.00 37.51 ? 2013 HOH A O   1 
HETATM 889 O  O   . HOH C 3 .   ? 8.475   -8.728  4.427   1.00 28.94 ? 2014 HOH A O   1 
HETATM 890 O  O   . HOH C 3 .   ? -15.714 -4.561  11.188  1.00 50.30 ? 2015 HOH A O   1 
HETATM 891 O  O   . HOH C 3 .   ? 1.811   8.563   4.437   1.00 42.85 ? 2016 HOH A O   1 
HETATM 892 O  O   . HOH C 3 .   ? -4.798  -1.071  4.315   1.00 26.02 ? 2017 HOH A O   1 
HETATM 893 O  O   . HOH C 3 .   ? 5.617   -2.085  -12.589 1.00 45.40 ? 2018 HOH A O   1 
HETATM 894 O  O   . HOH C 3 .   ? -7.013  -1.280  6.251   1.00 36.20 ? 2019 HOH A O   1 
HETATM 895 O  O   . HOH C 3 .   ? -9.099  -7.729  11.010  1.00 39.02 ? 2020 HOH A O   1 
HETATM 896 O  O   . HOH C 3 .   ? -11.715 1.863   0.602   1.00 37.05 ? 2021 HOH A O   1 
HETATM 897 O  O   . HOH C 3 .   ? -7.654  7.245   9.251   1.00 50.12 ? 2022 HOH A O   1 
HETATM 898 O  O   . HOH C 3 .   ? -0.326  -4.651  9.837   1.00 29.58 ? 2023 HOH A O   1 
HETATM 899 O  O   . HOH C 3 .   ? 3.009   2.242   7.611   1.00 37.73 ? 2024 HOH A O   1 
HETATM 900 O  O   . HOH C 3 .   ? -6.472  7.381   7.034   1.00 33.65 ? 2025 HOH A O   1 
HETATM 901 O  O   . HOH C 3 .   ? -2.083  -4.563  12.425  1.00 35.04 ? 2026 HOH A O   1 
HETATM 902 O  O   . HOH C 3 .   ? -17.802 0.992   6.669   1.00 36.74 ? 2027 HOH A O   1 
HETATM 903 O  O   . HOH C 3 .   ? -15.963 -5.072  -3.713  1.00 50.82 ? 2028 HOH A O   1 
HETATM 904 O  O   . HOH C 3 .   ? 3.961   1.571   11.261  1.00 32.29 ? 2029 HOH A O   1 
HETATM 905 O  O   . HOH C 3 .   ? 5.674   -13.530 -1.926  1.00 39.83 ? 2030 HOH A O   1 
HETATM 906 O  O   . HOH C 3 .   ? -20.674 -3.408  -2.907  1.00 38.64 ? 2031 HOH A O   1 
HETATM 907 O  O   . HOH C 3 .   ? 9.269   -9.940  7.174   1.00 22.71 ? 2032 HOH A O   1 
HETATM 908 O  O   . HOH C 3 .   ? -18.653 0.264   -2.549  1.00 45.29 ? 2033 HOH A O   1 
HETATM 909 O  O   . HOH C 3 .   ? -3.851  -4.371  -7.893  1.00 48.66 ? 2034 HOH A O   1 
HETATM 910 O  O   . HOH C 3 .   ? 5.768   2.636   8.617   1.00 50.88 ? 2035 HOH A O   1 
HETATM 911 O  O   . HOH C 3 .   ? -3.007  12.528  -9.491  1.00 51.22 ? 2036 HOH A O   1 
HETATM 912 O  O   . HOH C 3 .   ? -1.705  -8.977  -8.704  1.00 40.65 ? 2037 HOH A O   1 
HETATM 913 O  O   . HOH C 3 .   ? -9.035  1.094   0.603   1.00 35.64 ? 2038 HOH A O   1 
HETATM 914 O  O   . HOH C 3 .   ? -13.469 -5.448  0.840   1.00 32.82 ? 2039 HOH A O   1 
HETATM 915 O  O   . HOH C 3 .   ? -17.931 5.232   -0.730  1.00 56.40 ? 2040 HOH A O   1 
HETATM 916 O  O   . HOH C 3 .   ? 8.892   -10.923 2.131   1.00 35.04 ? 2041 HOH A O   1 
HETATM 917 O  O   . HOH C 3 .   ? -14.060 8.194   5.282   1.00 48.11 ? 2042 HOH A O   1 
HETATM 918 O  O   . HOH C 3 .   ? -1.029  -4.255  -12.423 1.00 45.93 ? 2043 HOH A O   1 
HETATM 919 O  O   . HOH C 3 .   ? 1.537   -3.195  8.835   1.00 28.34 ? 2044 HOH A O   1 
HETATM 920 O  O   . HOH C 3 .   ? -1.077  3.230   12.114  1.00 35.59 ? 2045 HOH A O   1 
HETATM 921 O  O   . HOH C 3 .   ? -18.315 2.863   8.860   1.00 36.28 ? 2046 HOH A O   1 
HETATM 922 O  O   . HOH C 3 .   ? -12.330 3.411   -1.194  1.00 51.51 ? 2047 HOH A O   1 
HETATM 923 O  O   . HOH C 3 .   ? -8.477  6.616   -2.414  1.00 46.21 ? 2048 HOH A O   1 
HETATM 924 O  O   . HOH C 3 .   ? -8.853  -7.600  13.705  1.00 36.75 ? 2049 HOH A O   1 
HETATM 925 O  O   . HOH C 3 .   ? -8.290  -10.084 9.722   1.00 40.91 ? 2050 HOH A O   1 
HETATM 926 O  O   . HOH C 3 .   ? -13.257 7.608   2.761   1.00 51.75 ? 2051 HOH A O   1 
HETATM 927 O  O   . HOH C 3 .   ? -25.793 2.551   -5.497  1.00 56.24 ? 2052 HOH A O   1 
HETATM 928 O  O   . HOH C 3 .   ? 6.908   -15.597 -1.351  1.00 53.44 ? 2053 HOH A O   1 
HETATM 929 O  O   . HOH C 3 .   ? 5.919   -14.109 -4.289  1.00 51.92 ? 2054 HOH A O   1 
HETATM 930 O  O   . HOH C 3 .   ? -2.181  -11.806 -3.572  1.00 39.59 ? 2055 HOH A O   1 
HETATM 931 O  O   . HOH C 3 .   ? 4.263   6.258   9.295   1.00 50.41 ? 2056 HOH A O   1 
HETATM 932 O  O   . HOH C 3 .   ? 8.040   -11.978 7.540   1.00 42.57 ? 2057 HOH A O   1 
HETATM 933 O  O   . HOH C 3 .   ? -9.805  4.482   -3.024  1.00 40.40 ? 2058 HOH A O   1 
HETATM 934 O  O   . HOH C 3 .   ? 9.998   7.335   3.583   1.00 60.43 ? 2059 HOH A O   1 
HETATM 935 O  O   . HOH C 3 .   ? 9.673   4.614   4.030   1.00 51.74 ? 2060 HOH A O   1 
HETATM 936 O  O   . HOH C 3 .   ? -4.518  -2.538  -10.797 1.00 48.34 ? 2061 HOH A O   1 
HETATM 937 O  O   . HOH C 3 .   ? -20.491 4.568   8.171   1.00 43.31 ? 2062 HOH A O   1 
# 
